data_4OJP
#
_entry.id   4OJP
#
_cell.length_a   123.439
_cell.length_b   147.984
_cell.length_c   171.038
_cell.angle_alpha   90.00
_cell.angle_beta   90.00
_cell.angle_gamma   90.00
#
_symmetry.space_group_name_H-M   'P 21 21 21'
#
loop_
_entity.id
_entity.type
_entity.pdbx_description
1 polymer 'Tailspike protein'
2 branched alpha-D-glucopyranose-(1-4)-alpha-D-glucopyranose
3 non-polymer 'ZINC ION'
4 water water
#
_entity_poly.entity_id   1
_entity_poly.type   'polypeptide(L)'
_entity_poly.pdbx_seq_one_letter_code
;MNEMFSQGGKGSTGILTNKQAVARHFGVKQSEVVYFSVGVDLGGYKVIYDKETQRAYSLPVGIASGTTAVSLSTAAVLVH
SAGSVDLGSLAVSREEYVTLPGSFDSGSTLNVKNELLTYTDGKYRWDGILPKTVAPGSTPASTGGVGLGAWISVGDASLR
TQLANGDGSLIGIHPQGTLNNVLTVRTPEQYNAVGDGIADDTSKLKEMLSDINNVPETLPDAAAVNSYMEQVAVKIDLTK
LYRFTETLYIPPGVSIEIPTSNFFTRECKQGLFYDPVDKNTAAISLMVYRKQPDGSYKLNKDVDYYPTGLDIDNGDAITC
ARKIDINNLNLITAPGVKVGVKWIGGAGCTTKGLSIGENTGSDITTARLPRVGLLQSASWGSIHENLRILYKTQGAVFID
SNGGAAVNNAYISRLGNTNGELEQAVYKPAGFTEVGDVAVTQFAGSEVKFNSPIIEQASFDFVHAGRDTDSYGLFMVDKP
HIESSGGKKKHSFYLINTSSNVTLSGVGLSGQDPDLDSMYFLKNCPETARNVVRGQMPISGVKLVRGTGNYPTLVLDCTN
MGSQFQFGEVGDIFYIKDVVGVKADTLYIDPVNGNNYNWGTNGTKPIRELTNIAKICQLFRCKSVYLNAGESVITSNTEL
PMVVFEGPGSLKANSGSSFLIKAGGTLSLIGLSGISTDGGHMFRVSTVEKVNIHTNCSVNAGAAYVVLSEVQGNIEYRQL
FYSVNCSKYIGATAGQTIAGIMVKTATRPTGIDAAPVDGNVSLTYKIIESHHHHHH
;
_entity_poly.pdbx_strand_id   A,B,C
#
loop_
_chem_comp.id
_chem_comp.type
_chem_comp.name
_chem_comp.formula
GLC D-saccharide, alpha linking alpha-D-glucopyranose 'C6 H12 O6'
ZN non-polymer 'ZINC ION' 'Zn 2'
#
# COMPACT_ATOMS: atom_id res chain seq x y z
N SER A 12 -69.41 50.32 32.52
CA SER A 12 -69.27 51.31 33.59
C SER A 12 -67.86 51.23 34.15
N THR A 13 -67.75 50.88 35.42
CA THR A 13 -66.46 50.70 36.06
C THR A 13 -65.99 49.33 35.57
N GLY A 14 -66.98 48.48 35.29
CA GLY A 14 -66.75 47.13 34.80
C GLY A 14 -65.95 47.12 33.50
N ILE A 15 -66.23 48.10 32.64
CA ILE A 15 -65.50 48.24 31.38
C ILE A 15 -64.10 48.72 31.70
N LEU A 16 -64.01 49.74 32.56
CA LEU A 16 -62.72 50.31 32.93
C LEU A 16 -61.78 49.35 33.66
N THR A 17 -62.31 48.56 34.59
CA THR A 17 -61.46 47.61 35.31
C THR A 17 -61.02 46.48 34.38
N ASN A 18 -61.88 46.10 33.45
CA ASN A 18 -61.49 45.05 32.50
C ASN A 18 -60.40 45.58 31.58
N LYS A 19 -60.52 46.85 31.18
CA LYS A 19 -59.51 47.46 30.32
C LYS A 19 -58.18 47.48 31.07
N GLN A 20 -58.27 47.61 32.40
CA GLN A 20 -57.09 47.64 33.25
C GLN A 20 -56.46 46.24 33.32
N ALA A 21 -57.30 45.22 33.48
CA ALA A 21 -56.79 43.85 33.55
C ALA A 21 -56.13 43.46 32.23
N VAL A 22 -56.76 43.87 31.12
CA VAL A 22 -56.22 43.59 29.79
C VAL A 22 -54.89 44.30 29.57
N ALA A 23 -54.84 45.58 29.91
CA ALA A 23 -53.62 46.38 29.76
C ALA A 23 -52.45 45.80 30.55
N ARG A 24 -52.68 45.44 31.80
CA ARG A 24 -51.62 44.87 32.63
C ARG A 24 -51.12 43.56 32.04
N HIS A 25 -52.03 42.82 31.42
CA HIS A 25 -51.66 41.55 30.80
C HIS A 25 -50.72 41.77 29.61
N PHE A 26 -51.04 42.75 28.77
CA PHE A 26 -50.24 43.03 27.59
C PHE A 26 -49.12 44.01 27.82
N GLY A 27 -49.12 44.67 28.97
CA GLY A 27 -48.10 45.65 29.28
C GLY A 27 -48.31 47.01 28.63
N VAL A 28 -49.54 47.31 28.22
CA VAL A 28 -49.85 48.60 27.60
C VAL A 28 -50.63 49.52 28.55
N LYS A 29 -50.94 50.73 28.09
CA LYS A 29 -51.70 51.67 28.90
C LYS A 29 -53.19 51.37 28.80
N GLN A 30 -53.90 51.58 29.91
CA GLN A 30 -55.33 51.32 30.00
C GLN A 30 -56.08 51.92 28.82
N SER A 31 -55.75 53.17 28.52
CA SER A 31 -56.38 53.89 27.42
C SER A 31 -56.15 53.24 26.06
N GLU A 32 -55.09 52.45 25.93
CA GLU A 32 -54.77 51.80 24.66
C GLU A 32 -55.58 50.53 24.38
N VAL A 33 -56.62 50.30 25.18
CA VAL A 33 -57.48 49.14 25.01
C VAL A 33 -58.87 49.61 24.52
N VAL A 34 -59.38 48.96 23.47
CA VAL A 34 -60.69 49.32 22.93
C VAL A 34 -61.60 48.10 22.76
N TYR A 35 -62.85 48.23 23.19
CA TYR A 35 -63.81 47.13 23.03
C TYR A 35 -64.27 47.17 21.59
N PHE A 36 -64.53 46.01 21.02
CA PHE A 36 -65.01 46.01 19.66
C PHE A 36 -66.50 46.31 19.63
N SER A 37 -66.91 47.13 18.67
CA SER A 37 -68.31 47.45 18.43
C SER A 37 -68.34 47.95 17.02
N VAL A 38 -69.39 47.59 16.28
CA VAL A 38 -69.53 48.04 14.91
C VAL A 38 -69.47 49.56 14.88
N GLY A 39 -68.48 50.13 14.19
CA GLY A 39 -68.36 51.57 14.11
C GLY A 39 -67.36 52.27 15.01
N VAL A 40 -66.84 51.58 16.03
CA VAL A 40 -65.87 52.19 16.94
C VAL A 40 -64.59 52.63 16.19
N ASP A 41 -64.06 53.79 16.57
CA ASP A 41 -62.84 54.31 15.98
C ASP A 41 -61.66 53.51 16.55
N LEU A 42 -60.93 52.85 15.66
CA LEU A 42 -59.80 52.01 16.05
C LEU A 42 -58.44 52.70 16.15
N GLY A 43 -58.32 53.88 15.55
CA GLY A 43 -57.05 54.60 15.56
C GLY A 43 -56.37 54.76 16.90
N GLY A 44 -55.04 54.59 16.94
CA GLY A 44 -54.27 54.76 18.16
C GLY A 44 -54.30 53.67 19.22
N TYR A 45 -55.27 52.77 19.15
CA TYR A 45 -55.36 51.68 20.11
C TYR A 45 -54.33 50.58 19.85
N LYS A 46 -53.86 49.93 20.91
CA LYS A 46 -52.85 48.86 20.79
C LYS A 46 -53.44 47.47 20.95
N VAL A 47 -54.53 47.39 21.71
CA VAL A 47 -55.21 46.12 22.00
C VAL A 47 -56.73 46.30 21.82
N ILE A 48 -57.38 45.25 21.34
CA ILE A 48 -58.82 45.25 21.13
C ILE A 48 -59.43 44.10 21.91
N TYR A 49 -60.60 44.32 22.49
CA TYR A 49 -61.26 43.29 23.27
C TYR A 49 -62.64 42.95 22.71
N ASP A 50 -62.91 41.65 22.61
CA ASP A 50 -64.18 41.13 22.12
C ASP A 50 -64.99 40.73 23.35
N LYS A 51 -66.02 41.51 23.66
CA LYS A 51 -66.85 41.24 24.83
C LYS A 51 -67.65 39.94 24.77
N GLU A 52 -67.93 39.45 23.56
CA GLU A 52 -68.70 38.21 23.44
C GLU A 52 -67.85 36.98 23.73
N THR A 53 -66.68 36.90 23.09
CA THR A 53 -65.80 35.76 23.30
C THR A 53 -64.90 35.96 24.51
N GLN A 54 -64.77 37.22 24.93
CA GLN A 54 -63.95 37.60 26.08
C GLN A 54 -62.46 37.29 25.88
N ARG A 55 -61.97 37.68 24.69
CA ARG A 55 -60.59 37.49 24.30
C ARG A 55 -60.04 38.84 23.85
N ALA A 56 -58.77 39.08 24.11
CA ALA A 56 -58.10 40.32 23.72
C ALA A 56 -57.02 39.99 22.70
N TYR A 57 -56.73 40.95 21.82
CA TYR A 57 -55.73 40.78 20.77
C TYR A 57 -55.00 42.08 20.51
N SER A 58 -53.69 42.00 20.33
CA SER A 58 -52.89 43.16 20.00
C SER A 58 -53.34 43.61 18.61
N LEU A 59 -53.37 44.92 18.39
CA LEU A 59 -53.80 45.48 17.11
C LEU A 59 -52.58 45.86 16.29
N PRO A 60 -52.66 45.65 14.97
CA PRO A 60 -51.53 46.05 14.13
C PRO A 60 -51.26 47.54 14.28
N VAL A 61 -49.99 47.91 14.40
CA VAL A 61 -49.60 49.31 14.52
C VAL A 61 -49.79 49.98 13.16
N GLY A 62 -50.27 51.23 13.15
CA GLY A 62 -50.46 51.93 11.89
C GLY A 62 -51.90 52.24 11.48
N ILE A 63 -52.88 51.77 12.26
CA ILE A 63 -54.28 52.04 11.96
C ILE A 63 -54.54 53.53 12.10
N ALA A 64 -54.87 54.19 10.99
CA ALA A 64 -55.12 55.63 10.99
C ALA A 64 -56.37 56.01 11.79
N SER A 65 -56.39 57.24 12.28
CA SER A 65 -57.54 57.73 13.01
C SER A 65 -58.66 57.86 12.00
N GLY A 66 -59.89 57.58 12.43
CA GLY A 66 -61.00 57.65 11.52
C GLY A 66 -61.34 56.25 11.05
N THR A 67 -60.38 55.33 11.14
CA THR A 67 -60.65 53.96 10.72
C THR A 67 -61.61 53.36 11.73
N THR A 68 -62.78 52.95 11.26
CA THR A 68 -63.80 52.39 12.14
C THR A 68 -63.95 50.89 11.96
N ALA A 69 -64.40 50.22 13.01
CA ALA A 69 -64.60 48.76 12.97
C ALA A 69 -65.86 48.36 12.23
N VAL A 70 -65.80 47.25 11.50
CA VAL A 70 -66.95 46.74 10.75
C VAL A 70 -67.47 45.41 11.34
N SER A 71 -66.59 44.43 11.50
CA SER A 71 -66.97 43.13 12.06
C SER A 71 -65.75 42.40 12.62
N LEU A 72 -66.01 41.51 13.58
CA LEU A 72 -64.96 40.71 14.22
C LEU A 72 -65.50 39.29 14.45
N SER A 73 -64.99 38.36 13.66
CA SER A 73 -65.40 36.97 13.73
C SER A 73 -64.89 36.22 14.96
N THR A 74 -65.41 35.02 15.17
CA THR A 74 -65.00 34.17 16.28
C THR A 74 -63.61 33.59 16.00
N ALA A 75 -63.10 33.84 14.80
CA ALA A 75 -61.76 33.42 14.41
C ALA A 75 -60.84 34.64 14.52
N ALA A 76 -61.37 35.69 15.12
CA ALA A 76 -60.65 36.95 15.35
C ALA A 76 -60.22 37.67 14.08
N VAL A 77 -61.01 37.58 13.02
CA VAL A 77 -60.70 38.31 11.81
C VAL A 77 -61.38 39.65 11.98
N LEU A 78 -60.61 40.72 11.94
CA LEU A 78 -61.15 42.05 12.10
C LEU A 78 -61.25 42.78 10.76
N VAL A 79 -62.45 43.24 10.44
CA VAL A 79 -62.66 44.01 9.22
C VAL A 79 -62.92 45.44 9.66
N HIS A 80 -62.18 46.38 9.08
CA HIS A 80 -62.41 47.79 9.37
C HIS A 80 -62.64 48.55 8.07
N SER A 81 -62.87 49.86 8.17
CA SER A 81 -63.16 50.69 6.99
C SER A 81 -62.00 50.83 6.01
N ALA A 82 -60.78 50.58 6.47
CA ALA A 82 -59.60 50.71 5.61
C ALA A 82 -59.00 49.38 5.15
N GLY A 83 -59.48 48.28 5.71
CA GLY A 83 -58.97 46.99 5.32
C GLY A 83 -59.39 45.85 6.21
N SER A 84 -58.51 44.88 6.34
CA SER A 84 -58.79 43.70 7.14
C SER A 84 -57.49 43.15 7.74
N VAL A 85 -57.62 42.35 8.79
CA VAL A 85 -56.46 41.76 9.45
C VAL A 85 -56.83 40.55 10.29
N ASP A 86 -56.06 39.48 10.14
CA ASP A 86 -56.30 38.30 10.97
C ASP A 86 -55.57 38.55 12.30
N LEU A 87 -56.33 38.84 13.36
CA LEU A 87 -55.73 39.09 14.68
C LEU A 87 -55.15 37.81 15.29
N GLY A 88 -55.68 36.66 14.87
CA GLY A 88 -55.19 35.39 15.34
C GLY A 88 -53.77 35.16 14.81
N SER A 89 -53.57 35.41 13.51
CA SER A 89 -52.25 35.26 12.92
C SER A 89 -51.26 36.20 13.57
N LEU A 90 -51.68 37.44 13.76
CA LEU A 90 -50.85 38.46 14.38
C LEU A 90 -50.45 38.04 15.80
N ALA A 91 -51.39 37.50 16.55
CA ALA A 91 -51.12 37.04 17.90
C ALA A 91 -50.10 35.91 17.84
N VAL A 92 -50.26 34.98 16.89
CA VAL A 92 -49.29 33.88 16.73
C VAL A 92 -47.85 34.42 16.56
N SER A 93 -47.68 35.38 15.67
CA SER A 93 -46.35 35.97 15.41
C SER A 93 -45.79 36.63 16.66
N ARG A 94 -46.68 37.03 17.57
CA ARG A 94 -46.27 37.70 18.81
C ARG A 94 -46.23 36.76 20.02
N GLU A 95 -46.42 35.46 19.79
CA GLU A 95 -46.44 34.50 20.89
C GLU A 95 -47.43 34.93 21.98
N GLU A 96 -48.58 35.43 21.57
CA GLU A 96 -49.62 35.83 22.51
C GLU A 96 -50.69 34.77 22.38
N TYR A 97 -50.58 33.77 23.25
CA TYR A 97 -51.44 32.59 23.20
C TYR A 97 -52.40 32.34 24.34
N VAL A 98 -53.45 31.59 24.00
CA VAL A 98 -54.44 31.15 24.97
C VAL A 98 -54.35 29.63 25.01
N THR A 99 -54.01 29.07 26.17
CA THR A 99 -53.92 27.62 26.34
C THR A 99 -55.32 27.14 26.76
N LEU A 100 -55.98 26.46 25.84
CA LEU A 100 -57.35 26.00 26.10
C LEU A 100 -57.41 25.04 27.26
N PRO A 101 -58.58 24.97 27.92
CA PRO A 101 -58.76 24.02 29.00
C PRO A 101 -58.65 22.62 28.44
N GLY A 102 -58.32 21.64 29.27
CA GLY A 102 -58.24 20.28 28.80
C GLY A 102 -57.03 19.95 27.96
N SER A 103 -57.21 18.97 27.09
CA SER A 103 -56.11 18.46 26.27
C SER A 103 -56.63 17.67 25.08
N PHE A 104 -55.70 17.01 24.37
CA PHE A 104 -56.07 16.19 23.22
C PHE A 104 -56.87 14.99 23.67
N ASP A 105 -56.49 14.45 24.82
CA ASP A 105 -57.16 13.28 25.39
C ASP A 105 -58.62 13.60 25.73
N SER A 106 -58.83 14.74 26.36
CA SER A 106 -60.18 15.15 26.75
C SER A 106 -61.00 15.57 25.54
N GLY A 107 -60.30 16.04 24.50
CA GLY A 107 -60.94 16.53 23.30
C GLY A 107 -61.17 18.01 23.53
N SER A 108 -61.44 18.76 22.47
CA SER A 108 -61.70 20.20 22.58
C SER A 108 -62.13 20.78 21.23
N THR A 109 -62.42 22.07 21.20
CA THR A 109 -62.77 22.73 19.95
C THR A 109 -61.99 24.02 19.87
N LEU A 110 -61.24 24.17 18.77
CA LEU A 110 -60.42 25.37 18.54
C LEU A 110 -61.06 26.33 17.54
N ASN A 111 -61.09 27.62 17.89
CA ASN A 111 -61.67 28.64 17.01
C ASN A 111 -60.71 29.73 16.55
N VAL A 112 -59.52 29.81 17.16
CA VAL A 112 -58.58 30.88 16.82
C VAL A 112 -57.16 30.34 16.63
N LYS A 113 -56.40 31.01 15.76
CA LYS A 113 -55.04 30.59 15.46
C LYS A 113 -54.12 30.68 16.68
N ASN A 114 -54.45 31.54 17.63
CA ASN A 114 -53.62 31.70 18.85
C ASN A 114 -54.07 30.80 20.00
N GLU A 115 -54.84 29.76 19.71
CA GLU A 115 -55.26 28.84 20.75
C GLU A 115 -54.36 27.62 20.72
N LEU A 116 -53.94 27.15 21.89
CA LEU A 116 -53.08 25.99 22.00
C LEU A 116 -53.79 24.86 22.73
N LEU A 117 -53.57 23.64 22.27
CA LEU A 117 -54.12 22.47 22.93
C LEU A 117 -52.94 21.67 23.47
N THR A 118 -53.04 21.24 24.72
CA THR A 118 -51.97 20.51 25.35
C THR A 118 -52.02 19.01 25.10
N TYR A 119 -50.87 18.48 24.70
CA TYR A 119 -50.71 17.06 24.47
C TYR A 119 -49.70 16.65 25.52
N THR A 120 -49.51 15.34 25.70
CA THR A 120 -48.58 14.83 26.70
C THR A 120 -47.10 15.23 26.48
N ASP A 121 -46.75 15.63 25.25
CA ASP A 121 -45.37 16.04 24.95
C ASP A 121 -45.18 17.56 24.75
N GLY A 122 -46.25 18.33 24.95
CA GLY A 122 -46.19 19.78 24.80
C GLY A 122 -47.45 20.36 24.16
N LYS A 123 -47.43 21.65 23.84
CA LYS A 123 -48.58 22.32 23.24
C LYS A 123 -48.51 22.40 21.70
N TYR A 124 -49.69 22.50 21.08
CA TYR A 124 -49.81 22.64 19.64
C TYR A 124 -50.87 23.64 19.28
N ARG A 125 -50.71 24.29 18.14
CA ARG A 125 -51.70 25.22 17.63
C ARG A 125 -52.10 24.63 16.28
N TRP A 126 -53.31 24.94 15.84
CA TRP A 126 -53.87 24.44 14.58
C TRP A 126 -53.63 25.42 13.44
N ASP A 127 -52.95 24.97 12.40
CA ASP A 127 -52.64 25.82 11.25
C ASP A 127 -53.52 25.54 10.04
N GLY A 128 -54.60 24.81 10.26
CA GLY A 128 -55.51 24.46 9.19
C GLY A 128 -56.84 25.17 9.29
N ILE A 129 -57.85 24.61 8.65
CA ILE A 129 -59.19 25.19 8.64
C ILE A 129 -59.77 25.26 10.05
N LEU A 130 -60.30 26.42 10.39
CA LEU A 130 -60.93 26.68 11.67
C LEU A 130 -62.44 26.85 11.43
N PRO A 131 -63.28 26.42 12.39
CA PRO A 131 -62.93 25.81 13.68
C PRO A 131 -62.48 24.37 13.57
N LYS A 132 -61.66 23.92 14.52
CA LYS A 132 -61.15 22.56 14.52
C LYS A 132 -61.68 21.80 15.74
N THR A 133 -62.42 20.73 15.50
CA THR A 133 -62.97 19.93 16.58
C THR A 133 -62.06 18.72 16.78
N VAL A 134 -61.65 18.51 18.03
CA VAL A 134 -60.77 17.41 18.38
C VAL A 134 -61.55 16.50 19.31
N ALA A 135 -61.76 15.25 18.90
CA ALA A 135 -62.50 14.29 19.70
C ALA A 135 -61.71 13.80 20.91
N PRO A 136 -62.40 13.29 21.93
CA PRO A 136 -61.70 12.75 23.10
C PRO A 136 -60.77 11.60 22.68
N GLY A 137 -59.67 11.42 23.41
CA GLY A 137 -58.70 10.38 23.11
C GLY A 137 -57.88 10.61 21.83
N SER A 138 -57.88 11.85 21.34
CA SER A 138 -57.13 12.18 20.13
C SER A 138 -55.66 12.49 20.39
N THR A 139 -54.89 12.53 19.30
CA THR A 139 -53.47 12.87 19.36
C THR A 139 -53.24 13.75 18.14
N PRO A 140 -52.13 14.50 18.10
CA PRO A 140 -51.91 15.33 16.91
C PRO A 140 -51.86 14.46 15.65
N ALA A 141 -51.21 13.30 15.74
CA ALA A 141 -51.11 12.38 14.61
C ALA A 141 -52.48 11.91 14.13
N SER A 142 -53.35 11.56 15.07
CA SER A 142 -54.68 11.07 14.73
C SER A 142 -55.69 12.16 14.32
N THR A 143 -55.27 13.43 14.34
CA THR A 143 -56.17 14.51 13.96
C THR A 143 -55.62 15.48 12.91
N GLY A 144 -54.83 14.97 11.97
CA GLY A 144 -54.30 15.81 10.90
C GLY A 144 -52.79 15.79 10.70
N GLY A 145 -52.05 15.35 11.71
CA GLY A 145 -50.60 15.29 11.62
C GLY A 145 -49.95 16.62 11.97
N VAL A 146 -48.62 16.61 12.09
CA VAL A 146 -47.86 17.80 12.43
C VAL A 146 -47.19 18.41 11.20
N GLY A 147 -47.41 19.70 11.00
CA GLY A 147 -46.83 20.39 9.85
C GLY A 147 -47.71 21.50 9.34
N LEU A 148 -47.19 22.21 8.33
CA LEU A 148 -47.89 23.32 7.70
C LEU A 148 -49.32 22.91 7.34
N GLY A 149 -50.28 23.78 7.64
CA GLY A 149 -51.67 23.49 7.36
C GLY A 149 -52.31 22.56 8.37
N ALA A 150 -51.51 22.04 9.30
CA ALA A 150 -52.03 21.13 10.34
C ALA A 150 -51.59 21.59 11.75
N TRP A 151 -51.15 20.66 12.58
CA TRP A 151 -50.71 21.00 13.94
C TRP A 151 -49.27 21.50 13.95
N ILE A 152 -49.01 22.58 14.68
CA ILE A 152 -47.66 23.14 14.79
C ILE A 152 -47.23 23.13 16.26
N SER A 153 -46.05 22.57 16.54
CA SER A 153 -45.52 22.53 17.91
C SER A 153 -45.26 23.94 18.43
N VAL A 154 -45.66 24.22 19.67
CA VAL A 154 -45.43 25.54 20.24
C VAL A 154 -44.99 25.47 21.70
N GLY A 155 -44.03 26.31 22.07
CA GLY A 155 -43.57 26.38 23.45
C GLY A 155 -42.35 25.56 23.84
N ASP A 156 -41.81 25.94 24.99
CA ASP A 156 -40.62 25.31 25.53
C ASP A 156 -40.72 23.81 25.80
N ALA A 157 -41.83 23.37 26.39
CA ALA A 157 -41.99 21.96 26.68
C ALA A 157 -41.97 21.17 25.37
N SER A 158 -42.69 21.66 24.36
CA SER A 158 -42.73 21.01 23.05
C SER A 158 -41.33 20.91 22.44
N LEU A 159 -40.59 22.02 22.52
CA LEU A 159 -39.23 22.06 21.99
C LEU A 159 -38.32 21.03 22.66
N ARG A 160 -38.39 20.95 23.98
CA ARG A 160 -37.57 19.97 24.70
C ARG A 160 -37.88 18.55 24.21
N THR A 161 -39.15 18.20 24.07
CA THR A 161 -39.47 16.84 23.61
C THR A 161 -39.13 16.61 22.11
N GLN A 162 -39.30 17.63 21.29
CA GLN A 162 -38.94 17.53 19.86
C GLN A 162 -37.42 17.26 19.72
N LEU A 163 -36.64 17.97 20.52
CA LEU A 163 -35.18 17.82 20.51
C LEU A 163 -34.78 16.42 20.96
N ALA A 164 -35.34 16.01 22.10
CA ALA A 164 -35.05 14.69 22.68
C ALA A 164 -35.44 13.50 21.79
N ASN A 165 -36.57 13.60 21.09
CA ASN A 165 -37.04 12.51 20.24
C ASN A 165 -36.77 12.67 18.75
N GLY A 166 -36.08 13.74 18.37
CA GLY A 166 -35.81 14.00 16.97
C GLY A 166 -34.58 13.32 16.40
N ASP A 167 -34.11 13.80 15.25
CA ASP A 167 -32.91 13.24 14.61
C ASP A 167 -31.83 14.29 14.37
N GLY A 168 -32.04 15.48 14.91
CA GLY A 168 -31.10 16.57 14.74
C GLY A 168 -31.58 17.58 13.72
N SER A 169 -32.72 17.30 13.09
CA SER A 169 -33.25 18.20 12.04
C SER A 169 -33.56 19.62 12.47
N LEU A 170 -33.65 19.86 13.77
CA LEU A 170 -33.95 21.18 14.28
C LEU A 170 -32.68 22.00 14.49
N ILE A 171 -31.53 21.36 14.33
CA ILE A 171 -30.25 22.02 14.53
C ILE A 171 -29.58 22.36 13.18
N GLY A 172 -29.56 23.65 12.84
CA GLY A 172 -28.91 24.08 11.62
C GLY A 172 -27.39 24.00 11.71
N ILE A 173 -26.75 23.77 10.56
CA ILE A 173 -25.29 23.71 10.50
C ILE A 173 -24.79 24.43 9.27
N HIS A 174 -23.48 24.65 9.21
CA HIS A 174 -22.87 25.33 8.08
C HIS A 174 -22.25 24.37 7.06
N PRO A 175 -22.16 24.80 5.79
CA PRO A 175 -22.59 26.12 5.27
C PRO A 175 -24.11 26.24 5.16
N GLN A 176 -24.81 25.12 5.17
CA GLN A 176 -26.27 25.10 5.14
C GLN A 176 -26.72 23.69 5.55
N GLY A 177 -28.02 23.48 5.67
CA GLY A 177 -28.51 22.17 6.07
C GLY A 177 -28.65 22.01 7.58
N THR A 178 -29.02 20.79 7.99
CA THR A 178 -29.25 20.51 9.41
C THR A 178 -28.38 19.34 9.91
N LEU A 179 -28.25 19.22 11.23
CA LEU A 179 -27.40 18.21 11.86
C LEU A 179 -27.60 16.77 11.36
N ASN A 180 -28.86 16.37 11.19
CA ASN A 180 -29.14 15.01 10.71
C ASN A 180 -28.48 14.71 9.37
N ASN A 181 -28.23 15.76 8.58
CA ASN A 181 -27.62 15.60 7.26
C ASN A 181 -26.17 15.08 7.29
N VAL A 182 -25.45 15.30 8.39
CA VAL A 182 -24.04 14.88 8.45
C VAL A 182 -23.69 13.84 9.49
N LEU A 183 -24.68 13.28 10.17
CA LEU A 183 -24.41 12.25 11.16
C LEU A 183 -24.63 10.93 10.44
N THR A 184 -23.55 10.21 10.17
CA THR A 184 -23.68 8.94 9.44
C THR A 184 -23.05 7.73 10.14
N VAL A 185 -22.17 7.97 11.09
CA VAL A 185 -21.48 6.90 11.81
C VAL A 185 -22.27 6.36 13.01
N ARG A 186 -22.26 5.03 13.21
CA ARG A 186 -22.96 4.40 14.36
C ARG A 186 -21.95 4.01 15.42
N THR A 187 -22.39 4.01 16.68
CA THR A 187 -21.55 3.60 17.81
C THR A 187 -22.37 2.68 18.70
N PRO A 188 -21.70 1.84 19.51
CA PRO A 188 -22.49 0.99 20.41
C PRO A 188 -23.14 1.79 21.54
N GLU A 189 -22.64 2.99 21.80
CA GLU A 189 -23.19 3.85 22.84
C GLU A 189 -24.61 4.29 22.48
N GLN A 190 -24.95 4.25 21.20
CA GLN A 190 -26.28 4.59 20.74
C GLN A 190 -27.25 3.53 21.25
N TYR A 191 -26.70 2.38 21.61
CA TYR A 191 -27.48 1.25 22.09
C TYR A 191 -27.20 0.98 23.58
N ASN A 192 -26.61 1.97 24.25
CA ASN A 192 -26.30 1.88 25.67
C ASN A 192 -25.41 0.72 26.06
N ALA A 193 -24.40 0.44 25.24
CA ALA A 193 -23.47 -0.62 25.56
C ALA A 193 -22.67 -0.07 26.74
N VAL A 194 -22.24 -0.93 27.64
CA VAL A 194 -21.48 -0.45 28.80
C VAL A 194 -20.05 -0.10 28.39
N GLY A 195 -19.48 -0.95 27.54
CA GLY A 195 -18.14 -0.72 27.02
C GLY A 195 -16.98 -0.76 28.00
N ASP A 196 -17.07 -1.61 29.03
CA ASP A 196 -16.00 -1.71 30.02
C ASP A 196 -15.24 -3.05 29.98
N GLY A 197 -15.65 -3.95 29.10
CA GLY A 197 -14.99 -5.23 29.00
C GLY A 197 -15.43 -6.23 30.07
N ILE A 198 -16.41 -5.83 30.88
CA ILE A 198 -16.95 -6.67 31.95
C ILE A 198 -18.39 -7.08 31.62
N ALA A 199 -19.25 -6.09 31.43
CA ALA A 199 -20.64 -6.36 31.10
C ALA A 199 -20.74 -7.06 29.74
N ASP A 200 -21.75 -7.90 29.59
CA ASP A 200 -21.95 -8.61 28.35
C ASP A 200 -22.72 -7.70 27.35
N ASP A 201 -21.97 -7.04 26.45
CA ASP A 201 -22.57 -6.15 25.45
C ASP A 201 -23.06 -6.85 24.17
N THR A 202 -23.09 -8.19 24.16
CA THR A 202 -23.49 -8.96 22.96
C THR A 202 -24.75 -8.49 22.25
N SER A 203 -25.87 -8.47 22.98
CA SER A 203 -27.18 -8.08 22.43
C SER A 203 -27.16 -6.68 21.85
N LYS A 204 -26.35 -5.79 22.43
CA LYS A 204 -26.26 -4.42 21.94
C LYS A 204 -25.36 -4.32 20.68
N LEU A 205 -24.35 -5.18 20.57
CA LEU A 205 -23.50 -5.20 19.38
C LEU A 205 -24.33 -5.78 18.24
N LYS A 206 -25.12 -6.81 18.57
CA LYS A 206 -25.98 -7.48 17.59
C LYS A 206 -27.09 -6.54 17.11
N GLU A 207 -27.59 -5.70 18.01
CA GLU A 207 -28.65 -4.78 17.59
C GLU A 207 -28.09 -3.72 16.65
N MET A 208 -26.90 -3.21 16.96
CA MET A 208 -26.25 -2.21 16.13
C MET A 208 -26.01 -2.79 14.73
N LEU A 209 -25.56 -4.05 14.66
CA LEU A 209 -25.30 -4.71 13.38
C LEU A 209 -26.59 -4.97 12.59
N SER A 210 -27.61 -5.43 13.30
CA SER A 210 -28.92 -5.73 12.70
C SER A 210 -29.60 -4.48 12.14
N ASP A 211 -29.42 -3.35 12.82
CA ASP A 211 -29.98 -2.09 12.35
C ASP A 211 -29.33 -1.67 11.02
N ILE A 212 -28.15 -2.21 10.73
CA ILE A 212 -27.46 -1.87 9.48
C ILE A 212 -27.92 -2.79 8.35
N ASN A 213 -27.80 -4.09 8.59
CA ASN A 213 -28.19 -5.08 7.60
C ASN A 213 -28.57 -6.33 8.39
N ASN A 214 -29.87 -6.53 8.51
CA ASN A 214 -30.44 -7.63 9.25
C ASN A 214 -30.70 -8.80 8.32
N VAL A 215 -29.76 -9.74 8.29
CA VAL A 215 -29.91 -10.89 7.41
C VAL A 215 -30.33 -12.18 8.16
N PRO A 216 -31.50 -12.73 7.79
CA PRO A 216 -32.08 -13.94 8.37
C PRO A 216 -31.13 -15.13 8.33
N GLU A 217 -31.08 -15.91 9.39
CA GLU A 217 -30.19 -17.07 9.42
C GLU A 217 -30.58 -18.20 8.45
N THR A 218 -31.83 -18.20 8.00
CA THR A 218 -32.29 -19.20 7.03
C THR A 218 -32.91 -18.46 5.86
N LEU A 219 -32.51 -18.82 4.65
CA LEU A 219 -33.02 -18.13 3.46
C LEU A 219 -33.53 -19.12 2.41
N PRO A 220 -34.54 -18.70 1.63
CA PRO A 220 -35.20 -19.52 0.59
C PRO A 220 -34.28 -20.04 -0.50
N ASP A 221 -33.64 -19.14 -1.22
CA ASP A 221 -32.75 -19.51 -2.32
C ASP A 221 -31.53 -18.60 -2.44
N ALA A 222 -30.81 -18.73 -3.55
CA ALA A 222 -29.60 -17.95 -3.79
C ALA A 222 -29.91 -16.46 -3.99
N ALA A 223 -30.98 -16.18 -4.74
CA ALA A 223 -31.38 -14.80 -4.99
C ALA A 223 -31.61 -14.09 -3.67
N ALA A 224 -32.19 -14.82 -2.72
CA ALA A 224 -32.48 -14.25 -1.41
C ALA A 224 -31.19 -13.88 -0.66
N VAL A 225 -30.25 -14.80 -0.55
CA VAL A 225 -29.02 -14.46 0.15
C VAL A 225 -28.18 -13.41 -0.59
N ASN A 226 -28.17 -13.47 -1.93
CA ASN A 226 -27.41 -12.50 -2.74
C ASN A 226 -27.92 -11.09 -2.55
N SER A 227 -29.23 -10.95 -2.34
CA SER A 227 -29.85 -9.65 -2.16
C SER A 227 -29.28 -8.86 -0.97
N TYR A 228 -28.84 -9.55 0.07
CA TYR A 228 -28.32 -8.87 1.26
C TYR A 228 -26.97 -8.18 1.04
N MET A 229 -26.35 -8.43 -0.10
CA MET A 229 -25.08 -7.82 -0.43
C MET A 229 -25.33 -6.52 -1.20
N GLU A 230 -26.60 -6.15 -1.33
CA GLU A 230 -26.98 -4.95 -2.07
C GLU A 230 -27.74 -3.95 -1.22
N GLN A 231 -27.30 -3.78 0.03
CA GLN A 231 -27.94 -2.84 0.93
C GLN A 231 -26.98 -1.69 1.25
N VAL A 232 -27.53 -0.61 1.77
CA VAL A 232 -26.71 0.54 2.13
C VAL A 232 -25.67 0.15 3.19
N ALA A 233 -24.41 0.52 2.97
CA ALA A 233 -23.32 0.23 3.89
C ALA A 233 -23.21 1.33 4.95
N VAL A 234 -22.86 0.94 6.16
CA VAL A 234 -22.74 1.88 7.27
C VAL A 234 -21.43 1.72 8.03
N LYS A 235 -20.84 2.83 8.46
CA LYS A 235 -19.60 2.80 9.22
C LYS A 235 -19.90 2.80 10.72
N ILE A 236 -19.16 1.99 11.47
CA ILE A 236 -19.28 1.85 12.91
C ILE A 236 -17.98 2.31 13.56
N ASP A 237 -18.07 3.10 14.62
CA ASP A 237 -16.89 3.55 15.33
C ASP A 237 -16.84 2.93 16.75
N LEU A 238 -15.83 2.11 17.02
CA LEU A 238 -15.68 1.48 18.33
C LEU A 238 -14.63 2.22 19.16
N THR A 239 -15.05 2.99 20.16
CA THR A 239 -14.10 3.76 20.97
C THR A 239 -13.88 3.28 22.41
N LYS A 240 -14.61 2.24 22.81
CA LYS A 240 -14.48 1.66 24.16
C LYS A 240 -14.29 0.14 24.05
N LEU A 241 -14.30 -0.58 25.17
CA LEU A 241 -14.08 -2.04 25.13
C LEU A 241 -15.36 -2.84 25.32
N TYR A 242 -15.73 -3.61 24.30
CA TYR A 242 -16.98 -4.37 24.35
C TYR A 242 -16.84 -5.88 24.50
N ARG A 243 -17.26 -6.38 25.67
CA ARG A 243 -17.20 -7.81 25.92
C ARG A 243 -18.42 -8.46 25.28
N PHE A 244 -18.23 -9.61 24.63
CA PHE A 244 -19.36 -10.31 24.00
C PHE A 244 -19.17 -11.82 24.22
N THR A 245 -20.24 -12.59 24.11
CA THR A 245 -20.15 -14.01 24.45
C THR A 245 -20.60 -15.03 23.42
N GLU A 246 -20.92 -14.56 22.23
CA GLU A 246 -21.34 -15.43 21.14
C GLU A 246 -20.60 -14.96 19.91
N THR A 247 -20.49 -15.81 18.89
CA THR A 247 -19.79 -15.41 17.68
C THR A 247 -20.54 -14.29 16.98
N LEU A 248 -19.83 -13.20 16.69
CA LEU A 248 -20.44 -12.08 15.96
C LEU A 248 -20.35 -12.35 14.46
N TYR A 249 -21.49 -12.24 13.78
CA TYR A 249 -21.51 -12.42 12.34
C TYR A 249 -21.68 -11.07 11.65
N ILE A 250 -20.60 -10.58 11.06
CA ILE A 250 -20.61 -9.31 10.35
C ILE A 250 -21.38 -9.48 9.04
N PRO A 251 -22.44 -8.70 8.86
CA PRO A 251 -23.20 -8.80 7.60
C PRO A 251 -22.52 -7.94 6.52
N PRO A 252 -22.95 -8.09 5.25
CA PRO A 252 -22.36 -7.27 4.19
C PRO A 252 -22.63 -5.79 4.40
N GLY A 253 -21.80 -4.94 3.80
CA GLY A 253 -22.00 -3.50 3.91
C GLY A 253 -21.70 -2.92 5.28
N VAL A 254 -20.53 -3.24 5.83
CA VAL A 254 -20.16 -2.73 7.14
C VAL A 254 -18.71 -2.28 7.18
N SER A 255 -18.50 -1.08 7.70
CA SER A 255 -17.16 -0.55 7.86
C SER A 255 -16.93 -0.37 9.36
N ILE A 256 -15.82 -0.87 9.87
CA ILE A 256 -15.53 -0.76 11.29
C ILE A 256 -14.24 -0.02 11.50
N GLU A 257 -14.26 1.01 12.36
CA GLU A 257 -13.05 1.77 12.64
C GLU A 257 -12.82 1.97 14.13
N ILE A 258 -11.56 1.98 14.52
CA ILE A 258 -11.14 2.23 15.89
C ILE A 258 -10.02 3.25 15.67
N PRO A 259 -9.85 4.24 16.58
CA PRO A 259 -8.81 5.26 16.36
C PRO A 259 -7.39 4.75 16.08
N THR A 260 -6.93 3.72 16.79
CA THR A 260 -5.58 3.18 16.54
C THR A 260 -5.58 1.67 16.71
N SER A 261 -4.58 1.04 16.11
CA SER A 261 -4.45 -0.41 16.16
C SER A 261 -3.58 -0.85 17.33
N ASN A 262 -3.94 -1.97 17.95
CA ASN A 262 -3.14 -2.52 19.06
C ASN A 262 -1.81 -3.08 18.51
N PHE A 263 -0.77 -3.03 19.34
CA PHE A 263 0.53 -3.56 18.96
C PHE A 263 1.20 -4.06 20.23
N PHE A 264 1.16 -5.38 20.45
CA PHE A 264 1.74 -5.97 21.66
C PHE A 264 1.16 -5.24 22.88
N THR A 265 -0.12 -4.91 22.78
CA THR A 265 -0.82 -4.17 23.82
C THR A 265 -1.13 -5.07 25.02
N ARG A 266 -0.62 -4.65 26.18
CA ARG A 266 -0.78 -5.40 27.42
C ARG A 266 -2.24 -5.48 27.90
N GLU A 267 -2.92 -4.34 27.92
CA GLU A 267 -4.32 -4.30 28.33
C GLU A 267 -5.15 -3.61 27.26
N CYS A 268 -5.96 -4.38 26.55
CA CYS A 268 -6.82 -3.84 25.50
C CYS A 268 -7.82 -2.84 26.09
N LYS A 269 -7.86 -1.63 25.53
CA LYS A 269 -8.78 -0.60 26.02
C LYS A 269 -9.92 -0.35 25.05
N GLN A 270 -9.67 -0.59 23.77
CA GLN A 270 -10.68 -0.36 22.74
C GLN A 270 -10.79 -1.54 21.82
N GLY A 271 -12.01 -1.98 21.54
CA GLY A 271 -12.19 -3.10 20.65
C GLY A 271 -13.21 -4.10 21.13
N LEU A 272 -13.02 -5.34 20.71
CA LEU A 272 -13.91 -6.43 21.06
C LEU A 272 -13.19 -7.51 21.86
N PHE A 273 -13.87 -7.99 22.90
CA PHE A 273 -13.35 -9.02 23.78
C PHE A 273 -14.35 -10.16 23.82
N TYR A 274 -14.00 -11.25 23.16
CA TYR A 274 -14.83 -12.45 23.08
C TYR A 274 -14.58 -13.31 24.30
N ASP A 275 -15.64 -13.63 25.04
CA ASP A 275 -15.54 -14.41 26.27
C ASP A 275 -16.69 -15.41 26.34
N PRO A 276 -16.63 -16.47 25.54
CA PRO A 276 -17.70 -17.47 25.47
C PRO A 276 -17.63 -18.58 26.53
N VAL A 277 -18.71 -19.35 26.63
CA VAL A 277 -18.74 -20.50 27.54
C VAL A 277 -18.14 -21.68 26.76
N ASP A 278 -18.49 -21.74 25.47
CA ASP A 278 -17.95 -22.77 24.59
C ASP A 278 -16.75 -22.19 23.83
N LYS A 279 -15.54 -22.60 24.23
CA LYS A 279 -14.32 -22.08 23.59
C LYS A 279 -13.99 -22.69 22.22
N ASN A 280 -14.73 -23.72 21.84
CA ASN A 280 -14.54 -24.36 20.55
C ASN A 280 -15.37 -23.57 19.55
N THR A 281 -15.06 -22.28 19.47
CA THR A 281 -15.78 -21.36 18.60
C THR A 281 -14.89 -20.24 18.09
N ALA A 282 -15.45 -19.45 17.17
CA ALA A 282 -14.75 -18.31 16.59
C ALA A 282 -15.30 -17.04 17.22
N ALA A 283 -14.44 -16.04 17.38
CA ALA A 283 -14.87 -14.77 17.96
C ALA A 283 -15.75 -13.98 16.99
N ILE A 284 -15.24 -13.84 15.77
CA ILE A 284 -15.90 -13.09 14.71
C ILE A 284 -15.86 -13.91 13.43
N SER A 285 -16.93 -13.82 12.64
CA SER A 285 -16.98 -14.56 11.38
C SER A 285 -17.78 -13.80 10.34
N LEU A 286 -17.42 -14.00 9.08
CA LEU A 286 -18.14 -13.39 7.97
C LEU A 286 -19.27 -14.37 7.70
N MET A 287 -20.19 -14.02 6.81
CA MET A 287 -21.33 -14.90 6.53
C MET A 287 -21.26 -15.67 5.23
N VAL A 288 -21.39 -16.99 5.35
CA VAL A 288 -21.41 -17.88 4.20
C VAL A 288 -22.61 -18.79 4.40
N TYR A 289 -23.49 -18.87 3.41
CA TYR A 289 -24.67 -19.70 3.52
C TYR A 289 -24.45 -21.08 2.91
N ARG A 290 -24.82 -22.11 3.68
CA ARG A 290 -24.67 -23.49 3.22
C ARG A 290 -25.99 -24.06 2.73
N LYS A 291 -25.95 -24.69 1.56
CA LYS A 291 -27.14 -25.30 0.97
C LYS A 291 -27.69 -26.39 1.89
N GLN A 292 -29.02 -26.51 1.91
CA GLN A 292 -29.67 -27.51 2.74
C GLN A 292 -30.28 -28.58 1.82
N PRO A 293 -30.54 -29.78 2.37
CA PRO A 293 -31.13 -30.87 1.58
C PRO A 293 -32.41 -30.45 0.84
N ASP A 294 -33.22 -29.60 1.49
CA ASP A 294 -34.47 -29.14 0.88
C ASP A 294 -34.31 -28.01 -0.15
N GLY A 295 -33.07 -27.58 -0.38
CA GLY A 295 -32.82 -26.53 -1.35
C GLY A 295 -32.66 -25.13 -0.78
N SER A 296 -32.90 -24.99 0.51
CA SER A 296 -32.77 -23.70 1.19
C SER A 296 -31.32 -23.49 1.66
N TYR A 297 -31.06 -22.31 2.24
CA TYR A 297 -29.71 -21.99 2.70
C TYR A 297 -29.72 -21.51 4.15
N LYS A 298 -28.74 -21.97 4.92
CA LYS A 298 -28.59 -21.60 6.32
C LYS A 298 -27.21 -21.03 6.58
N LEU A 299 -27.15 -20.00 7.42
CA LEU A 299 -25.89 -19.36 7.78
C LEU A 299 -24.98 -20.35 8.47
N ASN A 300 -23.71 -20.41 8.07
CA ASN A 300 -22.80 -21.32 8.73
C ASN A 300 -22.43 -20.85 10.13
N LYS A 301 -22.48 -21.78 11.07
CA LYS A 301 -22.15 -21.48 12.46
C LYS A 301 -21.15 -22.49 13.00
N ASP A 302 -20.70 -23.38 12.13
CA ASP A 302 -19.71 -24.38 12.50
C ASP A 302 -18.34 -23.70 12.53
N VAL A 303 -17.65 -23.82 13.66
CA VAL A 303 -16.33 -23.19 13.82
C VAL A 303 -15.30 -23.64 12.78
N ASP A 304 -15.39 -24.90 12.36
CA ASP A 304 -14.39 -25.44 11.43
C ASP A 304 -14.72 -25.31 9.96
N TYR A 305 -15.97 -25.00 9.64
CA TYR A 305 -16.33 -24.89 8.23
C TYR A 305 -15.69 -23.69 7.53
N TYR A 306 -15.34 -23.89 6.27
CA TYR A 306 -14.79 -22.85 5.42
C TYR A 306 -15.23 -23.26 4.02
N PRO A 307 -15.68 -22.31 3.22
CA PRO A 307 -16.12 -22.68 1.87
C PRO A 307 -14.96 -22.87 0.90
N THR A 308 -15.14 -23.74 -0.09
CA THR A 308 -14.12 -23.96 -1.11
C THR A 308 -14.57 -23.25 -2.37
N GLY A 309 -13.66 -23.13 -3.33
CA GLY A 309 -13.97 -22.49 -4.59
C GLY A 309 -15.03 -23.35 -5.26
N LEU A 310 -14.89 -24.65 -5.04
CA LEU A 310 -15.82 -25.63 -5.58
C LEU A 310 -17.23 -25.40 -5.01
N ASP A 311 -17.32 -25.18 -3.70
CA ASP A 311 -18.60 -24.93 -3.04
C ASP A 311 -19.30 -23.73 -3.63
N ILE A 312 -18.53 -22.65 -3.86
CA ILE A 312 -19.07 -21.44 -4.44
C ILE A 312 -19.53 -21.70 -5.89
N ASP A 313 -18.72 -22.47 -6.62
CA ASP A 313 -19.02 -22.81 -8.01
C ASP A 313 -20.26 -23.71 -8.08
N ASN A 314 -20.35 -24.62 -7.11
CA ASN A 314 -21.42 -25.58 -6.97
C ASN A 314 -22.78 -24.96 -6.73
N GLY A 315 -22.87 -24.27 -5.60
CA GLY A 315 -24.08 -23.65 -5.14
C GLY A 315 -24.20 -24.21 -3.74
N ASP A 316 -23.27 -25.12 -3.41
CA ASP A 316 -23.22 -25.74 -2.10
C ASP A 316 -23.05 -24.66 -1.04
N ALA A 317 -22.34 -23.60 -1.43
CA ALA A 317 -22.12 -22.44 -0.57
C ALA A 317 -22.41 -21.17 -1.35
N ILE A 318 -22.91 -20.17 -0.64
CA ILE A 318 -23.18 -18.87 -1.25
C ILE A 318 -22.65 -17.90 -0.22
N THR A 319 -21.73 -17.05 -0.61
CA THR A 319 -21.18 -16.09 0.32
C THR A 319 -22.12 -14.92 0.51
N CYS A 320 -22.07 -14.35 1.70
CA CYS A 320 -22.86 -13.18 2.01
C CYS A 320 -21.88 -12.29 2.75
N ALA A 321 -20.71 -12.15 2.14
CA ALA A 321 -19.60 -11.36 2.68
C ALA A 321 -19.03 -10.53 1.55
N ARG A 322 -19.44 -9.26 1.54
CA ARG A 322 -19.01 -8.34 0.51
C ARG A 322 -19.20 -6.96 1.11
N LYS A 323 -18.46 -5.98 0.57
CA LYS A 323 -18.54 -4.61 1.05
C LYS A 323 -18.24 -4.49 2.56
N ILE A 324 -17.20 -5.20 3.01
CA ILE A 324 -16.80 -5.12 4.42
C ILE A 324 -15.39 -4.50 4.49
N ASP A 325 -15.23 -3.47 5.32
CA ASP A 325 -13.96 -2.77 5.47
C ASP A 325 -13.64 -2.64 6.96
N ILE A 326 -12.45 -3.06 7.35
CA ILE A 326 -12.05 -3.02 8.74
C ILE A 326 -10.81 -2.17 8.95
N ASN A 327 -10.94 -1.16 9.80
CA ASN A 327 -9.83 -0.30 10.11
C ASN A 327 -9.50 -0.29 11.61
N ASN A 328 -8.32 -0.79 11.95
CA ASN A 328 -7.86 -0.81 13.33
C ASN A 328 -8.72 -1.58 14.35
N LEU A 329 -9.49 -2.56 13.91
CA LEU A 329 -10.28 -3.36 14.85
C LEU A 329 -9.37 -4.16 15.79
N ASN A 330 -9.52 -3.96 17.09
CA ASN A 330 -8.74 -4.74 18.04
C ASN A 330 -9.61 -5.85 18.58
N LEU A 331 -9.14 -7.08 18.42
CA LEU A 331 -9.89 -8.21 18.93
C LEU A 331 -9.04 -9.02 19.90
N ILE A 332 -9.54 -9.20 21.12
CA ILE A 332 -8.85 -10.03 22.10
C ILE A 332 -9.85 -11.12 22.46
N THR A 333 -9.35 -12.22 22.98
CA THR A 333 -10.21 -13.34 23.30
C THR A 333 -9.82 -14.00 24.62
N ALA A 334 -10.75 -14.74 25.22
CA ALA A 334 -10.44 -15.46 26.45
C ALA A 334 -9.43 -16.57 26.12
N PRO A 335 -8.57 -16.97 27.08
CA PRO A 335 -7.63 -18.04 26.76
C PRO A 335 -8.36 -19.31 26.35
N GLY A 336 -7.86 -20.03 25.36
CA GLY A 336 -8.52 -21.25 24.95
C GLY A 336 -9.45 -21.10 23.75
N VAL A 337 -9.82 -19.88 23.40
CA VAL A 337 -10.69 -19.69 22.24
C VAL A 337 -10.00 -20.24 20.98
N LYS A 338 -10.71 -21.06 20.22
CA LYS A 338 -10.16 -21.71 19.04
C LYS A 338 -9.72 -20.78 17.92
N VAL A 339 -10.64 -19.95 17.43
CA VAL A 339 -10.36 -19.06 16.31
C VAL A 339 -10.75 -17.61 16.57
N GLY A 340 -9.82 -16.69 16.36
CA GLY A 340 -10.13 -15.28 16.50
C GLY A 340 -11.06 -14.81 15.39
N VAL A 341 -10.58 -14.83 14.14
CA VAL A 341 -11.37 -14.37 13.00
C VAL A 341 -11.54 -15.37 11.84
N LYS A 342 -12.78 -15.56 11.41
CA LYS A 342 -13.10 -16.45 10.29
C LYS A 342 -13.40 -15.61 9.06
N TRP A 343 -12.35 -15.28 8.30
CA TRP A 343 -12.48 -14.46 7.09
C TRP A 343 -12.85 -15.35 5.91
N ILE A 344 -14.08 -15.84 5.92
CA ILE A 344 -14.55 -16.75 4.88
C ILE A 344 -15.50 -16.13 3.86
N GLY A 345 -15.17 -16.31 2.59
CA GLY A 345 -15.98 -15.79 1.50
C GLY A 345 -15.86 -14.29 1.32
N GLY A 346 -14.91 -13.68 2.00
CA GLY A 346 -14.72 -12.24 1.96
C GLY A 346 -14.01 -11.69 0.73
N ALA A 347 -14.49 -12.09 -0.44
CA ALA A 347 -13.92 -11.65 -1.71
C ALA A 347 -14.00 -10.12 -1.86
N GLY A 348 -12.85 -9.50 -2.09
CA GLY A 348 -12.80 -8.05 -2.27
C GLY A 348 -12.93 -7.28 -0.97
N CYS A 349 -13.01 -7.98 0.16
CA CYS A 349 -13.13 -7.33 1.47
C CYS A 349 -11.74 -6.91 1.92
N THR A 350 -11.66 -5.83 2.66
CA THR A 350 -10.36 -5.32 3.05
C THR A 350 -10.21 -5.05 4.53
N THR A 351 -8.94 -4.99 4.93
CA THR A 351 -8.59 -4.79 6.32
C THR A 351 -7.31 -3.96 6.41
N LYS A 352 -7.24 -3.13 7.45
CA LYS A 352 -6.04 -2.35 7.72
C LYS A 352 -5.91 -2.26 9.23
N GLY A 353 -4.76 -2.67 9.76
CA GLY A 353 -4.55 -2.61 11.19
C GLY A 353 -5.43 -3.51 12.04
N LEU A 354 -5.96 -4.60 11.47
CA LEU A 354 -6.73 -5.57 12.24
C LEU A 354 -5.72 -6.16 13.23
N SER A 355 -6.03 -6.13 14.51
CA SER A 355 -5.09 -6.55 15.53
C SER A 355 -5.71 -7.57 16.48
N ILE A 356 -5.23 -8.81 16.38
CA ILE A 356 -5.77 -9.92 17.17
C ILE A 356 -4.85 -10.38 18.31
N GLY A 357 -5.43 -10.52 19.51
CA GLY A 357 -4.67 -10.99 20.66
C GLY A 357 -4.14 -9.91 21.60
N GLU A 358 -3.97 -10.30 22.85
CA GLU A 358 -3.47 -9.39 23.88
C GLU A 358 -2.17 -9.87 24.50
N ASN A 359 -1.25 -8.93 24.71
CA ASN A 359 0.02 -9.23 25.34
C ASN A 359 -0.19 -9.17 26.85
N THR A 360 -1.02 -10.08 27.33
CA THR A 360 -1.38 -10.14 28.75
C THR A 360 -0.20 -10.26 29.72
N GLY A 361 0.56 -11.33 29.60
CA GLY A 361 1.72 -11.57 30.44
C GLY A 361 2.64 -12.60 29.82
N SER A 362 3.68 -13.00 30.54
CA SER A 362 4.64 -13.96 30.02
C SER A 362 4.06 -15.37 29.82
N ASP A 363 3.03 -15.72 30.59
CA ASP A 363 2.42 -17.04 30.45
C ASP A 363 1.35 -17.06 29.36
N ILE A 364 1.70 -17.66 28.23
CA ILE A 364 0.80 -17.74 27.08
C ILE A 364 -0.49 -18.53 27.32
N THR A 365 -0.46 -19.45 28.28
CA THR A 365 -1.66 -20.26 28.56
C THR A 365 -2.75 -19.42 29.22
N THR A 366 -2.36 -18.26 29.72
CA THR A 366 -3.30 -17.38 30.40
C THR A 366 -3.57 -16.09 29.60
N ALA A 367 -2.79 -15.88 28.54
CA ALA A 367 -2.93 -14.69 27.70
C ALA A 367 -4.28 -14.62 27.00
N ARG A 368 -4.77 -13.40 26.79
CA ARG A 368 -6.04 -13.22 26.11
C ARG A 368 -5.89 -13.20 24.59
N LEU A 369 -5.59 -14.36 24.01
CA LEU A 369 -5.40 -14.50 22.56
C LEU A 369 -5.91 -15.86 22.14
N PRO A 370 -6.31 -16.00 20.88
CA PRO A 370 -6.84 -17.30 20.45
C PRO A 370 -5.76 -18.30 20.09
N ARG A 371 -6.16 -19.54 19.86
CA ARG A 371 -5.22 -20.57 19.44
C ARG A 371 -4.86 -20.30 17.99
N VAL A 372 -5.90 -20.11 17.17
CA VAL A 372 -5.74 -19.81 15.75
C VAL A 372 -6.25 -18.39 15.54
N GLY A 373 -5.38 -17.48 15.11
CA GLY A 373 -5.76 -16.09 14.92
C GLY A 373 -6.76 -15.81 13.81
N LEU A 374 -6.38 -16.18 12.59
CA LEU A 374 -7.22 -15.93 11.42
C LEU A 374 -7.28 -17.14 10.50
N LEU A 375 -8.48 -17.40 9.99
CA LEU A 375 -8.73 -18.49 9.06
C LEU A 375 -9.46 -17.91 7.84
N GLN A 376 -8.80 -18.00 6.70
CA GLN A 376 -9.34 -17.41 5.47
C GLN A 376 -9.47 -18.38 4.30
N SER A 377 -10.62 -18.30 3.61
CA SER A 377 -10.86 -19.12 2.43
C SER A 377 -11.84 -18.38 1.51
N ALA A 378 -11.83 -18.72 0.22
CA ALA A 378 -12.76 -18.11 -0.73
C ALA A 378 -12.78 -16.57 -0.68
N SER A 379 -11.62 -15.98 -0.46
CA SER A 379 -11.53 -14.53 -0.37
C SER A 379 -10.59 -13.93 -1.43
N TRP A 380 -10.80 -14.30 -2.70
CA TRP A 380 -9.99 -13.75 -3.76
C TRP A 380 -10.09 -12.23 -3.78
N GLY A 381 -8.98 -11.55 -4.05
CA GLY A 381 -9.00 -10.09 -4.10
C GLY A 381 -9.11 -9.39 -2.75
N SER A 382 -9.00 -10.13 -1.65
CA SER A 382 -9.08 -9.47 -0.34
C SER A 382 -7.69 -9.00 0.04
N ILE A 383 -7.61 -7.82 0.65
CA ILE A 383 -6.33 -7.27 1.05
C ILE A 383 -6.29 -7.04 2.54
N HIS A 384 -5.24 -7.55 3.20
CA HIS A 384 -5.04 -7.33 4.62
C HIS A 384 -3.80 -6.47 4.77
N GLU A 385 -3.99 -5.20 5.11
CA GLU A 385 -2.87 -4.29 5.28
C GLU A 385 -2.44 -4.20 6.74
N ASN A 386 -1.16 -4.45 6.97
CA ASN A 386 -0.60 -4.35 8.31
C ASN A 386 -1.40 -5.10 9.39
N LEU A 387 -1.71 -6.36 9.09
CA LEU A 387 -2.42 -7.22 10.00
C LEU A 387 -1.50 -7.63 11.17
N ARG A 388 -1.99 -7.52 12.41
CA ARG A 388 -1.18 -7.88 13.59
C ARG A 388 -1.83 -9.04 14.36
N ILE A 389 -1.08 -10.11 14.57
CA ILE A 389 -1.60 -11.28 15.27
C ILE A 389 -0.67 -11.80 16.36
N LEU A 390 -1.24 -11.95 17.56
CA LEU A 390 -0.56 -12.54 18.70
C LEU A 390 -1.35 -13.84 18.85
N TYR A 391 -0.67 -14.99 18.71
CA TYR A 391 -1.36 -16.28 18.79
C TYR A 391 -0.63 -17.28 19.69
N LYS A 392 -1.24 -18.46 19.86
CA LYS A 392 -0.67 -19.54 20.66
C LYS A 392 -0.34 -20.79 19.83
N THR A 393 -1.24 -21.15 18.91
CA THR A 393 -1.09 -22.34 18.06
C THR A 393 -0.72 -22.01 16.59
N GLN A 394 -1.61 -21.30 15.90
CA GLN A 394 -1.38 -20.88 14.51
C GLN A 394 -1.74 -19.39 14.37
N GLY A 395 -0.90 -18.61 13.70
CA GLY A 395 -1.18 -17.19 13.50
C GLY A 395 -2.32 -16.98 12.50
N ALA A 396 -2.06 -17.30 11.23
CA ALA A 396 -3.06 -17.16 10.17
C ALA A 396 -3.06 -18.40 9.28
N VAL A 397 -4.23 -18.77 8.79
CA VAL A 397 -4.38 -19.94 7.91
C VAL A 397 -5.12 -19.51 6.64
N PHE A 398 -4.60 -19.92 5.47
CA PHE A 398 -5.19 -19.57 4.18
C PHE A 398 -5.42 -20.83 3.38
N ILE A 399 -6.68 -21.07 3.01
CA ILE A 399 -7.04 -22.32 2.35
C ILE A 399 -7.89 -22.14 1.12
N ASP A 400 -7.62 -22.96 0.10
CA ASP A 400 -8.42 -22.96 -1.13
C ASP A 400 -8.37 -21.63 -1.89
N SER A 401 -9.40 -21.36 -2.71
CA SER A 401 -9.43 -20.15 -3.52
C SER A 401 -9.21 -18.84 -2.76
N ASN A 402 -8.11 -18.15 -3.08
CA ASN A 402 -7.78 -16.88 -2.46
C ASN A 402 -7.00 -16.07 -3.50
N GLY A 403 -7.33 -16.29 -4.77
CA GLY A 403 -6.62 -15.65 -5.87
C GLY A 403 -6.46 -14.15 -5.81
N GLY A 404 -5.22 -13.69 -5.95
CA GLY A 404 -4.94 -12.27 -5.93
C GLY A 404 -5.04 -11.61 -4.56
N ALA A 405 -5.29 -12.39 -3.51
CA ALA A 405 -5.38 -11.84 -2.18
C ALA A 405 -3.98 -11.47 -1.72
N ALA A 406 -3.88 -10.43 -0.90
CA ALA A 406 -2.57 -9.99 -0.43
C ALA A 406 -2.56 -9.73 1.06
N VAL A 407 -1.41 -10.02 1.67
CA VAL A 407 -1.18 -9.79 3.08
C VAL A 407 0.11 -8.98 3.18
N ASN A 408 -0.05 -7.69 3.40
CA ASN A 408 1.07 -6.77 3.45
C ASN A 408 1.48 -6.28 4.83
N ASN A 409 2.79 -6.33 5.08
CA ASN A 409 3.37 -5.90 6.36
C ASN A 409 2.68 -6.48 7.60
N ALA A 410 2.33 -7.76 7.53
CA ALA A 410 1.72 -8.45 8.65
C ALA A 410 2.79 -8.56 9.74
N TYR A 411 2.37 -8.52 10.99
CA TYR A 411 3.27 -8.67 12.12
C TYR A 411 2.63 -9.78 12.93
N ILE A 412 3.11 -11.00 12.71
CA ILE A 412 2.56 -12.18 13.34
C ILE A 412 3.58 -12.77 14.31
N SER A 413 3.15 -13.00 15.55
CA SER A 413 4.04 -13.51 16.57
C SER A 413 3.35 -14.40 17.58
N ARG A 414 4.01 -15.47 18.00
CA ARG A 414 3.44 -16.28 19.07
C ARG A 414 3.85 -15.47 20.27
N LEU A 415 3.09 -15.53 21.35
CA LEU A 415 3.48 -14.76 22.54
C LEU A 415 4.60 -15.55 23.23
N GLY A 416 5.82 -15.38 22.72
CA GLY A 416 6.98 -16.09 23.24
C GLY A 416 7.01 -17.49 22.65
N ASN A 417 8.15 -18.16 22.72
CA ASN A 417 8.25 -19.51 22.16
C ASN A 417 8.24 -20.65 23.20
N THR A 418 7.99 -20.29 24.47
CA THR A 418 7.93 -21.29 25.55
C THR A 418 6.86 -22.34 25.23
N ASN A 419 7.32 -23.58 25.07
CA ASN A 419 6.44 -24.72 24.73
C ASN A 419 5.83 -24.63 23.33
N GLY A 420 6.38 -23.76 22.50
CA GLY A 420 5.91 -23.60 21.13
C GLY A 420 6.01 -24.90 20.36
N GLU A 421 7.10 -25.63 20.60
CA GLU A 421 7.35 -26.92 19.94
C GLU A 421 6.25 -27.95 20.17
N LEU A 422 5.50 -27.80 21.26
CA LEU A 422 4.44 -28.75 21.58
C LEU A 422 3.11 -28.42 20.93
N GLU A 423 2.96 -27.20 20.42
CA GLU A 423 1.69 -26.82 19.80
C GLU A 423 1.40 -27.70 18.60
N GLN A 424 0.14 -28.10 18.45
CA GLN A 424 -0.26 -28.94 17.32
C GLN A 424 -1.19 -28.18 16.39
N ALA A 425 -0.75 -27.96 15.15
CA ALA A 425 -1.54 -27.23 14.17
C ALA A 425 -2.93 -27.82 14.02
N VAL A 426 -3.93 -26.94 14.06
CA VAL A 426 -5.33 -27.34 13.94
C VAL A 426 -5.77 -27.51 12.50
N TYR A 427 -5.55 -26.46 11.70
CA TYR A 427 -5.93 -26.47 10.29
C TYR A 427 -4.65 -26.50 9.46
N LYS A 428 -4.43 -27.61 8.77
CA LYS A 428 -3.21 -27.77 8.00
C LYS A 428 -3.41 -28.85 6.95
N PRO A 429 -2.52 -28.92 5.95
CA PRO A 429 -2.67 -29.98 4.95
C PRO A 429 -2.21 -31.34 5.48
N ALA A 430 -2.68 -32.41 4.86
CA ALA A 430 -2.32 -33.77 5.26
C ALA A 430 -0.81 -33.99 5.29
N GLY A 431 -0.11 -33.43 4.31
CA GLY A 431 1.34 -33.56 4.23
C GLY A 431 2.12 -32.98 5.39
N PHE A 432 1.48 -32.15 6.21
CA PHE A 432 2.20 -31.59 7.35
C PHE A 432 1.81 -32.37 8.60
N THR A 433 2.77 -33.08 9.18
CA THR A 433 2.49 -33.90 10.35
C THR A 433 3.41 -33.62 11.52
N GLU A 434 4.28 -32.62 11.38
CA GLU A 434 5.19 -32.26 12.45
C GLU A 434 4.43 -31.54 13.54
N VAL A 435 5.08 -31.43 14.70
CA VAL A 435 4.50 -30.77 15.85
C VAL A 435 5.24 -29.47 16.07
N GLY A 436 4.49 -28.42 16.39
CA GLY A 436 5.07 -27.11 16.60
C GLY A 436 4.08 -26.09 16.09
N ASP A 437 4.17 -24.87 16.62
CA ASP A 437 3.26 -23.81 16.22
C ASP A 437 3.62 -23.32 14.82
N VAL A 438 2.62 -22.82 14.11
CA VAL A 438 2.85 -22.32 12.75
C VAL A 438 2.29 -20.93 12.61
N ALA A 439 3.16 -19.96 12.35
CA ALA A 439 2.72 -18.58 12.17
C ALA A 439 1.79 -18.45 10.94
N VAL A 440 2.23 -18.94 9.79
CA VAL A 440 1.40 -18.87 8.58
C VAL A 440 1.27 -20.24 7.91
N THR A 441 0.03 -20.68 7.70
CA THR A 441 -0.24 -21.96 7.05
C THR A 441 -1.03 -21.71 5.79
N GLN A 442 -0.68 -22.39 4.70
CA GLN A 442 -1.41 -22.22 3.45
C GLN A 442 -1.47 -23.53 2.66
N PHE A 443 -2.64 -23.85 2.09
CA PHE A 443 -2.78 -25.08 1.30
C PHE A 443 -4.04 -25.09 0.43
N ALA A 444 -4.23 -26.20 -0.29
CA ALA A 444 -5.38 -26.43 -1.17
C ALA A 444 -5.47 -25.48 -2.38
N GLY A 445 -4.34 -24.96 -2.85
CA GLY A 445 -4.37 -24.08 -4.00
C GLY A 445 -4.48 -22.60 -3.70
N SER A 446 -4.35 -22.25 -2.42
CA SER A 446 -4.37 -20.85 -2.01
C SER A 446 -3.01 -20.26 -2.35
N GLU A 447 -3.01 -19.07 -2.95
CA GLU A 447 -1.75 -18.42 -3.32
C GLU A 447 -1.76 -16.92 -2.97
N VAL A 448 -1.85 -16.65 -1.68
CA VAL A 448 -1.84 -15.29 -1.14
C VAL A 448 -0.43 -14.76 -1.26
N LYS A 449 -0.28 -13.47 -1.57
CA LYS A 449 1.03 -12.87 -1.65
C LYS A 449 1.40 -12.29 -0.29
N PHE A 450 2.54 -12.72 0.26
CA PHE A 450 2.98 -12.22 1.56
C PHE A 450 4.14 -11.25 1.34
N ASN A 451 3.87 -9.98 1.57
CA ASN A 451 4.87 -8.94 1.37
C ASN A 451 5.38 -8.36 2.66
N SER A 452 6.70 -8.39 2.81
CA SER A 452 7.37 -7.90 4.03
C SER A 452 6.72 -8.35 5.34
N PRO A 453 6.40 -9.65 5.45
CA PRO A 453 5.81 -10.01 6.75
C PRO A 453 6.90 -10.06 7.82
N ILE A 454 6.51 -9.81 9.06
CA ILE A 454 7.42 -9.90 10.20
C ILE A 454 6.87 -11.06 11.00
N ILE A 455 7.68 -12.11 11.15
CA ILE A 455 7.27 -13.33 11.86
C ILE A 455 8.17 -13.59 13.06
N GLU A 456 7.59 -13.72 14.25
CA GLU A 456 8.37 -13.91 15.47
C GLU A 456 7.98 -15.10 16.36
N GLN A 457 8.98 -15.67 17.03
CA GLN A 457 8.82 -16.79 17.97
C GLN A 457 8.07 -18.01 17.49
N ALA A 458 8.19 -18.35 16.21
CA ALA A 458 7.46 -19.51 15.68
C ALA A 458 8.35 -20.75 15.51
N SER A 459 7.73 -21.92 15.65
CA SER A 459 8.45 -23.17 15.44
C SER A 459 8.57 -23.31 13.93
N PHE A 460 7.49 -22.94 13.24
CA PHE A 460 7.42 -22.98 11.79
C PHE A 460 6.89 -21.62 11.33
N ASP A 461 7.71 -20.87 10.61
CA ASP A 461 7.28 -19.56 10.11
C ASP A 461 6.18 -19.70 9.07
N PHE A 462 6.42 -20.56 8.10
CA PHE A 462 5.47 -20.81 7.03
C PHE A 462 5.39 -22.28 6.72
N VAL A 463 4.17 -22.76 6.50
CA VAL A 463 3.97 -24.13 6.10
C VAL A 463 3.06 -23.95 4.89
N HIS A 464 3.48 -24.41 3.73
CA HIS A 464 2.68 -24.21 2.51
C HIS A 464 2.65 -25.48 1.69
N ALA A 465 1.47 -25.88 1.25
CA ALA A 465 1.35 -27.04 0.41
C ALA A 465 0.68 -26.64 -0.90
N GLY A 466 1.22 -27.10 -2.02
CA GLY A 466 0.60 -26.81 -3.30
C GLY A 466 -0.63 -27.68 -3.40
N ARG A 467 -1.48 -27.43 -4.38
CA ARG A 467 -2.69 -28.22 -4.57
C ARG A 467 -2.31 -29.67 -4.89
N ASP A 468 -3.00 -30.61 -4.25
CA ASP A 468 -2.74 -32.06 -4.40
C ASP A 468 -2.60 -32.58 -5.83
N THR A 469 -3.57 -32.23 -6.66
CA THR A 469 -3.61 -32.71 -8.03
C THR A 469 -2.50 -32.21 -8.97
N ASP A 470 -2.19 -30.92 -8.93
CA ASP A 470 -1.23 -30.38 -9.89
C ASP A 470 -0.18 -29.43 -9.37
N SER A 471 0.05 -29.42 -8.05
CA SER A 471 1.06 -28.56 -7.43
C SER A 471 0.81 -27.06 -7.60
N TYR A 472 -0.42 -26.71 -8.00
CA TYR A 472 -0.78 -25.30 -8.20
C TYR A 472 -0.73 -24.52 -6.89
N GLY A 473 -0.38 -23.24 -6.98
CA GLY A 473 -0.35 -22.40 -5.80
C GLY A 473 1.06 -22.04 -5.39
N LEU A 474 1.57 -20.98 -6.00
CA LEU A 474 2.92 -20.52 -5.72
C LEU A 474 3.04 -19.91 -4.33
N PHE A 475 4.09 -20.30 -3.61
CA PHE A 475 4.37 -19.77 -2.30
C PHE A 475 5.18 -18.49 -2.53
N MET A 476 4.59 -17.33 -2.26
CA MET A 476 5.27 -16.06 -2.50
C MET A 476 5.48 -15.25 -1.24
N VAL A 477 6.73 -15.10 -0.85
CA VAL A 477 7.07 -14.31 0.31
C VAL A 477 8.20 -13.36 -0.05
N ASP A 478 7.96 -12.06 0.12
CA ASP A 478 8.95 -11.07 -0.23
C ASP A 478 9.52 -10.38 1.00
N LYS A 479 10.80 -10.61 1.23
CA LYS A 479 11.55 -10.00 2.34
C LYS A 479 10.95 -10.23 3.74
N PRO A 480 10.86 -11.50 4.14
CA PRO A 480 10.30 -11.74 5.47
C PRO A 480 11.31 -11.40 6.57
N HIS A 481 10.83 -10.76 7.63
CA HIS A 481 11.67 -10.43 8.75
C HIS A 481 11.39 -11.53 9.77
N ILE A 482 12.26 -12.53 9.82
CA ILE A 482 12.06 -13.66 10.72
C ILE A 482 12.98 -13.67 11.92
N GLU A 483 12.40 -13.73 13.11
CA GLU A 483 13.18 -13.77 14.36
C GLU A 483 12.56 -14.69 15.41
N SER A 484 13.40 -15.24 16.28
CA SER A 484 12.92 -16.12 17.34
C SER A 484 13.91 -16.12 18.51
N SER A 485 13.39 -15.90 19.71
CA SER A 485 14.21 -15.85 20.92
C SER A 485 14.95 -17.16 21.17
N GLY A 486 16.21 -17.03 21.57
CA GLY A 486 17.04 -18.19 21.87
C GLY A 486 17.38 -19.00 20.64
N GLY A 487 17.08 -18.46 19.46
CA GLY A 487 17.33 -19.14 18.20
C GLY A 487 16.52 -20.43 18.07
N LYS A 488 15.39 -20.45 18.76
CA LYS A 488 14.49 -21.61 18.80
C LYS A 488 13.59 -21.66 17.56
N LYS A 489 13.72 -22.73 16.77
CA LYS A 489 12.94 -22.87 15.55
C LYS A 489 13.13 -24.24 14.89
N LYS A 490 12.09 -24.72 14.22
CA LYS A 490 12.21 -25.97 13.49
C LYS A 490 12.54 -25.68 12.01
N HIS A 491 11.63 -25.00 11.31
CA HIS A 491 11.86 -24.62 9.91
C HIS A 491 11.19 -23.29 9.61
N SER A 492 11.73 -22.57 8.63
CA SER A 492 11.11 -21.29 8.24
C SER A 492 10.14 -21.49 7.09
N PHE A 493 10.56 -22.27 6.11
CA PHE A 493 9.71 -22.53 4.96
C PHE A 493 9.57 -24.01 4.81
N TYR A 494 8.42 -24.54 5.23
CA TYR A 494 8.14 -25.96 5.12
C TYR A 494 7.27 -26.09 3.88
N LEU A 495 7.88 -26.52 2.78
CA LEU A 495 7.18 -26.58 1.49
C LEU A 495 6.84 -27.98 0.99
N ILE A 496 5.55 -28.19 0.74
CA ILE A 496 5.03 -29.48 0.31
C ILE A 496 4.38 -29.43 -1.06
N ASN A 497 4.90 -30.25 -1.98
CA ASN A 497 4.35 -30.36 -3.32
C ASN A 497 4.09 -28.97 -3.90
N THR A 498 5.12 -28.15 -3.94
CA THR A 498 4.96 -26.79 -4.44
C THR A 498 6.23 -26.16 -4.99
N SER A 499 6.03 -25.02 -5.66
CA SER A 499 7.09 -24.17 -6.18
C SER A 499 7.02 -22.97 -5.25
N SER A 500 8.01 -22.08 -5.35
CA SER A 500 8.04 -20.88 -4.52
C SER A 500 9.04 -19.88 -5.08
N ASN A 501 8.82 -18.61 -4.76
CA ASN A 501 9.73 -17.53 -5.12
C ASN A 501 9.84 -16.75 -3.80
N VAL A 502 11.01 -16.81 -3.17
CA VAL A 502 11.26 -16.12 -1.90
C VAL A 502 12.43 -15.15 -2.04
N THR A 503 12.28 -13.93 -1.54
CA THR A 503 13.40 -12.97 -1.57
C THR A 503 13.85 -12.74 -0.12
N LEU A 504 15.08 -13.09 0.22
CA LEU A 504 15.57 -12.90 1.59
C LEU A 504 16.10 -11.49 1.78
N SER A 505 15.94 -10.96 2.98
CA SER A 505 16.39 -9.61 3.27
C SER A 505 17.50 -9.57 4.30
N GLY A 506 18.32 -10.62 4.35
CA GLY A 506 19.43 -10.69 5.28
C GLY A 506 19.02 -10.91 6.73
N VAL A 507 17.77 -11.33 6.95
CA VAL A 507 17.27 -11.59 8.30
C VAL A 507 16.73 -13.01 8.35
N GLY A 508 17.17 -13.79 9.33
CA GLY A 508 16.71 -15.17 9.46
C GLY A 508 17.65 -15.99 10.32
N LEU A 509 17.36 -17.29 10.44
CA LEU A 509 18.15 -18.19 11.25
C LEU A 509 17.63 -19.61 11.10
N SER A 510 18.35 -20.57 11.65
CA SER A 510 17.91 -21.96 11.66
C SER A 510 18.04 -22.43 13.11
N GLY A 511 17.21 -23.40 13.49
CA GLY A 511 17.17 -23.92 14.85
C GLY A 511 18.41 -24.49 15.51
N GLN A 512 18.28 -24.80 16.80
CA GLN A 512 19.38 -25.33 17.59
C GLN A 512 19.68 -26.84 17.41
N ASP A 513 18.84 -27.56 16.66
CA ASP A 513 19.11 -28.97 16.39
C ASP A 513 20.03 -29.03 15.18
N PRO A 514 21.30 -29.41 15.39
CA PRO A 514 22.31 -29.47 14.32
C PRO A 514 22.05 -30.50 13.23
N ASP A 515 20.97 -31.28 13.33
CA ASP A 515 20.66 -32.29 12.34
C ASP A 515 19.31 -32.08 11.66
N LEU A 516 18.29 -31.76 12.43
CA LEU A 516 16.95 -31.61 11.88
C LEU A 516 16.53 -30.20 11.42
N ASP A 517 16.98 -29.17 12.13
CA ASP A 517 16.56 -27.80 11.82
C ASP A 517 17.22 -27.15 10.60
N SER A 518 16.40 -26.61 9.71
CA SER A 518 16.90 -25.92 8.51
C SER A 518 15.94 -24.82 8.07
N MET A 519 16.45 -23.87 7.31
CA MET A 519 15.64 -22.76 6.83
C MET A 519 14.49 -23.28 5.97
N TYR A 520 14.83 -24.20 5.05
CA TYR A 520 13.85 -24.81 4.16
C TYR A 520 13.69 -26.29 4.41
N PHE A 521 12.48 -26.80 4.20
CA PHE A 521 12.25 -28.24 4.23
C PHE A 521 11.40 -28.48 3.01
N LEU A 522 11.94 -29.21 2.05
CA LEU A 522 11.21 -29.46 0.82
C LEU A 522 10.61 -30.85 0.86
N LYS A 523 9.30 -30.91 1.06
CA LYS A 523 8.64 -32.20 1.14
C LYS A 523 7.90 -32.58 -0.13
N ASN A 524 8.43 -33.60 -0.80
CA ASN A 524 7.82 -34.14 -2.01
C ASN A 524 7.44 -33.13 -3.09
N CYS A 525 8.33 -32.17 -3.30
CA CYS A 525 8.10 -31.18 -4.35
C CYS A 525 8.39 -31.93 -5.66
N PRO A 526 7.50 -31.77 -6.66
CA PRO A 526 7.63 -32.46 -7.94
C PRO A 526 8.80 -32.01 -8.80
N GLU A 527 9.13 -32.83 -9.79
CA GLU A 527 10.24 -32.59 -10.71
C GLU A 527 10.17 -31.25 -11.43
N THR A 528 8.96 -30.83 -11.76
CA THR A 528 8.73 -29.58 -12.47
C THR A 528 8.72 -28.36 -11.56
N ALA A 529 8.69 -28.56 -10.26
CA ALA A 529 8.67 -27.41 -9.36
C ALA A 529 10.04 -26.77 -9.20
N ARG A 530 10.03 -25.51 -8.76
CA ARG A 530 11.24 -24.76 -8.50
C ARG A 530 10.98 -23.89 -7.25
N ASN A 531 11.90 -23.94 -6.32
CA ASN A 531 11.81 -23.15 -5.11
C ASN A 531 12.99 -22.20 -5.17
N VAL A 532 12.70 -20.99 -5.65
CA VAL A 532 13.70 -19.97 -5.92
C VAL A 532 14.01 -19.05 -4.76
N VAL A 533 15.31 -18.91 -4.52
CA VAL A 533 15.82 -18.12 -3.42
C VAL A 533 16.64 -16.96 -3.95
N ARG A 534 16.19 -15.74 -3.69
CA ARG A 534 16.92 -14.53 -4.08
C ARG A 534 17.21 -13.74 -2.81
N GLY A 535 17.94 -12.66 -2.95
CA GLY A 535 18.25 -11.79 -1.82
C GLY A 535 19.48 -12.15 -1.02
N GLN A 536 19.48 -11.73 0.24
CA GLN A 536 20.61 -11.94 1.16
C GLN A 536 20.35 -12.96 2.27
N MET A 537 21.29 -13.89 2.44
CA MET A 537 21.21 -14.89 3.50
C MET A 537 21.42 -14.18 4.83
N PRO A 538 20.99 -14.79 5.94
CA PRO A 538 21.23 -14.17 7.25
C PRO A 538 22.73 -13.99 7.48
N ILE A 539 23.12 -13.02 8.31
CA ILE A 539 24.53 -12.80 8.59
C ILE A 539 25.14 -14.01 9.29
N SER A 540 24.40 -14.55 10.26
CA SER A 540 24.87 -15.71 11.01
C SER A 540 24.65 -16.99 10.21
N GLY A 541 25.49 -17.98 10.44
CA GLY A 541 25.38 -19.24 9.74
C GLY A 541 24.07 -19.97 9.98
N VAL A 542 23.54 -20.56 8.93
CA VAL A 542 22.31 -21.33 9.04
C VAL A 542 22.49 -22.59 8.21
N LYS A 543 21.62 -23.56 8.42
CA LYS A 543 21.63 -24.76 7.60
C LYS A 543 20.50 -24.43 6.62
N LEU A 544 20.83 -24.39 5.34
CA LEU A 544 19.86 -24.01 4.32
C LEU A 544 18.69 -24.92 4.00
N VAL A 545 18.95 -26.20 3.72
CA VAL A 545 17.84 -27.05 3.28
C VAL A 545 17.92 -28.54 3.61
N ARG A 546 16.75 -29.13 3.86
CA ARG A 546 16.59 -30.55 4.12
C ARG A 546 15.31 -30.92 3.34
N GLY A 547 15.07 -32.20 3.11
CA GLY A 547 13.88 -32.58 2.37
C GLY A 547 13.58 -34.06 2.24
N THR A 548 12.45 -34.34 1.60
CA THR A 548 11.99 -35.70 1.36
C THR A 548 11.47 -35.73 -0.06
N GLY A 549 11.88 -36.72 -0.83
CA GLY A 549 11.46 -36.79 -2.20
C GLY A 549 12.65 -37.00 -3.09
N ASN A 550 12.36 -37.39 -4.33
CA ASN A 550 13.40 -37.71 -5.31
C ASN A 550 13.83 -36.60 -6.26
N TYR A 551 13.22 -35.43 -6.13
CA TYR A 551 13.57 -34.35 -7.04
C TYR A 551 14.10 -33.09 -6.38
N PRO A 552 15.28 -32.63 -6.82
CA PRO A 552 15.82 -31.38 -6.27
C PRO A 552 15.06 -30.23 -6.91
N THR A 553 14.74 -29.18 -6.15
CA THR A 553 14.00 -28.05 -6.70
C THR A 553 14.50 -26.69 -6.23
N LEU A 554 15.40 -26.65 -5.25
CA LEU A 554 15.90 -25.38 -4.78
C LEU A 554 16.80 -24.70 -5.81
N VAL A 555 16.58 -23.41 -6.02
CA VAL A 555 17.37 -22.66 -6.97
C VAL A 555 17.97 -21.44 -6.28
N LEU A 556 19.29 -21.30 -6.37
CA LEU A 556 19.94 -20.11 -5.83
C LEU A 556 20.06 -19.14 -7.00
N ASP A 557 19.20 -18.14 -7.03
CA ASP A 557 19.26 -17.14 -8.10
C ASP A 557 20.00 -15.91 -7.59
N CYS A 558 21.30 -15.86 -7.87
CA CYS A 558 22.15 -14.74 -7.47
C CYS A 558 22.09 -14.44 -5.98
N THR A 559 21.78 -15.45 -5.19
CA THR A 559 21.69 -15.29 -3.77
C THR A 559 23.00 -14.76 -3.18
N ASN A 560 22.90 -13.73 -2.34
CA ASN A 560 24.05 -13.16 -1.66
C ASN A 560 24.25 -14.11 -0.48
N MET A 561 25.25 -14.99 -0.59
CA MET A 561 25.55 -16.00 0.44
C MET A 561 26.35 -15.47 1.64
N GLY A 562 26.86 -14.26 1.54
CA GLY A 562 27.64 -13.69 2.61
C GLY A 562 28.75 -14.63 3.01
N SER A 563 28.81 -14.97 4.29
CA SER A 563 29.85 -15.85 4.79
C SER A 563 29.29 -17.21 5.17
N GLN A 564 28.20 -17.60 4.52
CA GLN A 564 27.54 -18.88 4.78
C GLN A 564 28.41 -20.08 4.45
N PHE A 565 29.29 -19.95 3.46
CA PHE A 565 30.18 -21.07 3.09
C PHE A 565 31.09 -21.39 4.27
N GLN A 566 31.50 -20.35 4.97
CA GLN A 566 32.41 -20.46 6.12
C GLN A 566 31.77 -20.81 7.47
N PHE A 567 30.62 -20.22 7.79
CA PHE A 567 29.94 -20.43 9.07
C PHE A 567 28.61 -21.16 9.03
N GLY A 568 28.06 -21.36 7.82
CA GLY A 568 26.78 -22.04 7.69
C GLY A 568 26.91 -23.43 7.11
N GLU A 569 25.79 -24.01 6.72
CA GLU A 569 25.75 -25.34 6.13
C GLU A 569 24.69 -25.41 5.04
N VAL A 570 24.84 -26.32 4.08
CA VAL A 570 23.82 -26.47 3.05
C VAL A 570 22.76 -27.41 3.60
N GLY A 571 23.20 -28.40 4.36
CA GLY A 571 22.30 -29.40 4.89
C GLY A 571 22.35 -30.57 3.93
N ASP A 572 21.33 -30.69 3.08
CA ASP A 572 21.27 -31.77 2.12
C ASP A 572 21.41 -31.23 0.68
N ILE A 573 22.63 -31.27 0.16
CA ILE A 573 22.93 -30.78 -1.19
C ILE A 573 22.09 -31.42 -2.29
N PHE A 574 21.50 -32.58 -1.99
CA PHE A 574 20.69 -33.26 -2.98
C PHE A 574 19.53 -32.42 -3.46
N TYR A 575 18.98 -31.57 -2.59
CA TYR A 575 17.80 -30.78 -2.93
C TYR A 575 18.00 -29.49 -3.73
N ILE A 576 19.25 -29.14 -3.98
CA ILE A 576 19.55 -27.95 -4.77
C ILE A 576 19.53 -28.34 -6.23
N LYS A 577 18.66 -27.69 -7.00
CA LYS A 577 18.48 -27.96 -8.43
C LYS A 577 19.50 -27.22 -9.28
N ASP A 578 19.64 -25.92 -9.07
CA ASP A 578 20.63 -25.15 -9.83
C ASP A 578 21.02 -23.85 -9.13
N VAL A 579 22.14 -23.29 -9.56
CA VAL A 579 22.69 -22.08 -8.97
C VAL A 579 23.09 -21.14 -10.06
N VAL A 580 22.72 -19.87 -9.91
CA VAL A 580 23.06 -18.84 -10.86
C VAL A 580 23.78 -17.72 -10.10
N GLY A 581 24.89 -17.22 -10.64
CA GLY A 581 25.57 -16.11 -10.01
C GLY A 581 26.20 -16.29 -8.64
N VAL A 582 26.47 -17.54 -8.27
CA VAL A 582 27.13 -17.84 -6.99
C VAL A 582 28.32 -18.72 -7.35
N LYS A 583 29.53 -18.25 -7.09
CA LYS A 583 30.73 -19.03 -7.43
C LYS A 583 31.67 -19.29 -6.25
N ALA A 584 32.56 -20.27 -6.43
CA ALA A 584 33.57 -20.61 -5.43
C ALA A 584 34.71 -21.29 -6.16
N ASP A 585 35.94 -20.92 -5.82
CA ASP A 585 37.11 -21.48 -6.49
C ASP A 585 37.44 -22.93 -6.18
N THR A 586 37.23 -23.34 -4.94
CA THR A 586 37.63 -24.68 -4.52
C THR A 586 36.67 -25.41 -3.60
N LEU A 587 36.58 -26.73 -3.82
CA LEU A 587 35.79 -27.63 -3.01
C LEU A 587 36.76 -28.44 -2.13
N TYR A 588 36.58 -28.35 -0.82
CA TYR A 588 37.44 -29.03 0.15
C TYR A 588 36.82 -30.31 0.69
N ILE A 589 37.59 -31.39 0.62
CA ILE A 589 37.16 -32.69 1.10
C ILE A 589 38.11 -33.13 2.22
N ASP A 590 37.54 -33.68 3.28
CA ASP A 590 38.31 -34.18 4.42
C ASP A 590 37.62 -35.46 4.87
N PRO A 591 38.19 -36.61 4.50
CA PRO A 591 37.60 -37.90 4.86
C PRO A 591 37.63 -38.17 6.36
N VAL A 592 38.43 -37.39 7.09
CA VAL A 592 38.55 -37.54 8.53
C VAL A 592 37.69 -36.54 9.32
N ASN A 593 37.98 -35.24 9.15
CA ASN A 593 37.26 -34.18 9.87
C ASN A 593 36.17 -33.44 9.11
N GLY A 594 35.68 -34.02 8.00
CA GLY A 594 34.66 -33.37 7.20
C GLY A 594 33.24 -33.67 7.62
N ASN A 595 32.31 -32.79 7.22
CA ASN A 595 30.89 -32.93 7.52
C ASN A 595 30.10 -32.66 6.26
N ASN A 596 29.31 -33.64 5.83
CA ASN A 596 28.52 -33.48 4.62
C ASN A 596 27.44 -32.39 4.66
N TYR A 597 27.20 -31.81 5.84
CA TYR A 597 26.21 -30.72 5.96
C TYR A 597 26.85 -29.47 5.42
N ASN A 598 28.17 -29.40 5.49
CA ASN A 598 28.87 -28.21 5.04
C ASN A 598 28.73 -27.97 3.54
N TRP A 599 28.97 -26.72 3.15
CA TRP A 599 28.92 -26.34 1.76
C TRP A 599 30.12 -27.01 1.10
N GLY A 600 31.27 -26.91 1.77
CA GLY A 600 32.50 -27.52 1.29
C GLY A 600 33.35 -26.59 0.47
N THR A 601 32.85 -25.38 0.22
CA THR A 601 33.57 -24.39 -0.59
C THR A 601 34.46 -23.45 0.21
N ASN A 602 34.48 -23.61 1.54
CA ASN A 602 35.38 -22.83 2.37
C ASN A 602 36.27 -23.84 3.06
N GLY A 603 37.56 -23.51 3.18
CA GLY A 603 38.53 -24.43 3.73
C GLY A 603 38.34 -24.92 5.14
N THR A 604 37.74 -24.09 5.98
CA THR A 604 37.50 -24.45 7.37
C THR A 604 36.27 -25.33 7.53
N LYS A 605 35.48 -25.48 6.47
CA LYS A 605 34.28 -26.33 6.55
C LYS A 605 34.18 -27.26 5.35
N PRO A 606 35.08 -28.25 5.27
CA PRO A 606 35.08 -29.20 4.16
C PRO A 606 34.00 -30.27 4.31
N ILE A 607 33.64 -30.93 3.22
CA ILE A 607 32.67 -32.02 3.26
C ILE A 607 33.44 -33.34 3.52
N ARG A 608 32.73 -34.45 3.60
CA ARG A 608 33.37 -35.73 3.93
C ARG A 608 33.48 -36.73 2.77
N GLU A 609 32.39 -36.95 2.05
CA GLU A 609 32.35 -37.92 0.95
C GLU A 609 32.60 -37.30 -0.43
N LEU A 610 32.80 -38.15 -1.43
CA LEU A 610 33.05 -37.74 -2.81
C LEU A 610 31.77 -37.84 -3.67
N THR A 611 30.72 -38.39 -3.09
CA THR A 611 29.46 -38.63 -3.80
C THR A 611 28.95 -37.47 -4.66
N ASN A 612 28.98 -36.28 -4.10
CA ASN A 612 28.46 -35.13 -4.81
C ASN A 612 29.47 -34.10 -5.31
N ILE A 613 30.75 -34.46 -5.37
CA ILE A 613 31.75 -33.47 -5.79
C ILE A 613 31.57 -32.95 -7.20
N ALA A 614 31.10 -33.80 -8.12
CA ALA A 614 30.88 -33.35 -9.50
C ALA A 614 29.71 -32.36 -9.55
N LYS A 615 28.62 -32.70 -8.87
CA LYS A 615 27.45 -31.82 -8.81
C LYS A 615 27.81 -30.48 -8.17
N ILE A 616 28.53 -30.51 -7.05
CA ILE A 616 28.92 -29.28 -6.36
C ILE A 616 29.84 -28.40 -7.22
N CYS A 617 30.83 -29.00 -7.88
CA CYS A 617 31.72 -28.22 -8.74
C CYS A 617 30.93 -27.59 -9.90
N GLN A 618 29.96 -28.32 -10.43
CA GLN A 618 29.14 -27.81 -11.54
C GLN A 618 28.33 -26.60 -11.07
N LEU A 619 27.70 -26.74 -9.91
CA LEU A 619 26.86 -25.68 -9.33
C LEU A 619 27.62 -24.40 -9.02
N PHE A 620 28.82 -24.50 -8.45
CA PHE A 620 29.58 -23.31 -8.07
C PHE A 620 30.78 -22.97 -8.94
N ARG A 621 30.94 -23.69 -10.05
CA ARG A 621 32.03 -23.44 -11.01
C ARG A 621 33.41 -23.47 -10.37
N CYS A 622 33.65 -24.48 -9.54
CA CYS A 622 34.95 -24.62 -8.87
C CYS A 622 36.03 -24.95 -9.87
N LYS A 623 37.23 -24.42 -9.63
CA LYS A 623 38.36 -24.67 -10.51
C LYS A 623 39.22 -25.81 -9.96
N SER A 624 39.03 -26.13 -8.69
CA SER A 624 39.85 -27.18 -8.11
C SER A 624 39.19 -27.84 -6.91
N VAL A 625 39.65 -29.05 -6.59
CA VAL A 625 39.19 -29.82 -5.45
C VAL A 625 40.42 -30.09 -4.57
N TYR A 626 40.30 -29.80 -3.28
CA TYR A 626 41.43 -30.03 -2.38
C TYR A 626 41.15 -31.23 -1.48
N LEU A 627 42.03 -32.22 -1.53
CA LEU A 627 41.87 -33.42 -0.73
C LEU A 627 42.77 -33.37 0.51
N ASN A 628 42.15 -33.28 1.68
CA ASN A 628 42.89 -33.26 2.93
C ASN A 628 43.40 -34.67 3.20
N ALA A 629 44.38 -34.78 4.10
CA ALA A 629 45.01 -36.06 4.43
C ALA A 629 44.03 -37.19 4.71
N GLY A 630 44.34 -38.36 4.18
CA GLY A 630 43.49 -39.52 4.34
C GLY A 630 43.05 -40.03 3.00
N GLU A 631 42.40 -41.19 3.00
CA GLU A 631 41.93 -41.80 1.78
C GLU A 631 40.45 -41.46 1.53
N SER A 632 40.14 -40.93 0.34
CA SER A 632 38.77 -40.63 -0.07
C SER A 632 38.38 -41.82 -0.92
N VAL A 633 37.30 -42.50 -0.56
CA VAL A 633 36.94 -43.70 -1.28
C VAL A 633 35.55 -43.72 -1.90
N ILE A 634 35.38 -44.53 -2.93
CA ILE A 634 34.08 -44.72 -3.53
C ILE A 634 33.86 -46.24 -3.52
N THR A 635 32.61 -46.67 -3.50
CA THR A 635 32.30 -48.10 -3.51
C THR A 635 31.38 -48.40 -4.69
N SER A 636 30.91 -47.34 -5.33
CA SER A 636 30.08 -47.45 -6.52
C SER A 636 30.59 -46.36 -7.47
N ASN A 637 30.38 -46.54 -8.77
CA ASN A 637 30.87 -45.57 -9.76
C ASN A 637 30.44 -44.14 -9.46
N THR A 638 31.44 -43.26 -9.36
CA THR A 638 31.22 -41.86 -9.04
C THR A 638 31.92 -40.91 -10.02
N GLU A 639 31.17 -39.96 -10.55
CA GLU A 639 31.71 -38.98 -11.48
C GLU A 639 32.70 -38.02 -10.84
N LEU A 640 33.77 -37.68 -11.56
CA LEU A 640 34.72 -36.71 -11.08
C LEU A 640 34.61 -35.46 -11.95
N PRO A 641 34.66 -34.26 -11.33
CA PRO A 641 34.61 -33.06 -12.16
C PRO A 641 35.94 -32.88 -12.90
N MET A 642 35.89 -32.31 -14.09
CA MET A 642 37.11 -32.08 -14.86
C MET A 642 37.84 -30.84 -14.37
N VAL A 643 38.47 -30.96 -13.20
CA VAL A 643 39.19 -29.86 -12.56
C VAL A 643 40.53 -30.34 -12.00
N VAL A 644 41.25 -29.45 -11.34
CA VAL A 644 42.53 -29.77 -10.72
C VAL A 644 42.33 -30.32 -9.30
N PHE A 645 42.86 -31.51 -9.03
CA PHE A 645 42.80 -32.10 -7.70
C PHE A 645 44.19 -31.95 -7.07
N GLU A 646 44.26 -31.37 -5.87
CA GLU A 646 45.54 -31.21 -5.16
C GLU A 646 45.35 -31.60 -3.68
N GLY A 647 46.39 -31.44 -2.87
CA GLY A 647 46.29 -31.80 -1.47
C GLY A 647 46.96 -33.13 -1.15
N PRO A 648 47.19 -33.41 0.15
CA PRO A 648 47.87 -34.63 0.60
C PRO A 648 47.01 -35.89 0.56
N GLY A 649 45.72 -35.75 0.31
CA GLY A 649 44.84 -36.90 0.28
C GLY A 649 45.10 -37.83 -0.89
N SER A 650 44.42 -38.97 -0.88
CA SER A 650 44.53 -39.96 -1.93
C SER A 650 43.12 -40.36 -2.37
N LEU A 651 42.99 -40.91 -3.57
CA LEU A 651 41.69 -41.35 -4.06
C LEU A 651 41.72 -42.86 -4.23
N LYS A 652 40.64 -43.52 -3.84
CA LYS A 652 40.57 -44.98 -3.92
C LYS A 652 39.21 -45.46 -4.41
N ALA A 653 39.22 -46.42 -5.32
CA ALA A 653 37.97 -46.98 -5.83
C ALA A 653 37.85 -48.45 -5.39
N ASN A 654 36.99 -48.71 -4.41
CA ASN A 654 36.80 -50.05 -3.88
C ASN A 654 35.58 -50.74 -4.47
N SER A 655 35.40 -52.01 -4.13
CA SER A 655 34.29 -52.82 -4.60
C SER A 655 34.26 -52.93 -6.12
N GLY A 656 35.42 -52.82 -6.75
CA GLY A 656 35.51 -52.92 -8.20
C GLY A 656 34.79 -51.80 -8.91
N SER A 657 34.69 -50.64 -8.26
CA SER A 657 34.02 -49.50 -8.88
C SER A 657 35.05 -48.69 -9.67
N SER A 658 34.56 -47.68 -10.38
CA SER A 658 35.40 -46.82 -11.21
C SER A 658 35.06 -45.35 -11.03
N PHE A 659 35.99 -44.48 -11.40
CA PHE A 659 35.71 -43.05 -11.37
C PHE A 659 35.12 -42.75 -12.76
N LEU A 660 34.11 -41.90 -12.79
CA LEU A 660 33.44 -41.58 -14.06
C LEU A 660 33.81 -40.23 -14.64
N ILE A 661 34.14 -40.23 -15.93
CA ILE A 661 34.44 -39.02 -16.68
C ILE A 661 33.32 -38.89 -17.71
N LYS A 662 32.42 -37.94 -17.45
CA LYS A 662 31.23 -37.75 -18.27
C LYS A 662 31.19 -36.42 -19.01
N ALA A 663 32.25 -35.62 -18.91
CA ALA A 663 32.32 -34.33 -19.59
C ALA A 663 33.72 -34.12 -20.14
N GLY A 664 33.84 -33.28 -21.16
CA GLY A 664 35.14 -32.99 -21.75
C GLY A 664 35.94 -32.03 -20.89
N GLY A 665 37.22 -31.84 -21.24
CA GLY A 665 38.10 -30.94 -20.52
C GLY A 665 39.35 -31.62 -20.00
N THR A 666 39.86 -31.14 -18.88
CA THR A 666 41.06 -31.73 -18.29
C THR A 666 40.89 -32.08 -16.82
N LEU A 667 41.14 -33.34 -16.50
CA LEU A 667 41.11 -33.78 -15.12
C LEU A 667 42.58 -33.90 -14.74
N SER A 668 43.01 -33.17 -13.71
CA SER A 668 44.41 -33.24 -13.27
C SER A 668 44.52 -33.67 -11.82
N LEU A 669 45.39 -34.63 -11.54
CA LEU A 669 45.65 -35.07 -10.17
C LEU A 669 47.07 -34.60 -9.90
N ILE A 670 47.20 -33.56 -9.08
CA ILE A 670 48.51 -32.97 -8.84
C ILE A 670 49.04 -33.03 -7.40
N GLY A 671 50.06 -33.85 -7.19
CA GLY A 671 50.70 -33.97 -5.89
C GLY A 671 49.93 -34.75 -4.85
N LEU A 672 48.95 -35.55 -5.29
CA LEU A 672 48.14 -36.35 -4.36
C LEU A 672 48.98 -37.50 -3.81
N SER A 673 48.48 -38.15 -2.76
CA SER A 673 49.19 -39.28 -2.19
C SER A 673 49.01 -40.48 -3.09
N GLY A 674 48.13 -40.34 -4.09
CA GLY A 674 47.91 -41.39 -5.07
C GLY A 674 46.47 -41.69 -5.44
N ILE A 675 46.31 -42.52 -6.46
CA ILE A 675 44.98 -42.98 -6.84
C ILE A 675 45.10 -44.41 -7.30
N SER A 676 44.19 -45.25 -6.85
CA SER A 676 44.19 -46.66 -7.21
C SER A 676 42.79 -47.23 -7.13
N THR A 677 42.64 -48.45 -7.63
CA THR A 677 41.37 -49.17 -7.59
C THR A 677 41.64 -50.58 -7.05
N ASP A 678 40.60 -51.25 -6.57
CA ASP A 678 40.77 -52.58 -6.04
C ASP A 678 40.50 -53.65 -7.10
N GLY A 679 40.52 -53.25 -8.37
CA GLY A 679 40.28 -54.20 -9.44
C GLY A 679 39.58 -53.66 -10.67
N GLY A 680 38.76 -52.63 -10.49
CA GLY A 680 38.04 -52.07 -11.62
C GLY A 680 38.87 -51.04 -12.38
N HIS A 681 38.45 -50.76 -13.60
CA HIS A 681 39.12 -49.76 -14.41
C HIS A 681 39.06 -48.43 -13.65
N MET A 682 40.16 -47.69 -13.67
CA MET A 682 40.23 -46.44 -12.93
C MET A 682 39.30 -45.31 -13.42
N PHE A 683 39.41 -44.95 -14.70
CA PHE A 683 38.55 -43.90 -15.28
C PHE A 683 37.71 -44.47 -16.41
N ARG A 684 36.39 -44.37 -16.27
CA ARG A 684 35.49 -44.83 -17.32
C ARG A 684 34.94 -43.60 -18.06
N VAL A 685 35.28 -43.48 -19.35
CA VAL A 685 34.86 -42.33 -20.16
C VAL A 685 33.59 -42.63 -20.95
N SER A 686 32.54 -41.83 -20.72
CA SER A 686 31.27 -41.99 -21.40
C SER A 686 30.95 -40.76 -22.25
N THR A 687 31.90 -39.86 -22.40
CA THR A 687 31.71 -38.68 -23.24
C THR A 687 32.54 -38.83 -24.52
N VAL A 688 32.05 -38.29 -25.62
CA VAL A 688 32.78 -38.35 -26.90
C VAL A 688 33.60 -37.08 -27.15
N GLU A 689 33.50 -36.13 -26.22
CA GLU A 689 34.26 -34.88 -26.30
C GLU A 689 35.72 -35.12 -25.94
N LYS A 690 36.57 -34.14 -26.24
CA LYS A 690 37.99 -34.26 -25.94
C LYS A 690 38.22 -34.31 -24.43
N VAL A 691 38.81 -35.42 -24.00
CA VAL A 691 39.15 -35.65 -22.59
C VAL A 691 40.66 -35.71 -22.42
N ASN A 692 41.17 -34.91 -21.48
CA ASN A 692 42.59 -34.91 -21.15
C ASN A 692 42.70 -35.42 -19.73
N ILE A 693 43.57 -36.39 -19.49
CA ILE A 693 43.78 -36.91 -18.14
C ILE A 693 45.24 -36.69 -17.78
N HIS A 694 45.45 -35.83 -16.79
CA HIS A 694 46.77 -35.43 -16.35
C HIS A 694 47.03 -35.94 -14.95
N THR A 695 47.82 -36.99 -14.83
CA THR A 695 48.11 -37.56 -13.51
C THR A 695 49.56 -37.32 -13.10
N ASN A 696 49.71 -36.48 -12.09
CA ASN A 696 51.02 -36.11 -11.55
C ASN A 696 51.07 -36.62 -10.13
N CYS A 697 50.85 -37.92 -10.01
CA CYS A 697 50.85 -38.60 -8.73
C CYS A 697 50.95 -40.08 -9.04
N SER A 698 51.03 -40.89 -7.99
CA SER A 698 51.12 -42.33 -8.17
C SER A 698 49.76 -42.85 -8.64
N VAL A 699 49.79 -43.73 -9.64
CA VAL A 699 48.57 -44.31 -10.20
C VAL A 699 48.67 -45.83 -10.22
N ASN A 700 47.64 -46.52 -9.74
CA ASN A 700 47.66 -47.99 -9.74
C ASN A 700 46.31 -48.62 -10.03
N ALA A 701 46.14 -49.10 -11.25
CA ALA A 701 44.89 -49.73 -11.67
C ALA A 701 44.97 -51.26 -11.65
N GLY A 702 46.02 -51.80 -11.07
CA GLY A 702 46.20 -53.24 -10.97
C GLY A 702 46.18 -53.95 -12.31
N ALA A 703 45.32 -54.96 -12.43
CA ALA A 703 45.20 -55.70 -13.68
C ALA A 703 44.28 -54.97 -14.67
N ALA A 704 43.74 -53.83 -14.23
CA ALA A 704 42.83 -53.07 -15.09
C ALA A 704 43.51 -51.95 -15.87
N TYR A 705 42.70 -51.15 -16.54
CA TYR A 705 43.22 -50.04 -17.34
C TYR A 705 43.14 -48.72 -16.56
N VAL A 706 44.03 -47.79 -16.88
CA VAL A 706 43.95 -46.48 -16.24
C VAL A 706 42.70 -45.81 -16.83
N VAL A 707 42.50 -45.96 -18.13
CA VAL A 707 41.36 -45.38 -18.82
C VAL A 707 40.59 -46.37 -19.69
N LEU A 708 39.28 -46.44 -19.51
CA LEU A 708 38.46 -47.32 -20.33
C LEU A 708 37.39 -46.47 -21.01
N SER A 709 37.41 -46.44 -22.33
CA SER A 709 36.40 -45.67 -23.07
C SER A 709 35.18 -46.53 -23.38
N GLU A 710 34.03 -46.11 -22.87
CA GLU A 710 32.76 -46.80 -23.09
C GLU A 710 32.07 -46.31 -24.38
N VAL A 711 32.67 -45.31 -25.02
CA VAL A 711 32.12 -44.76 -26.26
C VAL A 711 33.22 -44.63 -27.31
N GLN A 712 32.91 -44.06 -28.46
CA GLN A 712 33.94 -43.82 -29.47
C GLN A 712 34.58 -42.50 -29.04
N GLY A 713 35.61 -42.61 -28.20
CA GLY A 713 36.26 -41.45 -27.61
C GLY A 713 37.41 -40.73 -28.30
N ASN A 714 37.83 -39.67 -27.63
CA ASN A 714 38.91 -38.80 -28.06
C ASN A 714 39.63 -38.43 -26.78
N ILE A 715 40.73 -39.12 -26.49
CA ILE A 715 41.42 -38.96 -25.21
C ILE A 715 42.92 -38.70 -25.24
N GLU A 716 43.39 -37.83 -24.35
CA GLU A 716 44.82 -37.62 -24.21
C GLU A 716 45.20 -37.91 -22.76
N TYR A 717 46.16 -38.81 -22.56
CA TYR A 717 46.56 -39.16 -21.20
C TYR A 717 48.04 -38.85 -21.02
N ARG A 718 48.38 -38.22 -19.91
CA ARG A 718 49.78 -37.92 -19.63
C ARG A 718 50.13 -38.22 -18.17
N GLN A 719 51.07 -39.14 -17.97
CA GLN A 719 51.53 -39.51 -16.63
C GLN A 719 52.83 -38.77 -16.38
N LEU A 720 52.87 -37.94 -15.35
CA LEU A 720 54.08 -37.21 -15.06
C LEU A 720 54.77 -37.62 -13.76
N PHE A 721 55.89 -38.33 -13.90
CA PHE A 721 56.70 -38.79 -12.78
C PHE A 721 55.92 -39.74 -11.87
N TYR A 722 56.31 -39.79 -10.59
CA TYR A 722 55.70 -40.73 -9.64
C TYR A 722 55.76 -42.12 -10.28
N SER A 723 54.65 -42.84 -10.31
CA SER A 723 54.66 -44.19 -10.86
C SER A 723 53.29 -44.59 -11.39
N VAL A 724 53.24 -45.58 -12.28
CA VAL A 724 51.98 -46.02 -12.83
C VAL A 724 51.98 -47.54 -13.03
N ASN A 725 50.83 -48.15 -12.81
CA ASN A 725 50.66 -49.58 -12.99
C ASN A 725 49.26 -49.86 -13.53
N CYS A 726 49.19 -50.75 -14.52
CA CYS A 726 47.96 -51.12 -15.19
C CYS A 726 48.28 -52.19 -16.24
N SER A 727 47.26 -52.81 -16.81
CA SER A 727 47.51 -53.80 -17.87
C SER A 727 47.65 -53.07 -19.23
N LYS A 728 46.89 -51.98 -19.37
CA LYS A 728 46.91 -51.11 -20.55
C LYS A 728 46.63 -49.73 -20.01
N TYR A 729 47.21 -48.69 -20.60
CA TYR A 729 46.93 -47.35 -20.11
C TYR A 729 45.54 -46.93 -20.56
N ILE A 730 45.20 -47.26 -21.79
CA ILE A 730 43.91 -46.91 -22.35
C ILE A 730 43.32 -48.08 -23.14
N GLY A 731 42.01 -48.27 -23.02
CA GLY A 731 41.31 -49.32 -23.73
C GLY A 731 39.90 -48.83 -24.02
N ALA A 732 39.14 -49.58 -24.81
CA ALA A 732 37.77 -49.20 -25.13
C ALA A 732 36.90 -50.44 -25.21
N THR A 733 35.62 -50.31 -24.88
CA THR A 733 34.71 -51.44 -24.91
C THR A 733 34.42 -51.92 -26.33
N ALA A 734 34.54 -51.03 -27.31
CA ALA A 734 34.25 -51.40 -28.70
C ALA A 734 34.83 -50.44 -29.75
N GLY A 735 34.01 -50.13 -30.75
CA GLY A 735 34.34 -49.26 -31.87
C GLY A 735 35.35 -48.16 -31.62
N GLN A 736 36.52 -48.32 -32.25
CA GLN A 736 37.68 -47.43 -32.16
C GLN A 736 37.61 -46.06 -31.46
N THR A 737 38.58 -45.84 -30.58
CA THR A 737 38.72 -44.61 -29.83
C THR A 737 40.10 -44.03 -30.14
N ILE A 738 40.18 -42.74 -30.46
CA ILE A 738 41.47 -42.14 -30.75
C ILE A 738 42.09 -41.61 -29.47
N ALA A 739 43.41 -41.73 -29.36
CA ALA A 739 44.08 -41.27 -28.17
C ALA A 739 45.55 -40.93 -28.36
N GLY A 740 46.02 -39.99 -27.55
CA GLY A 740 47.40 -39.59 -27.56
C GLY A 740 47.87 -39.95 -26.17
N ILE A 741 49.14 -40.33 -26.03
CA ILE A 741 49.63 -40.71 -24.72
C ILE A 741 51.07 -40.32 -24.44
N MET A 742 51.31 -39.85 -23.22
CA MET A 742 52.66 -39.54 -22.78
C MET A 742 52.83 -40.16 -21.39
N VAL A 743 53.91 -40.93 -21.22
CA VAL A 743 54.19 -41.55 -19.92
C VAL A 743 55.61 -41.19 -19.54
N LYS A 744 55.77 -40.18 -18.70
CA LYS A 744 57.11 -39.76 -18.32
C LYS A 744 57.48 -40.17 -16.90
N THR A 745 57.86 -41.42 -16.76
CA THR A 745 58.32 -41.97 -15.49
C THR A 745 58.99 -43.30 -15.75
N ALA A 746 60.00 -43.62 -14.94
CA ALA A 746 60.71 -44.88 -15.06
C ALA A 746 59.91 -46.00 -14.39
N THR A 747 59.12 -45.67 -13.37
CA THR A 747 58.32 -46.67 -12.68
C THR A 747 56.98 -46.90 -13.40
N ARG A 748 57.03 -47.74 -14.44
CA ARG A 748 55.86 -48.02 -15.25
C ARG A 748 55.95 -49.45 -15.77
N PRO A 749 54.80 -50.03 -16.21
CA PRO A 749 54.87 -51.39 -16.75
C PRO A 749 55.59 -51.32 -18.09
N THR A 750 56.92 -51.34 -18.01
CA THR A 750 57.78 -51.24 -19.18
C THR A 750 57.48 -52.30 -20.26
N GLY A 751 56.81 -53.38 -19.86
CA GLY A 751 56.44 -54.44 -20.77
C GLY A 751 55.34 -54.07 -21.77
N ILE A 752 54.67 -52.94 -21.57
CA ILE A 752 53.62 -52.53 -22.52
C ILE A 752 54.04 -51.29 -23.30
N ASP A 753 55.33 -50.98 -23.26
CA ASP A 753 55.86 -49.83 -23.99
C ASP A 753 55.56 -49.91 -25.48
N ALA A 754 55.62 -51.12 -26.03
CA ALA A 754 55.38 -51.35 -27.46
C ALA A 754 53.89 -51.42 -27.82
N ALA A 755 53.06 -51.81 -26.85
CA ALA A 755 51.61 -51.90 -27.02
C ALA A 755 50.93 -51.33 -25.78
N PRO A 756 50.97 -49.99 -25.64
CA PRO A 756 50.43 -49.31 -24.45
C PRO A 756 48.90 -49.27 -24.35
N VAL A 757 48.20 -49.46 -25.47
CA VAL A 757 46.75 -49.40 -25.46
C VAL A 757 46.17 -50.68 -26.05
N ASP A 758 44.88 -50.94 -25.83
CA ASP A 758 44.28 -52.14 -26.40
C ASP A 758 44.00 -51.93 -27.90
N GLY A 759 43.48 -52.95 -28.56
CA GLY A 759 43.20 -52.88 -29.98
C GLY A 759 42.07 -51.98 -30.43
N ASN A 760 41.26 -51.51 -29.48
CA ASN A 760 40.13 -50.63 -29.80
C ASN A 760 40.53 -49.16 -29.73
N VAL A 761 41.81 -48.91 -29.48
CA VAL A 761 42.36 -47.56 -29.36
C VAL A 761 43.44 -47.35 -30.40
N SER A 762 43.32 -46.28 -31.17
CA SER A 762 44.32 -45.93 -32.19
C SER A 762 45.03 -44.68 -31.69
N LEU A 763 46.36 -44.74 -31.69
CA LEU A 763 47.20 -43.65 -31.21
C LEU A 763 47.48 -42.51 -32.20
N THR A 764 47.34 -41.28 -31.71
CA THR A 764 47.61 -40.08 -32.51
C THR A 764 49.06 -39.70 -32.26
N TYR A 765 49.58 -40.09 -31.09
CA TYR A 765 50.97 -39.84 -30.72
C TYR A 765 51.35 -40.71 -29.51
N LYS A 766 52.64 -41.04 -29.40
CA LYS A 766 53.12 -41.85 -28.29
C LYS A 766 54.46 -41.32 -27.80
N ILE A 767 54.48 -40.82 -26.57
CA ILE A 767 55.69 -40.26 -25.98
C ILE A 767 56.04 -41.02 -24.72
N ILE A 768 56.98 -41.95 -24.85
CA ILE A 768 57.46 -42.80 -23.76
C ILE A 768 58.99 -42.88 -23.84
N GLU A 769 59.65 -42.92 -22.68
CA GLU A 769 61.12 -43.00 -22.52
C GLU A 769 61.80 -41.63 -22.62
N GLY B 14 -64.93 44.13 43.87
CA GLY B 14 -63.94 43.44 44.68
C GLY B 14 -63.65 42.08 44.08
N ILE B 15 -64.57 41.14 44.29
CA ILE B 15 -64.44 39.81 43.74
C ILE B 15 -64.59 39.85 42.23
N LEU B 16 -65.53 40.64 41.76
CA LEU B 16 -65.79 40.74 40.33
C LEU B 16 -64.60 41.26 39.53
N THR B 17 -63.92 42.28 40.06
CA THR B 17 -62.74 42.80 39.35
C THR B 17 -61.60 41.77 39.41
N ASN B 18 -61.59 40.93 40.43
CA ASN B 18 -60.55 39.91 40.53
C ASN B 18 -60.77 38.79 39.53
N LYS B 19 -62.02 38.38 39.37
CA LYS B 19 -62.35 37.35 38.39
C LYS B 19 -61.96 37.90 37.01
N GLN B 20 -62.09 39.21 36.84
CA GLN B 20 -61.72 39.85 35.58
C GLN B 20 -60.23 39.71 35.32
N ALA B 21 -59.41 40.06 36.31
CA ALA B 21 -57.96 39.97 36.19
C ALA B 21 -57.53 38.53 35.93
N VAL B 22 -58.07 37.61 36.72
CA VAL B 22 -57.74 36.19 36.59
C VAL B 22 -58.16 35.64 35.22
N ALA B 23 -59.37 35.99 34.80
CA ALA B 23 -59.88 35.51 33.52
C ALA B 23 -59.02 36.01 32.37
N ARG B 24 -58.61 37.27 32.42
CA ARG B 24 -57.81 37.82 31.34
C ARG B 24 -56.41 37.19 31.29
N HIS B 25 -55.96 36.65 32.43
CA HIS B 25 -54.66 36.02 32.55
C HIS B 25 -54.70 34.66 31.88
N PHE B 26 -55.77 33.91 32.13
CA PHE B 26 -55.88 32.56 31.56
C PHE B 26 -56.58 32.51 30.21
N GLY B 27 -57.19 33.62 29.81
CA GLY B 27 -57.89 33.69 28.54
C GLY B 27 -59.22 32.97 28.60
N VAL B 28 -59.93 33.14 29.72
CA VAL B 28 -61.25 32.51 29.89
C VAL B 28 -62.31 33.59 30.15
N LYS B 29 -63.54 33.16 30.36
CA LYS B 29 -64.61 34.10 30.63
C LYS B 29 -64.66 34.35 32.12
N GLN B 30 -65.04 35.59 32.48
CA GLN B 30 -65.18 35.98 33.87
C GLN B 30 -66.05 34.95 34.60
N SER B 31 -67.16 34.55 33.97
CA SER B 31 -68.07 33.56 34.54
C SER B 31 -67.47 32.15 34.64
N GLU B 32 -66.28 31.96 34.07
CA GLU B 32 -65.61 30.66 34.10
C GLU B 32 -64.58 30.56 35.23
N VAL B 33 -64.58 31.58 36.08
CA VAL B 33 -63.69 31.62 37.25
C VAL B 33 -64.53 31.46 38.53
N VAL B 34 -64.09 30.55 39.40
CA VAL B 34 -64.75 30.33 40.69
C VAL B 34 -63.76 30.46 41.84
N TYR B 35 -64.19 31.08 42.94
CA TYR B 35 -63.35 31.20 44.13
C TYR B 35 -63.52 29.91 44.93
N PHE B 36 -62.46 29.45 45.58
CA PHE B 36 -62.61 28.26 46.40
C PHE B 36 -63.30 28.64 47.71
N SER B 37 -64.10 27.71 48.21
CA SER B 37 -64.79 27.82 49.49
C SER B 37 -65.30 26.41 49.75
N VAL B 38 -65.54 26.08 51.00
CA VAL B 38 -66.03 24.74 51.31
C VAL B 38 -67.43 24.62 50.71
N GLY B 39 -67.68 23.53 50.01
CA GLY B 39 -68.97 23.29 49.39
C GLY B 39 -69.21 23.92 48.04
N VAL B 40 -68.31 24.79 47.57
CA VAL B 40 -68.52 25.45 46.27
C VAL B 40 -68.67 24.45 45.11
N ASP B 41 -69.63 24.71 44.22
CA ASP B 41 -69.89 23.84 43.07
C ASP B 41 -68.85 24.09 41.97
N LEU B 42 -68.14 23.04 41.58
CA LEU B 42 -67.07 23.15 40.59
C LEU B 42 -67.44 22.91 39.12
N GLY B 43 -68.67 22.45 38.89
CA GLY B 43 -69.13 22.16 37.54
C GLY B 43 -69.00 23.30 36.56
N GLY B 44 -68.43 23.01 35.39
CA GLY B 44 -68.29 23.99 34.33
C GLY B 44 -67.24 25.08 34.47
N TYR B 45 -66.68 25.26 35.67
CA TYR B 45 -65.65 26.29 35.84
C TYR B 45 -64.30 25.87 35.24
N LYS B 46 -63.57 26.83 34.69
CA LYS B 46 -62.27 26.57 34.05
C LYS B 46 -61.04 26.94 34.92
N VAL B 47 -61.20 27.97 35.76
CA VAL B 47 -60.14 28.41 36.63
C VAL B 47 -60.64 28.60 38.07
N ILE B 48 -59.89 28.07 39.05
CA ILE B 48 -60.25 28.25 40.46
C ILE B 48 -59.25 29.21 41.08
N TYR B 49 -59.71 30.01 42.04
CA TYR B 49 -58.88 31.00 42.74
C TYR B 49 -58.94 30.80 44.25
N ASP B 50 -57.77 30.72 44.87
CA ASP B 50 -57.62 30.54 46.31
C ASP B 50 -57.42 31.94 46.87
N LYS B 51 -58.40 32.42 47.65
CA LYS B 51 -58.32 33.76 48.22
C LYS B 51 -57.24 33.95 49.29
N GLU B 52 -56.88 32.87 49.99
CA GLU B 52 -55.86 32.94 51.04
C GLU B 52 -54.47 33.15 50.45
N THR B 53 -54.05 32.22 49.59
CA THR B 53 -52.73 32.31 48.97
C THR B 53 -52.72 33.28 47.79
N GLN B 54 -53.91 33.68 47.35
CA GLN B 54 -54.10 34.60 46.22
C GLN B 54 -53.46 34.04 44.92
N ARG B 55 -53.67 32.75 44.71
CA ARG B 55 -53.16 32.04 43.54
C ARG B 55 -54.33 31.49 42.72
N ALA B 56 -54.13 31.39 41.40
CA ALA B 56 -55.18 30.85 40.52
C ALA B 56 -54.64 29.64 39.79
N TYR B 57 -55.51 28.67 39.54
CA TYR B 57 -55.16 27.42 38.87
C TYR B 57 -56.23 26.95 37.89
N SER B 58 -55.81 26.53 36.70
CA SER B 58 -56.74 25.98 35.72
C SER B 58 -57.30 24.70 36.32
N LEU B 59 -58.60 24.46 36.16
CA LEU B 59 -59.22 23.25 36.69
C LEU B 59 -59.20 22.11 35.70
N PRO B 60 -59.16 20.86 36.18
CA PRO B 60 -59.21 19.76 35.22
C PRO B 60 -60.59 19.78 34.55
N VAL B 61 -60.63 19.40 33.28
CA VAL B 61 -61.88 19.36 32.54
C VAL B 61 -62.69 18.11 32.92
N GLY B 62 -64.00 18.14 32.75
CA GLY B 62 -64.82 16.98 33.03
C GLY B 62 -65.32 16.83 34.46
N ILE B 63 -65.40 17.94 35.20
CA ILE B 63 -65.91 17.89 36.56
C ILE B 63 -67.40 18.06 36.44
N ALA B 64 -68.12 17.03 36.89
CA ALA B 64 -69.58 16.99 36.80
C ALA B 64 -70.30 18.05 37.61
N SER B 65 -71.47 18.47 37.12
CA SER B 65 -72.28 19.45 37.86
C SER B 65 -72.62 18.74 39.16
N GLY B 66 -72.71 19.49 40.25
CA GLY B 66 -73.01 18.86 41.51
C GLY B 66 -71.78 18.38 42.25
N THR B 67 -70.60 18.57 41.65
CA THR B 67 -69.35 18.18 42.33
C THR B 67 -68.94 19.38 43.18
N THR B 68 -68.89 19.20 44.49
CA THR B 68 -68.56 20.32 45.37
C THR B 68 -67.18 20.21 46.02
N ALA B 69 -66.58 21.36 46.29
CA ALA B 69 -65.24 21.43 46.87
C ALA B 69 -65.23 21.14 48.36
N VAL B 70 -64.21 20.40 48.81
CA VAL B 70 -64.05 20.03 50.22
C VAL B 70 -62.90 20.82 50.85
N SER B 71 -61.71 20.70 50.26
CA SER B 71 -60.52 21.40 50.75
C SER B 71 -59.53 21.77 49.64
N LEU B 72 -58.74 22.81 49.90
CA LEU B 72 -57.70 23.28 48.98
C LEU B 72 -56.48 23.60 49.83
N SER B 73 -55.48 22.71 49.79
CA SER B 73 -54.27 22.87 50.59
C SER B 73 -53.34 23.95 50.06
N THR B 74 -52.32 24.27 50.85
CA THR B 74 -51.36 25.29 50.46
C THR B 74 -50.48 24.79 49.31
N ALA B 75 -50.49 23.47 49.09
CA ALA B 75 -49.75 22.87 47.98
C ALA B 75 -50.67 22.77 46.74
N ALA B 76 -51.81 23.45 46.80
CA ALA B 76 -52.82 23.47 45.74
C ALA B 76 -53.47 22.11 45.45
N VAL B 77 -53.55 21.25 46.45
CA VAL B 77 -54.19 19.95 46.23
C VAL B 77 -55.67 20.14 46.54
N LEU B 78 -56.50 20.09 45.49
CA LEU B 78 -57.94 20.30 45.60
C LEU B 78 -58.68 18.99 45.83
N VAL B 79 -59.40 18.91 46.94
CA VAL B 79 -60.20 17.74 47.25
C VAL B 79 -61.65 18.11 47.06
N HIS B 80 -62.38 17.32 46.29
CA HIS B 80 -63.82 17.59 46.09
C HIS B 80 -64.66 16.32 46.37
N SER B 81 -65.97 16.41 46.15
CA SER B 81 -66.86 15.28 46.43
C SER B 81 -66.64 14.04 45.54
N ALA B 82 -66.03 14.24 44.37
CA ALA B 82 -65.78 13.14 43.44
C ALA B 82 -64.35 12.60 43.48
N GLY B 83 -63.50 13.24 44.28
CA GLY B 83 -62.11 12.83 44.39
C GLY B 83 -61.19 14.02 44.63
N SER B 84 -59.97 13.95 44.09
CA SER B 84 -59.03 15.05 44.26
C SER B 84 -58.07 15.20 43.08
N VAL B 85 -57.41 16.35 43.03
CA VAL B 85 -56.48 16.66 41.96
C VAL B 85 -55.41 17.67 42.43
N ASP B 86 -54.16 17.42 42.05
CA ASP B 86 -53.08 18.34 42.40
C ASP B 86 -53.09 19.42 41.32
N LEU B 87 -53.54 20.61 41.67
CA LEU B 87 -53.63 21.70 40.71
C LEU B 87 -52.22 22.16 40.29
N GLY B 88 -51.25 21.93 41.18
CA GLY B 88 -49.87 22.27 40.91
C GLY B 88 -49.35 21.43 39.75
N SER B 89 -49.52 20.10 39.83
CA SER B 89 -49.09 19.20 38.76
C SER B 89 -49.82 19.49 37.46
N LEU B 90 -51.11 19.79 37.56
CA LEU B 90 -51.89 20.12 36.36
C LEU B 90 -51.31 21.39 35.74
N ALA B 91 -51.02 22.38 36.59
CA ALA B 91 -50.45 23.65 36.13
C ALA B 91 -49.13 23.42 35.39
N VAL B 92 -48.29 22.54 35.94
CA VAL B 92 -47.01 22.23 35.30
C VAL B 92 -47.26 21.63 33.93
N SER B 93 -48.21 20.69 33.85
CA SER B 93 -48.51 20.04 32.57
C SER B 93 -48.94 21.07 31.52
N ARG B 94 -49.54 22.16 31.97
CA ARG B 94 -50.04 23.22 31.09
C ARG B 94 -49.06 24.41 30.99
N GLU B 95 -47.91 24.26 31.63
CA GLU B 95 -46.88 25.31 31.64
C GLU B 95 -47.42 26.63 32.18
N GLU B 96 -48.20 26.54 33.24
CA GLU B 96 -48.77 27.70 33.89
C GLU B 96 -48.01 27.85 35.22
N TYR B 97 -47.07 28.77 35.26
CA TYR B 97 -46.19 28.96 36.42
C TYR B 97 -46.19 30.33 37.09
N VAL B 98 -45.76 30.32 38.34
CA VAL B 98 -45.57 31.55 39.10
C VAL B 98 -44.05 31.62 39.39
N THR B 99 -43.41 32.72 39.03
CA THR B 99 -41.99 32.88 39.32
C THR B 99 -41.88 33.62 40.63
N LEU B 100 -41.49 32.90 41.66
CA LEU B 100 -41.38 33.45 43.01
C LEU B 100 -40.44 34.65 43.06
N PRO B 101 -40.68 35.55 44.03
CA PRO B 101 -39.77 36.69 44.17
C PRO B 101 -38.40 36.14 44.57
N GLY B 102 -37.35 36.94 44.42
CA GLY B 102 -36.03 36.47 44.82
C GLY B 102 -35.38 35.43 43.93
N SER B 103 -34.55 34.60 44.56
CA SER B 103 -33.77 33.63 43.82
C SER B 103 -33.10 32.65 44.78
N PHE B 104 -32.25 31.79 44.22
CA PHE B 104 -31.50 30.84 45.04
C PHE B 104 -30.57 31.63 45.97
N ASP B 105 -30.02 32.73 45.47
CA ASP B 105 -29.15 33.62 46.25
C ASP B 105 -29.94 34.13 47.46
N SER B 106 -31.10 34.73 47.22
CA SER B 106 -31.93 35.24 48.32
C SER B 106 -32.51 34.14 49.21
N GLY B 107 -32.79 32.99 48.62
CA GLY B 107 -33.42 31.90 49.36
C GLY B 107 -34.93 32.12 49.23
N SER B 108 -35.73 31.10 49.55
CA SER B 108 -37.18 31.21 49.43
C SER B 108 -37.82 29.95 49.97
N THR B 109 -39.15 29.91 49.96
CA THR B 109 -39.87 28.71 50.36
C THR B 109 -40.84 28.39 49.22
N LEU B 110 -40.78 27.16 48.73
CA LEU B 110 -41.65 26.71 47.65
C LEU B 110 -42.76 25.86 48.26
N ASN B 111 -44.00 26.16 47.85
CA ASN B 111 -45.18 25.47 48.36
C ASN B 111 -45.97 24.71 47.31
N VAL B 112 -45.81 25.09 46.04
CA VAL B 112 -46.56 24.48 44.97
C VAL B 112 -45.68 23.95 43.83
N LYS B 113 -46.16 22.92 43.16
CA LYS B 113 -45.42 22.34 42.03
C LYS B 113 -45.25 23.30 40.84
N ASN B 114 -46.06 24.36 40.75
CA ASN B 114 -45.91 25.27 39.62
C ASN B 114 -45.15 26.55 39.94
N GLU B 115 -44.47 26.56 41.07
CA GLU B 115 -43.66 27.71 41.46
C GLU B 115 -42.24 27.51 40.94
N LEU B 116 -41.67 28.58 40.39
CA LEU B 116 -40.32 28.55 39.85
C LEU B 116 -39.40 29.43 40.67
N LEU B 117 -38.17 28.97 40.88
CA LEU B 117 -37.19 29.76 41.62
C LEU B 117 -36.06 30.04 40.64
N THR B 118 -35.75 31.31 40.48
CA THR B 118 -34.72 31.73 39.53
C THR B 118 -33.29 31.56 40.04
N TYR B 119 -32.44 30.94 39.23
CA TYR B 119 -31.03 30.74 39.54
C TYR B 119 -30.24 31.56 38.51
N THR B 120 -28.91 31.45 38.54
CA THR B 120 -28.07 32.21 37.63
C THR B 120 -28.17 31.71 36.18
N ASP B 121 -28.55 30.45 35.99
CA ASP B 121 -28.64 29.92 34.63
C ASP B 121 -30.07 29.60 34.16
N GLY B 122 -31.07 30.09 34.86
CA GLY B 122 -32.45 29.84 34.48
C GLY B 122 -33.35 29.55 35.67
N LYS B 123 -34.54 29.04 35.39
CA LYS B 123 -35.52 28.74 36.43
C LYS B 123 -35.68 27.26 36.71
N TYR B 124 -36.07 26.97 37.93
CA TYR B 124 -36.25 25.58 38.35
C TYR B 124 -37.53 25.44 39.17
N ARG B 125 -38.13 24.25 39.12
CA ARG B 125 -39.31 23.94 39.92
C ARG B 125 -38.90 22.76 40.80
N TRP B 126 -39.53 22.62 41.97
CA TRP B 126 -39.22 21.51 42.87
C TRP B 126 -40.15 20.32 42.65
N ASP B 127 -39.57 19.15 42.38
CA ASP B 127 -40.36 17.93 42.13
C ASP B 127 -40.36 16.97 43.32
N GLY B 128 -40.03 17.46 44.51
CA GLY B 128 -40.01 16.61 45.68
C GLY B 128 -41.02 16.97 46.76
N ILE B 129 -40.67 16.67 48.00
CA ILE B 129 -41.56 16.94 49.12
C ILE B 129 -41.79 18.44 49.35
N LEU B 130 -43.05 18.84 49.35
CA LEU B 130 -43.41 20.23 49.61
C LEU B 130 -43.94 20.30 51.03
N PRO B 131 -43.73 21.43 51.73
CA PRO B 131 -43.04 22.63 51.25
C PRO B 131 -41.54 22.41 51.11
N LYS B 132 -40.86 23.32 50.39
CA LYS B 132 -39.43 23.20 50.17
C LYS B 132 -38.75 24.49 50.58
N THR B 133 -37.99 24.42 51.67
CA THR B 133 -37.26 25.56 52.20
C THR B 133 -35.92 25.65 51.47
N VAL B 134 -35.57 26.85 51.04
CA VAL B 134 -34.33 27.08 50.32
C VAL B 134 -33.58 28.20 51.03
N ALA B 135 -32.52 27.85 51.74
CA ALA B 135 -31.75 28.85 52.45
C ALA B 135 -31.09 29.81 51.48
N PRO B 136 -30.84 31.05 51.93
CA PRO B 136 -30.12 32.04 51.10
C PRO B 136 -28.76 31.46 50.74
N GLY B 137 -28.25 31.74 49.55
CA GLY B 137 -26.96 31.22 49.13
C GLY B 137 -26.99 29.77 48.66
N SER B 138 -28.18 29.27 48.31
CA SER B 138 -28.32 27.90 47.84
C SER B 138 -28.11 27.79 46.34
N THR B 139 -27.90 26.56 45.87
CA THR B 139 -27.81 26.29 44.44
C THR B 139 -28.64 25.02 44.25
N PRO B 140 -29.13 24.77 43.04
CA PRO B 140 -29.89 23.51 42.87
C PRO B 140 -29.07 22.28 43.25
N ALA B 141 -27.78 22.27 42.89
CA ALA B 141 -26.92 21.13 43.20
C ALA B 141 -26.74 20.90 44.68
N SER B 142 -26.75 21.98 45.45
CA SER B 142 -26.54 21.88 46.89
C SER B 142 -27.85 21.78 47.71
N THR B 143 -28.99 21.73 47.03
CA THR B 143 -30.26 21.62 47.75
C THR B 143 -31.15 20.50 47.21
N GLY B 144 -30.51 19.39 46.87
CA GLY B 144 -31.24 18.22 46.39
C GLY B 144 -30.81 17.67 45.04
N GLY B 145 -30.07 18.47 44.28
CA GLY B 145 -29.65 18.04 42.96
C GLY B 145 -30.74 18.32 41.93
N VAL B 146 -30.44 17.97 40.68
CA VAL B 146 -31.34 18.20 39.56
C VAL B 146 -31.82 16.88 38.97
N GLY B 147 -33.14 16.71 38.89
CA GLY B 147 -33.70 15.50 38.32
C GLY B 147 -35.03 15.15 38.94
N LEU B 148 -35.57 14.01 38.52
CA LEU B 148 -36.84 13.50 39.02
C LEU B 148 -36.80 13.46 40.55
N GLY B 149 -37.81 13.99 41.19
CA GLY B 149 -37.86 14.03 42.64
C GLY B 149 -37.09 15.19 43.28
N ALA B 150 -36.40 15.98 42.46
CA ALA B 150 -35.64 17.12 42.96
C ALA B 150 -35.88 18.36 42.09
N TRP B 151 -34.84 19.15 41.82
CA TRP B 151 -35.00 20.34 40.98
C TRP B 151 -35.13 19.96 39.53
N ILE B 152 -36.00 20.66 38.82
CA ILE B 152 -36.23 20.41 37.41
C ILE B 152 -36.14 21.74 36.68
N SER B 153 -35.30 21.79 35.65
CA SER B 153 -35.11 22.99 34.83
C SER B 153 -36.37 23.27 34.05
N VAL B 154 -36.78 24.54 34.01
CA VAL B 154 -38.01 24.94 33.32
C VAL B 154 -37.82 26.21 32.50
N GLY B 155 -38.41 26.22 31.30
CA GLY B 155 -38.38 27.42 30.47
C GLY B 155 -37.27 27.63 29.47
N ASP B 156 -37.40 28.72 28.72
CA ASP B 156 -36.48 29.09 27.66
C ASP B 156 -35.04 29.44 28.09
N ALA B 157 -34.89 30.25 29.12
CA ALA B 157 -33.54 30.60 29.58
C ALA B 157 -32.82 29.34 30.02
N SER B 158 -33.50 28.49 30.80
CA SER B 158 -32.94 27.24 31.26
C SER B 158 -32.51 26.37 30.10
N LEU B 159 -33.37 26.24 29.09
CA LEU B 159 -33.07 25.41 27.92
C LEU B 159 -31.82 25.93 27.19
N ARG B 160 -31.76 27.25 26.99
CA ARG B 160 -30.60 27.84 26.32
C ARG B 160 -29.31 27.48 27.05
N THR B 161 -29.29 27.62 28.38
CA THR B 161 -28.07 27.32 29.12
C THR B 161 -27.75 25.81 29.18
N GLN B 162 -28.77 24.96 29.27
CA GLN B 162 -28.53 23.52 29.30
C GLN B 162 -27.90 23.05 27.98
N LEU B 163 -28.35 23.62 26.87
CA LEU B 163 -27.82 23.27 25.56
C LEU B 163 -26.38 23.77 25.42
N ALA B 164 -26.17 25.02 25.83
CA ALA B 164 -24.86 25.66 25.74
C ALA B 164 -23.76 24.99 26.59
N ASN B 165 -24.15 24.42 27.74
CA ASN B 165 -23.19 23.81 28.66
C ASN B 165 -23.28 22.30 28.79
N GLY B 166 -24.11 21.67 27.97
CA GLY B 166 -24.27 20.23 28.01
C GLY B 166 -23.26 19.53 27.12
N ASP B 167 -23.53 18.27 26.78
CA ASP B 167 -22.63 17.52 25.95
C ASP B 167 -23.32 16.90 24.74
N GLY B 168 -24.56 17.33 24.50
CA GLY B 168 -25.37 16.84 23.40
C GLY B 168 -26.45 15.86 23.81
N SER B 169 -26.48 15.51 25.11
CA SER B 169 -27.44 14.53 25.64
C SER B 169 -28.92 14.90 25.42
N LEU B 170 -29.21 16.18 25.22
CA LEU B 170 -30.59 16.59 25.01
C LEU B 170 -31.03 16.47 23.54
N ILE B 171 -30.11 16.12 22.65
CA ILE B 171 -30.43 16.03 21.22
C ILE B 171 -30.50 14.59 20.76
N GLY B 172 -31.70 14.09 20.45
CA GLY B 172 -31.84 12.72 19.99
C GLY B 172 -31.32 12.61 18.57
N ILE B 173 -30.90 11.40 18.17
CA ILE B 173 -30.39 11.15 16.83
C ILE B 173 -30.94 9.80 16.37
N HIS B 174 -30.79 9.52 15.07
CA HIS B 174 -31.23 8.23 14.50
C HIS B 174 -30.06 7.27 14.38
N PRO B 175 -30.32 5.94 14.40
CA PRO B 175 -31.63 5.30 14.57
C PRO B 175 -32.14 5.48 15.99
N GLN B 176 -31.23 5.74 16.92
CA GLN B 176 -31.57 5.97 18.32
C GLN B 176 -30.36 6.54 19.05
N GLY B 177 -30.51 6.84 20.33
CA GLY B 177 -29.45 7.39 21.14
C GLY B 177 -29.50 8.91 21.13
N THR B 178 -28.42 9.54 21.60
CA THR B 178 -28.33 11.00 21.65
C THR B 178 -27.03 11.48 21.04
N LEU B 179 -26.98 12.75 20.65
CA LEU B 179 -25.79 13.31 19.98
C LEU B 179 -24.44 12.95 20.61
N ASN B 180 -24.36 13.00 21.94
CA ASN B 180 -23.12 12.70 22.64
C ASN B 180 -22.57 11.31 22.33
N ASN B 181 -23.47 10.38 21.98
CA ASN B 181 -23.08 9.01 21.67
C ASN B 181 -22.22 8.84 20.42
N VAL B 182 -22.28 9.80 19.49
CA VAL B 182 -21.51 9.67 18.26
C VAL B 182 -20.46 10.76 18.04
N LEU B 183 -20.18 11.58 19.04
CA LEU B 183 -19.17 12.62 18.91
C LEU B 183 -17.92 12.07 19.59
N THR B 184 -16.97 11.59 18.78
CA THR B 184 -15.74 11.01 19.31
C THR B 184 -14.45 11.70 18.92
N VAL B 185 -14.50 12.54 17.87
CA VAL B 185 -13.31 13.23 17.37
C VAL B 185 -13.03 14.55 18.08
N ARG B 186 -11.76 14.88 18.29
CA ARG B 186 -11.38 16.14 18.92
C ARG B 186 -10.80 17.07 17.86
N THR B 187 -10.88 18.37 18.12
CA THR B 187 -10.33 19.39 17.24
C THR B 187 -9.71 20.45 18.12
N PRO B 188 -8.76 21.22 17.56
CA PRO B 188 -8.15 22.31 18.34
C PRO B 188 -9.18 23.41 18.58
N GLU B 189 -10.19 23.48 17.72
CA GLU B 189 -11.24 24.50 17.84
C GLU B 189 -12.03 24.35 19.15
N GLN B 190 -12.04 23.16 19.73
CA GLN B 190 -12.73 22.95 20.99
C GLN B 190 -11.94 23.64 22.10
N TYR B 191 -10.67 23.95 21.83
CA TYR B 191 -9.79 24.59 22.79
C TYR B 191 -9.51 26.05 22.46
N ASN B 192 -10.34 26.61 21.58
CA ASN B 192 -10.23 27.99 21.16
C ASN B 192 -8.93 28.36 20.44
N ALA B 193 -8.41 27.41 19.67
CA ALA B 193 -7.21 27.66 18.87
C ALA B 193 -7.63 28.57 17.74
N VAL B 194 -6.85 29.63 17.53
CA VAL B 194 -7.14 30.59 16.48
C VAL B 194 -7.08 29.96 15.09
N GLY B 195 -6.08 29.10 14.87
CA GLY B 195 -5.93 28.40 13.61
C GLY B 195 -5.63 29.22 12.37
N ASP B 196 -4.94 30.35 12.53
CA ASP B 196 -4.58 31.20 11.38
C ASP B 196 -3.08 31.15 11.03
N GLY B 197 -2.31 30.43 11.85
CA GLY B 197 -0.88 30.30 11.62
C GLY B 197 -0.06 31.47 12.13
N ILE B 198 -0.73 32.43 12.77
CA ILE B 198 -0.08 33.62 13.32
C ILE B 198 -0.07 33.54 14.85
N ALA B 199 -1.24 33.26 15.42
CA ALA B 199 -1.35 33.14 16.86
C ALA B 199 -0.63 31.90 17.37
N ASP B 200 0.04 32.05 18.51
CA ASP B 200 0.73 30.91 19.08
C ASP B 200 -0.30 29.98 19.73
N ASP B 201 -0.69 28.94 19.00
CA ASP B 201 -1.66 27.97 19.48
C ASP B 201 -1.08 26.83 20.33
N THR B 202 0.21 26.92 20.69
CA THR B 202 0.88 25.87 21.46
C THR B 202 0.13 25.32 22.66
N SER B 203 -0.21 26.19 23.61
CA SER B 203 -0.89 25.79 24.83
C SER B 203 -2.20 25.05 24.53
N LYS B 204 -2.94 25.54 23.54
CA LYS B 204 -4.20 24.89 23.18
C LYS B 204 -3.92 23.51 22.58
N LEU B 205 -2.89 23.43 21.73
CA LEU B 205 -2.51 22.15 21.13
C LEU B 205 -2.10 21.19 22.23
N LYS B 206 -1.33 21.68 23.21
CA LYS B 206 -0.88 20.86 24.32
C LYS B 206 -2.03 20.43 25.22
N GLU B 207 -3.00 21.34 25.39
CA GLU B 207 -4.17 21.05 26.22
C GLU B 207 -4.94 19.90 25.59
N MET B 208 -5.11 19.99 24.27
CA MET B 208 -5.81 18.96 23.52
C MET B 208 -5.14 17.61 23.72
N LEU B 209 -3.81 17.59 23.58
CA LEU B 209 -3.04 16.36 23.74
C LEU B 209 -3.13 15.78 25.17
N SER B 210 -2.93 16.64 26.17
CA SER B 210 -2.99 16.23 27.58
C SER B 210 -4.38 15.68 27.96
N ASP B 211 -5.43 16.24 27.36
CA ASP B 211 -6.78 15.75 27.64
C ASP B 211 -6.96 14.32 27.12
N ILE B 212 -6.07 13.90 26.23
CA ILE B 212 -6.13 12.55 25.68
C ILE B 212 -5.27 11.61 26.50
N ASN B 213 -3.99 11.96 26.65
CA ASN B 213 -3.04 11.15 27.42
C ASN B 213 -2.02 12.08 28.03
N ASN B 214 -2.19 12.35 29.32
CA ASN B 214 -1.31 13.25 30.05
C ASN B 214 -0.13 12.49 30.62
N VAL B 215 1.00 12.54 29.93
CA VAL B 215 2.18 11.82 30.38
C VAL B 215 3.16 12.74 31.11
N PRO B 216 3.41 12.43 32.39
CA PRO B 216 4.33 13.21 33.21
C PRO B 216 5.75 13.05 32.63
N GLU B 217 6.49 14.15 32.51
CA GLU B 217 7.85 14.12 31.98
C GLU B 217 8.83 13.28 32.81
N THR B 218 8.58 13.14 34.10
CA THR B 218 9.45 12.33 34.94
C THR B 218 8.62 11.18 35.50
N LEU B 219 9.20 9.98 35.55
CA LEU B 219 8.48 8.82 36.06
C LEU B 219 9.39 7.94 36.93
N PRO B 220 8.80 7.22 37.89
CA PRO B 220 9.55 6.37 38.83
C PRO B 220 10.31 5.21 38.18
N ASP B 221 9.55 4.28 37.61
CA ASP B 221 10.14 3.09 37.00
C ASP B 221 9.58 2.73 35.62
N ALA B 222 10.04 1.60 35.12
CA ALA B 222 9.63 1.06 33.82
C ALA B 222 8.13 0.81 33.74
N ALA B 223 7.56 0.28 34.81
CA ALA B 223 6.13 -0.02 34.85
C ALA B 223 5.32 1.25 34.72
N ALA B 224 5.79 2.33 35.34
CA ALA B 224 5.08 3.60 35.27
C ALA B 224 5.05 4.11 33.83
N VAL B 225 6.19 3.96 33.13
CA VAL B 225 6.30 4.42 31.74
C VAL B 225 5.38 3.63 30.83
N ASN B 226 5.46 2.31 30.92
CA ASN B 226 4.65 1.42 30.09
C ASN B 226 3.12 1.57 30.22
N SER B 227 2.67 1.96 31.42
CA SER B 227 1.25 2.14 31.70
C SER B 227 0.56 3.14 30.77
N TYR B 228 1.28 4.17 30.36
CA TYR B 228 0.73 5.21 29.50
C TYR B 228 0.43 4.73 28.08
N MET B 229 0.95 3.56 27.72
CA MET B 229 0.70 2.99 26.42
C MET B 229 -0.57 2.15 26.50
N GLU B 230 -1.18 2.13 27.69
CA GLU B 230 -2.37 1.32 27.92
C GLU B 230 -3.63 2.15 28.20
N GLN B 231 -3.77 3.28 27.51
CA GLN B 231 -4.92 4.17 27.67
C GLN B 231 -5.78 4.26 26.39
N VAL B 232 -6.98 4.81 26.54
CA VAL B 232 -7.90 4.97 25.40
C VAL B 232 -7.28 5.88 24.34
N ALA B 233 -7.39 5.48 23.07
CA ALA B 233 -6.85 6.28 21.98
C ALA B 233 -7.93 7.23 21.45
N VAL B 234 -7.54 8.44 21.07
CA VAL B 234 -8.49 9.43 20.58
C VAL B 234 -8.05 10.03 19.25
N LYS B 235 -8.99 10.16 18.31
CA LYS B 235 -8.67 10.72 17.01
C LYS B 235 -8.84 12.24 16.97
N ILE B 236 -7.83 12.93 16.42
CA ILE B 236 -7.81 14.38 16.31
C ILE B 236 -7.91 14.78 14.85
N ASP B 237 -8.71 15.79 14.53
CA ASP B 237 -8.85 16.26 13.16
C ASP B 237 -8.33 17.70 13.11
N LEU B 238 -7.35 17.95 12.25
CA LEU B 238 -6.75 19.28 12.10
C LEU B 238 -7.25 19.88 10.80
N THR B 239 -8.10 20.91 10.88
CA THR B 239 -8.66 21.49 9.65
C THR B 239 -8.21 22.93 9.37
N LYS B 240 -7.48 23.52 10.30
CA LYS B 240 -6.97 24.86 10.10
C LYS B 240 -5.44 24.83 10.21
N LEU B 241 -4.81 26.00 10.29
CA LEU B 241 -3.34 26.10 10.39
C LEU B 241 -2.94 26.54 11.79
N TYR B 242 -2.30 25.65 12.55
CA TYR B 242 -1.92 25.97 13.91
C TYR B 242 -0.44 26.21 14.14
N ARG B 243 -0.09 27.48 14.36
CA ARG B 243 1.29 27.83 14.66
C ARG B 243 1.59 27.48 16.12
N PHE B 244 2.75 26.88 16.36
CA PHE B 244 3.16 26.50 17.71
C PHE B 244 4.65 26.85 17.83
N THR B 245 5.16 26.92 19.06
CA THR B 245 6.55 27.35 19.24
C THR B 245 7.42 26.48 20.14
N GLU B 246 6.92 25.32 20.53
CA GLU B 246 7.70 24.39 21.36
C GLU B 246 7.44 22.99 20.82
N THR B 247 8.45 22.15 20.88
CA THR B 247 8.33 20.77 20.41
C THR B 247 7.07 20.08 20.97
N LEU B 248 6.27 19.51 20.08
CA LEU B 248 5.08 18.80 20.51
C LEU B 248 5.41 17.32 20.68
N TYR B 249 5.12 16.80 21.86
CA TYR B 249 5.37 15.39 22.13
C TYR B 249 4.08 14.59 22.09
N ILE B 250 3.96 13.76 21.06
CA ILE B 250 2.78 12.93 20.88
C ILE B 250 2.79 11.76 21.83
N PRO B 251 1.79 11.68 22.70
CA PRO B 251 1.67 10.57 23.64
C PRO B 251 1.09 9.34 22.95
N PRO B 252 1.26 8.16 23.53
CA PRO B 252 0.66 6.96 22.92
C PRO B 252 -0.85 7.09 22.82
N GLY B 253 -1.47 6.35 21.89
CA GLY B 253 -2.91 6.37 21.73
C GLY B 253 -3.46 7.62 21.08
N VAL B 254 -2.82 8.05 19.98
CA VAL B 254 -3.28 9.24 19.29
C VAL B 254 -3.38 9.01 17.78
N SER B 255 -4.48 9.48 17.18
CA SER B 255 -4.67 9.38 15.74
C SER B 255 -4.85 10.80 15.21
N ILE B 256 -4.14 11.15 14.15
CA ILE B 256 -4.24 12.49 13.61
C ILE B 256 -4.63 12.47 12.15
N GLU B 257 -5.67 13.22 11.77
CA GLU B 257 -6.11 13.25 10.40
C GLU B 257 -6.34 14.67 9.90
N ILE B 258 -6.18 14.84 8.60
CA ILE B 258 -6.39 16.10 7.90
C ILE B 258 -7.03 15.61 6.60
N PRO B 259 -7.97 16.39 6.01
CA PRO B 259 -8.64 15.89 4.80
C PRO B 259 -7.71 15.47 3.66
N THR B 260 -6.72 16.30 3.32
CA THR B 260 -5.79 15.93 2.26
C THR B 260 -4.36 16.24 2.64
N SER B 261 -3.44 15.60 1.94
CA SER B 261 -2.02 15.77 2.18
C SER B 261 -1.45 16.83 1.26
N ASN B 262 -0.54 17.64 1.77
CA ASN B 262 0.11 18.66 0.96
C ASN B 262 0.98 17.96 -0.07
N PHE B 263 1.21 18.64 -1.19
CA PHE B 263 2.06 18.13 -2.26
C PHE B 263 2.64 19.35 -2.94
N PHE B 264 3.88 19.69 -2.59
CA PHE B 264 4.54 20.87 -3.16
C PHE B 264 3.63 22.09 -3.02
N THR B 265 2.96 22.21 -1.88
CA THR B 265 2.07 23.35 -1.73
C THR B 265 2.86 24.58 -1.28
N ARG B 266 2.62 25.67 -2.01
CA ARG B 266 3.28 26.94 -1.79
C ARG B 266 2.88 27.61 -0.48
N GLU B 267 1.59 27.51 -0.14
CA GLU B 267 1.09 28.09 1.11
C GLU B 267 0.21 27.10 1.86
N CYS B 268 0.77 26.53 2.93
CA CYS B 268 0.07 25.57 3.77
C CYS B 268 -1.14 26.23 4.42
N LYS B 269 -2.29 25.57 4.32
CA LYS B 269 -3.52 26.11 4.90
C LYS B 269 -4.01 25.25 6.07
N GLN B 270 -3.57 23.99 6.10
CA GLN B 270 -4.00 23.09 7.17
C GLN B 270 -2.84 22.26 7.71
N GLY B 271 -2.74 22.19 9.03
CA GLY B 271 -1.68 21.43 9.64
C GLY B 271 -0.95 22.18 10.74
N LEU B 272 0.30 21.82 10.96
CA LEU B 272 1.12 22.42 12.00
C LEU B 272 2.28 23.24 11.47
N PHE B 273 2.53 24.37 12.11
CA PHE B 273 3.60 25.27 11.74
C PHE B 273 4.50 25.50 12.96
N TYR B 274 5.70 24.91 12.93
CA TYR B 274 6.67 25.03 14.02
C TYR B 274 7.45 26.31 13.84
N ASP B 275 7.52 27.10 14.90
CA ASP B 275 8.20 28.39 14.84
C ASP B 275 8.79 28.75 16.19
N PRO B 276 9.84 28.04 16.61
CA PRO B 276 10.43 28.27 17.94
C PRO B 276 11.51 29.36 17.96
N VAL B 277 11.90 29.77 19.17
CA VAL B 277 12.98 30.74 19.31
C VAL B 277 14.30 29.99 19.09
N ASP B 278 14.41 28.81 19.69
CA ASP B 278 15.58 27.94 19.54
C ASP B 278 15.35 26.98 18.37
N LYS B 279 15.91 27.31 17.22
CA LYS B 279 15.76 26.49 16.02
C LYS B 279 16.50 25.15 16.08
N ASN B 280 17.40 25.00 17.04
CA ASN B 280 18.14 23.75 17.16
C ASN B 280 17.31 22.75 17.95
N THR B 281 16.11 22.48 17.44
CA THR B 281 15.16 21.57 18.06
C THR B 281 14.30 20.86 17.03
N ALA B 282 13.43 19.96 17.49
CA ALA B 282 12.52 19.23 16.61
C ALA B 282 11.10 19.78 16.70
N ALA B 283 10.37 19.76 15.59
CA ALA B 283 8.98 20.25 15.59
C ALA B 283 8.06 19.29 16.32
N ILE B 284 8.21 18.00 16.01
CA ILE B 284 7.37 16.97 16.61
C ILE B 284 8.24 15.77 16.97
N SER B 285 7.94 15.15 18.11
CA SER B 285 8.69 13.99 18.52
C SER B 285 7.82 13.01 19.25
N LEU B 286 8.17 11.73 19.15
CA LEU B 286 7.46 10.70 19.87
C LEU B 286 8.04 10.70 21.29
N MET B 287 7.54 9.83 22.15
CA MET B 287 8.04 9.81 23.52
C MET B 287 8.92 8.63 23.88
N VAL B 288 10.16 8.95 24.24
CA VAL B 288 11.14 7.96 24.69
C VAL B 288 11.70 8.44 26.02
N TYR B 289 11.69 7.56 27.01
CA TYR B 289 12.18 7.89 28.34
C TYR B 289 13.59 7.39 28.59
N ARG B 290 14.44 8.28 29.09
CA ARG B 290 15.84 7.95 29.36
C ARG B 290 16.12 7.76 30.86
N LYS B 291 16.70 6.61 31.22
CA LYS B 291 17.03 6.30 32.61
C LYS B 291 17.96 7.34 33.23
N GLN B 292 17.61 7.80 34.43
CA GLN B 292 18.42 8.80 35.14
C GLN B 292 19.36 8.08 36.11
N PRO B 293 20.44 8.77 36.54
CA PRO B 293 21.41 8.18 37.47
C PRO B 293 20.77 7.43 38.65
N ASP B 294 19.79 8.07 39.27
CA ASP B 294 19.07 7.48 40.41
C ASP B 294 18.04 6.40 40.05
N GLY B 295 18.11 5.89 38.83
CA GLY B 295 17.20 4.84 38.38
C GLY B 295 15.81 5.28 37.93
N SER B 296 15.54 6.58 37.94
CA SER B 296 14.24 7.09 37.51
C SER B 296 14.26 7.30 36.00
N TYR B 297 13.18 7.83 35.44
CA TYR B 297 13.09 8.07 33.99
C TYR B 297 12.57 9.45 33.63
N LYS B 298 13.22 10.08 32.65
CA LYS B 298 12.82 11.39 32.20
C LYS B 298 12.59 11.38 30.69
N LEU B 299 11.56 12.10 30.26
CA LEU B 299 11.23 12.20 28.86
C LEU B 299 12.39 12.80 28.12
N ASN B 300 12.71 12.27 26.95
CA ASN B 300 13.79 12.86 26.19
C ASN B 300 13.38 14.21 25.62
N LYS B 301 14.20 15.22 25.86
CA LYS B 301 13.94 16.55 25.35
C LYS B 301 15.08 17.05 24.45
N ASP B 302 16.11 16.21 24.29
CA ASP B 302 17.28 16.52 23.48
C ASP B 302 16.98 16.27 22.00
N VAL B 303 17.29 17.26 21.16
CA VAL B 303 16.99 17.13 19.73
C VAL B 303 17.76 16.01 19.02
N ASP B 304 19.04 15.89 19.34
CA ASP B 304 19.90 14.91 18.68
C ASP B 304 19.72 13.49 19.19
N TYR B 305 19.17 13.32 20.38
CA TYR B 305 19.02 11.98 20.92
C TYR B 305 18.14 11.03 20.12
N TYR B 306 18.54 9.76 20.07
CA TYR B 306 17.76 8.72 19.43
C TYR B 306 18.10 7.44 20.18
N PRO B 307 17.08 6.66 20.54
CA PRO B 307 17.29 5.40 21.27
C PRO B 307 17.79 4.31 20.34
N THR B 308 18.68 3.45 20.85
CA THR B 308 19.21 2.35 20.06
C THR B 308 18.52 1.09 20.54
N GLY B 309 18.55 0.05 19.71
CA GLY B 309 17.94 -1.22 20.08
C GLY B 309 18.54 -1.71 21.39
N LEU B 310 19.80 -1.34 21.60
CA LEU B 310 20.53 -1.70 22.81
C LEU B 310 19.84 -1.03 24.00
N ASP B 311 19.70 0.29 23.93
CA ASP B 311 19.04 1.09 24.98
C ASP B 311 17.69 0.50 25.37
N ILE B 312 16.90 0.11 24.38
CA ILE B 312 15.58 -0.46 24.60
C ILE B 312 15.69 -1.83 25.29
N ASP B 313 16.73 -2.59 24.94
CA ASP B 313 16.97 -3.90 25.54
C ASP B 313 17.68 -3.74 26.88
N ASN B 314 18.45 -2.67 26.98
CA ASN B 314 19.23 -2.35 28.18
C ASN B 314 18.33 -1.94 29.33
N GLY B 315 17.56 -0.88 29.07
CA GLY B 315 16.67 -0.31 30.05
C GLY B 315 17.07 1.15 30.14
N ASP B 316 18.17 1.48 29.47
CA ASP B 316 18.68 2.85 29.47
C ASP B 316 17.66 3.78 28.80
N ALA B 317 16.78 3.17 28.00
CA ALA B 317 15.71 3.90 27.32
C ALA B 317 14.45 3.07 27.32
N ILE B 318 13.32 3.75 27.47
CA ILE B 318 12.02 3.08 27.45
C ILE B 318 11.11 3.87 26.52
N THR B 319 10.54 3.15 25.57
CA THR B 319 9.64 3.71 24.60
C THR B 319 8.29 4.00 25.19
N CYS B 320 7.75 5.17 24.86
CA CYS B 320 6.39 5.54 25.23
C CYS B 320 5.76 6.06 23.93
N ALA B 321 6.03 5.34 22.85
CA ALA B 321 5.55 5.66 21.53
C ALA B 321 4.93 4.41 20.96
N ARG B 322 3.61 4.32 21.08
CA ARG B 322 2.87 3.18 20.59
C ARG B 322 1.44 3.61 20.33
N LYS B 323 0.72 2.85 19.51
CA LYS B 323 -0.65 3.19 19.16
C LYS B 323 -0.74 4.63 18.65
N ILE B 324 0.10 4.95 17.67
CA ILE B 324 0.09 6.29 17.08
C ILE B 324 -0.13 6.14 15.58
N ASP B 325 -1.16 6.81 15.08
CA ASP B 325 -1.53 6.75 13.66
C ASP B 325 -1.70 8.14 13.10
N ILE B 326 -1.13 8.39 11.92
CA ILE B 326 -1.19 9.71 11.32
C ILE B 326 -1.60 9.64 9.85
N ASN B 327 -2.64 10.39 9.51
CA ASN B 327 -3.15 10.43 8.14
C ASN B 327 -3.21 11.86 7.61
N ASN B 328 -2.39 12.13 6.60
CA ASN B 328 -2.32 13.44 5.94
C ASN B 328 -1.86 14.63 6.78
N LEU B 329 -1.14 14.37 7.87
CA LEU B 329 -0.65 15.50 8.66
C LEU B 329 0.33 16.34 7.83
N ASN B 330 0.11 17.65 7.82
CA ASN B 330 1.01 18.56 7.14
C ASN B 330 1.81 19.32 8.19
N LEU B 331 3.14 19.24 8.09
CA LEU B 331 4.01 19.93 9.03
C LEU B 331 4.97 20.85 8.30
N ILE B 332 4.82 22.15 8.53
CA ILE B 332 5.79 23.08 7.97
C ILE B 332 6.60 23.61 9.14
N THR B 333 7.72 24.26 8.84
CA THR B 333 8.57 24.71 9.92
C THR B 333 9.19 26.03 9.54
N ALA B 334 9.61 26.81 10.52
CA ALA B 334 10.27 28.07 10.21
C ALA B 334 11.64 27.73 9.62
N PRO B 335 12.13 28.54 8.66
CA PRO B 335 13.46 28.29 8.08
C PRO B 335 14.52 28.10 9.15
N GLY B 336 15.41 27.12 8.99
CA GLY B 336 16.46 26.90 9.95
C GLY B 336 16.23 25.85 11.02
N VAL B 337 14.99 25.36 11.13
CA VAL B 337 14.70 24.34 12.13
C VAL B 337 15.53 23.07 11.83
N LYS B 338 16.12 22.50 12.86
CA LYS B 338 16.97 21.31 12.69
C LYS B 338 16.20 20.07 12.21
N VAL B 339 15.18 19.66 12.95
CA VAL B 339 14.42 18.47 12.58
C VAL B 339 12.90 18.64 12.51
N GLY B 340 12.30 18.16 11.42
CA GLY B 340 10.86 18.21 11.26
C GLY B 340 10.22 17.25 12.24
N VAL B 341 10.43 15.95 12.03
CA VAL B 341 9.83 14.92 12.89
C VAL B 341 10.80 13.89 13.45
N LYS B 342 10.71 13.63 14.76
CA LYS B 342 11.55 12.62 15.40
C LYS B 342 10.73 11.37 15.68
N TRP B 343 10.78 10.44 14.74
CA TRP B 343 10.03 9.20 14.84
C TRP B 343 10.86 8.17 15.62
N ILE B 344 11.02 8.42 16.93
CA ILE B 344 11.83 7.56 17.79
C ILE B 344 11.03 6.66 18.73
N GLY B 345 11.36 5.38 18.70
CA GLY B 345 10.69 4.39 19.53
C GLY B 345 9.31 4.01 19.04
N GLY B 346 8.93 4.50 17.87
CA GLY B 346 7.60 4.24 17.31
C GLY B 346 7.34 2.87 16.69
N ALA B 347 7.73 1.81 17.38
CA ALA B 347 7.52 0.47 16.84
C ALA B 347 6.02 0.20 16.62
N GLY B 348 5.67 -0.29 15.44
CA GLY B 348 4.29 -0.55 15.12
C GLY B 348 3.48 0.71 14.83
N CYS B 349 4.09 1.89 14.93
CA CYS B 349 3.38 3.13 14.65
C CYS B 349 3.26 3.33 13.14
N THR B 350 2.20 3.98 12.71
CA THR B 350 1.96 4.11 11.27
C THR B 350 1.69 5.51 10.78
N THR B 351 1.89 5.69 9.48
CA THR B 351 1.76 6.98 8.83
C THR B 351 1.23 6.83 7.41
N LYS B 352 0.44 7.80 6.96
CA LYS B 352 -0.05 7.82 5.60
C LYS B 352 -0.19 9.26 5.19
N GLY B 353 0.48 9.64 4.10
CA GLY B 353 0.40 11.02 3.64
C GLY B 353 1.02 12.04 4.58
N LEU B 354 1.95 11.63 5.43
CA LEU B 354 2.64 12.59 6.31
C LEU B 354 3.37 13.50 5.32
N SER B 355 3.15 14.81 5.40
CA SER B 355 3.75 15.73 4.46
C SER B 355 4.49 16.86 5.18
N ILE B 356 5.82 16.85 5.02
CA ILE B 356 6.70 17.82 5.68
C ILE B 356 7.28 18.86 4.73
N GLY B 357 7.29 20.11 5.18
CA GLY B 357 7.85 21.19 4.39
C GLY B 357 6.89 21.89 3.46
N GLU B 358 7.20 23.16 3.20
CA GLU B 358 6.40 23.99 2.32
C GLU B 358 7.22 24.51 1.15
N ASN B 359 6.62 24.50 -0.02
CA ASN B 359 7.23 24.98 -1.23
C ASN B 359 7.08 26.51 -1.24
N THR B 360 7.58 27.15 -0.18
CA THR B 360 7.48 28.59 0.02
C THR B 360 7.80 29.44 -1.22
N GLY B 361 8.93 29.16 -1.87
CA GLY B 361 9.36 29.89 -3.05
C GLY B 361 10.72 29.39 -3.51
N SER B 362 11.25 30.00 -4.58
CA SER B 362 12.54 29.56 -5.15
C SER B 362 13.77 29.61 -4.23
N ASP B 363 13.78 30.49 -3.25
CA ASP B 363 14.92 30.56 -2.35
C ASP B 363 14.76 29.67 -1.11
N ILE B 364 15.38 28.50 -1.18
CA ILE B 364 15.30 27.51 -0.11
C ILE B 364 15.69 28.01 1.29
N THR B 365 16.58 29.00 1.34
CA THR B 365 17.05 29.55 2.63
C THR B 365 15.96 30.22 3.47
N THR B 366 14.88 30.66 2.82
CA THR B 366 13.77 31.29 3.52
C THR B 366 12.48 30.45 3.44
N ALA B 367 12.59 29.28 2.83
CA ALA B 367 11.43 28.40 2.70
C ALA B 367 11.05 27.79 4.05
N ARG B 368 9.76 27.54 4.24
CA ARG B 368 9.31 26.98 5.50
C ARG B 368 9.39 25.44 5.54
N LEU B 369 10.63 24.95 5.59
CA LEU B 369 10.92 23.53 5.60
C LEU B 369 12.11 23.27 6.54
N PRO B 370 12.22 22.06 7.09
CA PRO B 370 13.31 21.80 8.04
C PRO B 370 14.62 21.38 7.39
N ARG B 371 15.71 21.46 8.16
CA ARG B 371 17.01 21.08 7.64
C ARG B 371 17.02 19.57 7.46
N VAL B 372 16.45 18.87 8.44
CA VAL B 372 16.34 17.42 8.40
C VAL B 372 14.86 17.08 8.53
N GLY B 373 14.27 16.53 7.47
CA GLY B 373 12.87 16.19 7.45
C GLY B 373 12.41 15.25 8.56
N LEU B 374 12.96 14.05 8.59
CA LEU B 374 12.56 13.06 9.57
C LEU B 374 13.74 12.22 10.05
N LEU B 375 13.76 11.94 11.34
CA LEU B 375 14.81 11.14 11.96
C LEU B 375 14.10 10.02 12.70
N GLN B 376 14.48 8.78 12.41
CA GLN B 376 13.84 7.61 13.00
C GLN B 376 14.78 6.53 13.53
N SER B 377 14.45 5.96 14.69
CA SER B 377 15.19 4.86 15.27
C SER B 377 14.27 4.02 16.15
N ALA B 378 14.66 2.78 16.42
CA ALA B 378 13.89 1.87 17.28
C ALA B 378 12.39 1.79 16.92
N SER B 379 12.10 1.91 15.63
CA SER B 379 10.74 1.87 15.14
C SER B 379 10.46 0.62 14.32
N TRP B 380 10.87 -0.55 14.81
CA TRP B 380 10.62 -1.78 14.07
C TRP B 380 9.13 -1.95 13.77
N GLY B 381 8.83 -2.50 12.61
CA GLY B 381 7.45 -2.71 12.21
C GLY B 381 6.64 -1.45 11.93
N SER B 382 7.28 -0.28 11.86
CA SER B 382 6.52 0.92 11.56
C SER B 382 6.40 1.06 10.04
N ILE B 383 5.32 1.68 9.58
CA ILE B 383 5.08 1.85 8.14
C ILE B 383 4.78 3.29 7.79
N HIS B 384 5.49 3.84 6.80
CA HIS B 384 5.22 5.19 6.32
C HIS B 384 4.68 5.03 4.90
N GLU B 385 3.39 5.27 4.71
CA GLU B 385 2.80 5.17 3.40
C GLU B 385 2.74 6.55 2.77
N ASN B 386 3.30 6.67 1.57
CA ASN B 386 3.26 7.91 0.80
C ASN B 386 3.70 9.17 1.55
N LEU B 387 4.82 9.04 2.23
CA LEU B 387 5.44 10.12 2.96
C LEU B 387 5.96 11.16 1.97
N ARG B 388 5.74 12.44 2.25
CA ARG B 388 6.22 13.50 1.36
C ARG B 388 7.12 14.39 2.19
N ILE B 389 8.34 14.64 1.70
CA ILE B 389 9.27 15.49 2.43
C ILE B 389 9.91 16.49 1.48
N LEU B 390 9.95 17.75 1.93
CA LEU B 390 10.61 18.84 1.22
C LEU B 390 11.61 19.26 2.28
N TYR B 391 12.90 19.13 1.96
CA TYR B 391 13.96 19.43 2.94
C TYR B 391 15.06 20.32 2.37
N LYS B 392 16.02 20.65 3.21
CA LYS B 392 17.13 21.50 2.78
C LYS B 392 18.49 20.80 2.85
N THR B 393 18.68 19.99 3.89
CA THR B 393 19.93 19.29 4.12
C THR B 393 19.81 17.77 4.05
N GLN B 394 18.80 17.23 4.71
CA GLN B 394 18.55 15.78 4.71
C GLN B 394 17.03 15.48 4.74
N GLY B 395 16.58 14.61 3.83
CA GLY B 395 15.18 14.25 3.78
C GLY B 395 14.77 13.39 4.96
N ALA B 396 15.20 12.13 4.95
CA ALA B 396 14.89 11.22 6.03
C ALA B 396 16.14 10.50 6.50
N VAL B 397 16.21 10.17 7.77
CA VAL B 397 17.36 9.47 8.32
C VAL B 397 16.86 8.33 9.18
N PHE B 398 17.34 7.12 8.90
CA PHE B 398 16.92 5.94 9.64
C PHE B 398 18.15 5.29 10.30
N ILE B 399 18.13 5.18 11.63
CA ILE B 399 19.28 4.64 12.36
C ILE B 399 18.95 3.51 13.33
N ASP B 400 19.88 2.58 13.50
CA ASP B 400 19.74 1.47 14.45
C ASP B 400 18.55 0.54 14.18
N SER B 401 18.03 -0.10 15.21
CA SER B 401 16.93 -1.05 15.04
C SER B 401 15.69 -0.42 14.39
N ASN B 402 15.29 -0.97 13.25
CA ASN B 402 14.12 -0.54 12.50
C ASN B 402 13.64 -1.76 11.74
N GLY B 403 13.86 -2.92 12.34
CA GLY B 403 13.51 -4.20 11.73
C GLY B 403 12.11 -4.28 11.15
N GLY B 404 12.02 -4.63 9.88
CA GLY B 404 10.73 -4.77 9.24
C GLY B 404 9.98 -3.47 8.93
N ALA B 405 10.60 -2.32 9.22
CA ALA B 405 9.96 -1.05 8.92
C ALA B 405 9.87 -0.86 7.41
N ALA B 406 8.91 -0.06 6.96
CA ALA B 406 8.75 0.15 5.53
C ALA B 406 8.42 1.60 5.17
N VAL B 407 8.89 2.03 4.00
CA VAL B 407 8.66 3.37 3.50
C VAL B 407 8.27 3.23 2.04
N ASN B 408 6.96 3.22 1.81
CA ASN B 408 6.39 3.04 0.48
C ASN B 408 5.92 4.29 -0.22
N ASN B 409 6.27 4.39 -1.49
CA ASN B 409 5.87 5.54 -2.31
C ASN B 409 6.21 6.89 -1.70
N ALA B 410 7.38 7.00 -1.10
CA ALA B 410 7.79 8.25 -0.52
C ALA B 410 8.12 9.22 -1.66
N TYR B 411 7.94 10.51 -1.42
CA TYR B 411 8.25 11.53 -2.41
C TYR B 411 9.14 12.52 -1.65
N ILE B 412 10.44 12.29 -1.72
CA ILE B 412 11.40 13.11 -1.00
C ILE B 412 12.15 13.98 -2.00
N SER B 413 12.20 15.28 -1.71
CA SER B 413 12.84 16.23 -2.60
C SER B 413 13.42 17.44 -1.90
N ARG B 414 14.59 17.89 -2.37
CA ARG B 414 15.16 19.10 -1.82
C ARG B 414 14.44 20.18 -2.60
N LEU B 415 14.17 21.33 -1.99
CA LEU B 415 13.49 22.38 -2.72
C LEU B 415 14.49 23.06 -3.66
N GLY B 416 14.64 22.51 -4.86
CA GLY B 416 15.59 23.02 -5.84
C GLY B 416 17.01 22.46 -5.66
N ASN B 417 17.84 22.63 -6.69
CA ASN B 417 19.24 22.16 -6.75
C ASN B 417 20.26 23.14 -6.19
N THR B 418 19.90 24.42 -6.18
CA THR B 418 20.79 25.49 -5.76
C THR B 418 21.53 25.28 -4.46
N ASN B 419 22.85 25.18 -4.57
CA ASN B 419 23.73 25.00 -3.43
C ASN B 419 23.55 23.73 -2.63
N GLY B 420 22.87 22.75 -3.21
CA GLY B 420 22.67 21.48 -2.52
C GLY B 420 24.02 20.83 -2.25
N GLU B 421 24.96 21.03 -3.18
CA GLU B 421 26.29 20.43 -3.04
C GLU B 421 27.05 20.91 -1.81
N LEU B 422 26.62 22.02 -1.22
CA LEU B 422 27.28 22.57 -0.04
C LEU B 422 26.64 22.17 1.29
N GLU B 423 25.48 21.53 1.25
CA GLU B 423 24.82 21.12 2.48
C GLU B 423 25.66 20.05 3.16
N GLN B 424 25.75 20.10 4.48
CA GLN B 424 26.50 19.09 5.20
C GLN B 424 25.54 18.26 6.03
N ALA B 425 25.48 16.96 5.75
CA ALA B 425 24.60 16.05 6.49
C ALA B 425 24.83 16.19 7.98
N VAL B 426 23.74 16.15 8.74
CA VAL B 426 23.82 16.32 10.19
C VAL B 426 23.92 14.96 10.89
N TYR B 427 23.07 14.04 10.48
CA TYR B 427 23.06 12.71 11.05
C TYR B 427 23.53 11.79 9.93
N LYS B 428 24.70 11.19 10.13
CA LYS B 428 25.31 10.36 9.09
C LYS B 428 26.29 9.34 9.66
N PRO B 429 26.52 8.24 8.93
CA PRO B 429 27.49 7.25 9.41
C PRO B 429 28.92 7.84 9.41
N ALA B 430 29.80 7.33 10.28
CA ALA B 430 31.18 7.84 10.34
C ALA B 430 31.89 7.75 8.99
N GLY B 431 31.56 6.71 8.21
CA GLY B 431 32.15 6.50 6.90
C GLY B 431 31.73 7.48 5.82
N PHE B 432 30.73 8.32 6.10
CA PHE B 432 30.29 9.31 5.11
C PHE B 432 30.87 10.69 5.43
N THR B 433 31.86 11.11 4.63
CA THR B 433 32.53 12.39 4.87
C THR B 433 32.36 13.40 3.75
N GLU B 434 31.66 13.00 2.69
CA GLU B 434 31.43 13.90 1.56
C GLU B 434 30.47 15.04 1.92
N VAL B 435 30.48 16.09 1.10
CA VAL B 435 29.62 17.24 1.28
C VAL B 435 28.53 17.20 0.22
N GLY B 436 27.32 17.60 0.62
CA GLY B 436 26.17 17.62 -0.28
C GLY B 436 24.95 17.07 0.44
N ASP B 437 23.78 17.56 0.04
CA ASP B 437 22.52 17.11 0.63
C ASP B 437 22.22 15.63 0.36
N VAL B 438 21.57 14.96 1.32
CA VAL B 438 21.23 13.56 1.20
C VAL B 438 19.73 13.33 1.44
N ALA B 439 19.02 12.89 0.40
CA ALA B 439 17.59 12.65 0.52
C ALA B 439 17.28 11.60 1.57
N VAL B 440 17.98 10.46 1.52
CA VAL B 440 17.76 9.36 2.46
C VAL B 440 19.08 8.83 3.03
N THR B 441 19.19 8.79 4.35
CA THR B 441 20.39 8.31 5.02
C THR B 441 20.06 7.13 5.94
N GLN B 442 20.86 6.07 5.89
CA GLN B 442 20.58 4.92 6.75
C GLN B 442 21.88 4.33 7.28
N PHE B 443 21.90 3.96 8.56
CA PHE B 443 23.10 3.33 9.13
C PHE B 443 22.85 2.64 10.46
N ALA B 444 23.94 2.10 11.01
CA ALA B 444 23.97 1.40 12.29
C ALA B 444 23.09 0.15 12.36
N GLY B 445 22.92 -0.52 11.22
CA GLY B 445 22.13 -1.74 11.19
C GLY B 445 20.65 -1.54 10.88
N SER B 446 20.27 -0.34 10.51
CA SER B 446 18.88 -0.09 10.15
C SER B 446 18.68 -0.71 8.76
N GLU B 447 17.59 -1.46 8.57
CA GLU B 447 17.32 -2.09 7.27
C GLU B 447 15.88 -1.84 6.78
N VAL B 448 15.54 -0.57 6.62
CA VAL B 448 14.22 -0.17 6.18
C VAL B 448 14.03 -0.48 4.70
N LYS B 449 12.85 -0.99 4.34
CA LYS B 449 12.56 -1.27 2.94
C LYS B 449 11.98 -0.06 2.22
N PHE B 450 12.68 0.38 1.17
CA PHE B 450 12.24 1.53 0.39
C PHE B 450 11.61 1.04 -0.91
N ASN B 451 10.29 1.11 -0.98
CA ASN B 451 9.56 0.66 -2.16
C ASN B 451 9.05 1.85 -2.97
N SER B 452 9.44 1.89 -4.23
CA SER B 452 9.08 2.96 -5.16
C SER B 452 9.25 4.40 -4.66
N PRO B 453 10.40 4.73 -4.05
CA PRO B 453 10.54 6.12 -3.62
C PRO B 453 10.75 7.02 -4.83
N ILE B 454 10.36 8.28 -4.70
CA ILE B 454 10.57 9.27 -5.74
C ILE B 454 11.50 10.25 -5.06
N ILE B 455 12.73 10.33 -5.56
CA ILE B 455 13.75 11.19 -4.99
C ILE B 455 14.14 12.25 -6.02
N GLU B 456 14.02 13.51 -5.66
CA GLU B 456 14.33 14.59 -6.59
C GLU B 456 15.25 15.68 -6.03
N GLN B 457 16.03 16.26 -6.94
CA GLN B 457 16.97 17.36 -6.68
C GLN B 457 18.03 17.12 -5.61
N ALA B 458 18.40 15.88 -5.34
CA ALA B 458 19.40 15.62 -4.30
C ALA B 458 20.85 15.41 -4.80
N SER B 459 21.82 15.75 -3.94
CA SER B 459 23.22 15.55 -4.27
C SER B 459 23.45 14.05 -4.16
N PHE B 460 22.98 13.49 -3.06
CA PHE B 460 23.07 12.06 -2.79
C PHE B 460 21.65 11.57 -2.58
N ASP B 461 21.21 10.60 -3.37
CA ASP B 461 19.85 10.12 -3.20
C ASP B 461 19.76 9.23 -1.96
N PHE B 462 20.74 8.35 -1.80
CA PHE B 462 20.78 7.44 -0.66
C PHE B 462 22.21 7.26 -0.12
N VAL B 463 22.35 7.31 1.19
CA VAL B 463 23.63 7.06 1.84
C VAL B 463 23.29 5.98 2.84
N HIS B 464 23.89 4.80 2.65
CA HIS B 464 23.62 3.68 3.54
C HIS B 464 24.91 2.98 3.99
N ALA B 465 25.03 2.74 5.29
CA ALA B 465 26.18 2.03 5.82
C ALA B 465 25.69 0.80 6.57
N GLY B 466 26.36 -0.33 6.38
CA GLY B 466 25.98 -1.53 7.11
C GLY B 466 26.47 -1.36 8.54
N ARG B 467 26.16 -2.31 9.40
CA ARG B 467 26.60 -2.25 10.78
C ARG B 467 28.13 -2.38 10.79
N ASP B 468 28.81 -1.50 11.53
CA ASP B 468 30.29 -1.51 11.61
C ASP B 468 30.85 -2.87 11.93
N THR B 469 30.25 -3.50 12.90
CA THR B 469 30.71 -4.79 13.38
C THR B 469 30.66 -5.97 12.38
N ASP B 470 29.56 -6.12 11.65
CA ASP B 470 29.41 -7.28 10.79
C ASP B 470 28.74 -7.01 9.45
N SER B 471 28.66 -5.74 9.06
CA SER B 471 28.02 -5.34 7.80
C SER B 471 26.54 -5.77 7.71
N TYR B 472 25.88 -5.90 8.87
CA TYR B 472 24.46 -6.25 8.87
C TYR B 472 23.65 -5.04 8.42
N GLY B 473 22.55 -5.27 7.72
CA GLY B 473 21.68 -4.20 7.26
C GLY B 473 21.65 -4.06 5.75
N LEU B 474 20.79 -4.84 5.10
CA LEU B 474 20.67 -4.81 3.66
C LEU B 474 20.04 -3.52 3.13
N PHE B 475 20.69 -2.90 2.14
CA PHE B 475 20.15 -1.70 1.52
C PHE B 475 19.15 -2.16 0.43
N MET B 476 17.85 -2.01 0.73
CA MET B 476 16.78 -2.44 -0.18
C MET B 476 15.98 -1.31 -0.82
N VAL B 477 16.13 -1.15 -2.13
CA VAL B 477 15.39 -0.12 -2.86
C VAL B 477 14.82 -0.71 -4.13
N ASP B 478 13.49 -0.65 -4.22
CA ASP B 478 12.78 -1.21 -5.35
C ASP B 478 12.19 -0.10 -6.23
N LYS B 479 12.68 -0.02 -7.46
CA LYS B 479 12.23 0.95 -8.45
C LYS B 479 12.23 2.43 -8.00
N PRO B 480 13.42 2.97 -7.72
CA PRO B 480 13.46 4.38 -7.32
C PRO B 480 13.27 5.28 -8.54
N HIS B 481 12.52 6.37 -8.38
CA HIS B 481 12.31 7.30 -9.48
C HIS B 481 13.19 8.50 -9.16
N ILE B 482 14.40 8.52 -9.72
CA ILE B 482 15.38 9.57 -9.41
C ILE B 482 15.54 10.61 -10.51
N GLU B 483 15.36 11.89 -10.17
CA GLU B 483 15.48 12.97 -11.14
C GLU B 483 16.16 14.16 -10.51
N SER B 484 16.70 15.04 -11.35
CA SER B 484 17.38 16.23 -10.84
C SER B 484 17.56 17.25 -11.96
N SER B 485 17.12 18.48 -11.71
CA SER B 485 17.23 19.55 -12.69
C SER B 485 18.68 19.80 -13.13
N GLY B 486 18.87 19.93 -14.44
CA GLY B 486 20.18 20.17 -15.02
C GLY B 486 21.16 19.05 -14.78
N GLY B 487 20.65 17.85 -14.48
CA GLY B 487 21.49 16.70 -14.25
C GLY B 487 22.53 16.88 -13.15
N LYS B 488 22.19 17.67 -12.13
CA LYS B 488 23.11 17.94 -11.04
C LYS B 488 23.02 16.84 -9.98
N LYS B 489 24.12 16.12 -9.75
CA LYS B 489 24.12 15.01 -8.80
C LYS B 489 25.54 14.53 -8.46
N LYS B 490 25.72 13.92 -7.29
CA LYS B 490 27.02 13.36 -6.92
C LYS B 490 26.91 11.85 -7.15
N HIS B 491 26.11 11.18 -6.30
CA HIS B 491 25.88 9.75 -6.40
C HIS B 491 24.45 9.40 -5.99
N SER B 492 23.88 8.36 -6.60
CA SER B 492 22.53 7.93 -6.24
C SER B 492 22.58 6.93 -5.08
N PHE B 493 23.56 6.02 -5.12
CA PHE B 493 23.67 5.04 -4.04
C PHE B 493 25.10 5.03 -3.48
N TYR B 494 25.26 5.66 -2.33
CA TYR B 494 26.56 5.72 -1.66
C TYR B 494 26.54 4.64 -0.61
N LEU B 495 27.07 3.47 -0.95
CA LEU B 495 27.03 2.31 -0.06
C LEU B 495 28.34 2.01 0.66
N ILE B 496 28.27 2.01 1.99
CA ILE B 496 29.44 1.79 2.85
C ILE B 496 29.38 0.51 3.65
N ASN B 497 30.39 -0.36 3.50
CA ASN B 497 30.45 -1.63 4.26
C ASN B 497 29.09 -2.33 4.27
N THR B 498 28.53 -2.55 3.07
CA THR B 498 27.22 -3.16 3.00
C THR B 498 26.92 -3.92 1.71
N SER B 499 25.83 -4.68 1.76
CA SER B 499 25.30 -5.38 0.62
C SER B 499 24.06 -4.58 0.22
N SER B 500 23.48 -4.92 -0.92
CA SER B 500 22.28 -4.22 -1.38
C SER B 500 21.60 -5.02 -2.47
N ASN B 501 20.31 -4.75 -2.65
CA ASN B 501 19.48 -5.35 -3.71
C ASN B 501 18.67 -4.16 -4.23
N VAL B 502 18.95 -3.74 -5.46
CA VAL B 502 18.30 -2.60 -6.07
C VAL B 502 17.72 -2.99 -7.43
N THR B 503 16.47 -2.62 -7.68
CA THR B 503 15.81 -2.89 -8.97
C THR B 503 15.59 -1.53 -9.60
N LEU B 504 16.23 -1.29 -10.74
CA LEU B 504 16.12 -0.03 -11.45
C LEU B 504 14.90 -0.05 -12.37
N SER B 505 14.25 1.09 -12.53
CA SER B 505 13.06 1.16 -13.36
C SER B 505 13.23 2.01 -14.61
N GLY B 506 14.46 2.13 -15.10
CA GLY B 506 14.74 2.90 -16.30
C GLY B 506 14.74 4.40 -16.12
N VAL B 507 14.81 4.84 -14.88
CA VAL B 507 14.81 6.27 -14.55
C VAL B 507 16.05 6.57 -13.72
N GLY B 508 16.76 7.64 -14.06
CA GLY B 508 17.95 8.00 -13.30
C GLY B 508 18.98 8.77 -14.12
N LEU B 509 20.14 9.02 -13.52
CA LEU B 509 21.21 9.79 -14.15
C LEU B 509 22.46 9.82 -13.28
N SER B 510 23.53 10.42 -13.80
CA SER B 510 24.73 10.61 -13.02
C SER B 510 25.14 12.07 -13.26
N GLY B 511 25.85 12.65 -12.29
CA GLY B 511 26.25 14.04 -12.33
C GLY B 511 27.01 14.59 -13.53
N GLN B 512 27.30 15.90 -13.44
CA GLN B 512 27.99 16.64 -14.48
C GLN B 512 29.52 16.52 -14.43
N ASP B 513 30.05 16.11 -13.29
CA ASP B 513 31.50 15.94 -13.12
C ASP B 513 31.88 14.64 -13.84
N PRO B 514 32.60 14.76 -14.98
CA PRO B 514 32.98 13.61 -15.81
C PRO B 514 33.92 12.60 -15.15
N ASP B 515 34.42 12.90 -13.96
CA ASP B 515 35.33 11.98 -13.28
C ASP B 515 34.83 11.40 -11.96
N LEU B 516 34.22 12.25 -11.12
CA LEU B 516 33.78 11.82 -9.80
C LEU B 516 32.33 11.37 -9.64
N ASP B 517 31.44 11.83 -10.51
CA ASP B 517 30.03 11.48 -10.39
C ASP B 517 29.65 10.12 -10.97
N SER B 518 28.96 9.30 -10.18
CA SER B 518 28.53 7.99 -10.63
C SER B 518 27.27 7.54 -9.87
N MET B 519 26.49 6.66 -10.50
CA MET B 519 25.27 6.17 -9.88
C MET B 519 25.58 5.51 -8.55
N TYR B 520 26.55 4.61 -8.56
CA TYR B 520 26.96 3.93 -7.34
C TYR B 520 28.36 4.35 -6.91
N PHE B 521 28.57 4.40 -5.61
CA PHE B 521 29.89 4.59 -5.06
C PHE B 521 29.98 3.54 -3.97
N LEU B 522 30.85 2.56 -4.14
CA LEU B 522 30.98 1.47 -3.17
C LEU B 522 32.17 1.67 -2.24
N LYS B 523 31.89 2.04 -0.99
CA LYS B 523 32.97 2.33 -0.05
C LYS B 523 33.23 1.24 0.97
N ASN B 524 34.40 0.62 0.83
CA ASN B 524 34.84 -0.42 1.74
C ASN B 524 33.84 -1.54 2.01
N CYS B 525 33.18 -2.00 0.95
CA CYS B 525 32.25 -3.10 1.12
C CYS B 525 33.07 -4.38 1.25
N PRO B 526 32.76 -5.21 2.25
CA PRO B 526 33.56 -6.42 2.49
C PRO B 526 33.49 -7.41 1.34
N GLU B 527 34.41 -8.37 1.35
CA GLU B 527 34.50 -9.41 0.33
C GLU B 527 33.24 -10.26 0.19
N THR B 528 32.55 -10.46 1.32
CA THR B 528 31.36 -11.28 1.35
C THR B 528 30.09 -10.54 0.90
N ALA B 529 30.20 -9.23 0.77
CA ALA B 529 29.07 -8.42 0.37
C ALA B 529 28.77 -8.50 -1.12
N ARG B 530 27.52 -8.25 -1.51
CA ARG B 530 27.13 -8.21 -2.91
C ARG B 530 26.15 -7.07 -3.06
N ASN B 531 26.37 -6.22 -4.06
CA ASN B 531 25.48 -5.09 -4.31
C ASN B 531 24.84 -5.39 -5.64
N VAL B 532 23.69 -6.05 -5.58
CA VAL B 532 22.99 -6.52 -6.78
C VAL B 532 22.10 -5.50 -7.46
N VAL B 533 22.24 -5.43 -8.79
CA VAL B 533 21.51 -4.49 -9.61
C VAL B 533 20.65 -5.20 -10.65
N ARG B 534 19.35 -5.01 -10.56
CA ARG B 534 18.43 -5.59 -11.53
C ARG B 534 17.64 -4.47 -12.18
N GLY B 535 16.80 -4.84 -13.15
CA GLY B 535 15.97 -3.86 -13.82
C GLY B 535 16.61 -3.22 -15.03
N GLN B 536 16.09 -2.05 -15.38
CA GLN B 536 16.56 -1.32 -16.55
C GLN B 536 17.34 -0.06 -16.19
N MET B 537 18.51 0.08 -16.81
CA MET B 537 19.35 1.25 -16.62
C MET B 537 18.61 2.43 -17.25
N PRO B 538 18.98 3.67 -16.87
CA PRO B 538 18.37 4.87 -17.44
C PRO B 538 18.57 4.94 -18.95
N ILE B 539 17.66 5.60 -19.66
CA ILE B 539 17.77 5.72 -21.12
C ILE B 539 19.03 6.49 -21.49
N SER B 540 19.31 7.55 -20.73
CA SER B 540 20.48 8.38 -21.01
C SER B 540 21.73 7.80 -20.37
N GLY B 541 22.86 8.02 -21.04
CA GLY B 541 24.13 7.53 -20.55
C GLY B 541 24.43 8.04 -19.17
N VAL B 542 24.96 7.14 -18.33
CA VAL B 542 25.37 7.47 -16.99
C VAL B 542 26.68 6.73 -16.71
N LYS B 543 27.38 7.14 -15.66
CA LYS B 543 28.58 6.44 -15.24
C LYS B 543 28.08 5.56 -14.12
N LEU B 544 28.26 4.25 -14.26
CA LEU B 544 27.70 3.32 -13.29
C LEU B 544 28.29 3.21 -11.88
N VAL B 545 29.61 3.03 -11.78
CA VAL B 545 30.20 2.78 -10.47
C VAL B 545 31.62 3.31 -10.28
N ARG B 546 31.91 3.70 -9.03
CA ARG B 546 33.22 4.17 -8.60
C ARG B 546 33.29 3.60 -7.18
N GLY B 547 34.47 3.57 -6.56
CA GLY B 547 34.54 3.06 -5.21
C GLY B 547 35.90 3.14 -4.55
N THR B 548 35.99 2.62 -3.33
CA THR B 548 37.23 2.57 -2.55
C THR B 548 37.19 1.23 -1.84
N GLY B 549 38.35 0.60 -1.68
CA GLY B 549 38.39 -0.69 -1.04
C GLY B 549 38.91 -1.72 -2.01
N ASN B 550 39.34 -2.85 -1.49
CA ASN B 550 39.95 -3.89 -2.30
C ASN B 550 39.04 -5.03 -2.75
N TYR B 551 37.73 -4.85 -2.66
CA TYR B 551 36.85 -5.93 -3.06
C TYR B 551 35.70 -5.50 -3.97
N PRO B 552 35.54 -6.19 -5.11
CA PRO B 552 34.42 -5.94 -6.02
C PRO B 552 33.16 -6.58 -5.42
N THR B 553 32.04 -5.86 -5.46
CA THR B 553 30.80 -6.43 -4.91
C THR B 553 29.59 -6.17 -5.81
N LEU B 554 29.75 -5.30 -6.81
CA LEU B 554 28.62 -4.98 -7.70
C LEU B 554 28.26 -6.17 -8.59
N VAL B 555 26.97 -6.47 -8.70
CA VAL B 555 26.51 -7.59 -9.49
C VAL B 555 25.41 -7.19 -10.48
N LEU B 556 25.65 -7.40 -11.77
CA LEU B 556 24.62 -7.10 -12.76
C LEU B 556 23.79 -8.38 -12.94
N ASP B 557 22.60 -8.41 -12.34
CA ASP B 557 21.72 -9.57 -12.44
C ASP B 557 20.70 -9.37 -13.57
N CYS B 558 21.06 -9.77 -14.79
CA CYS B 558 20.18 -9.62 -15.95
C CYS B 558 19.77 -8.18 -16.18
N THR B 559 20.60 -7.26 -15.73
CA THR B 559 20.34 -5.84 -15.89
C THR B 559 20.13 -5.49 -17.36
N ASN B 560 19.04 -4.78 -17.66
CA ASN B 560 18.75 -4.32 -19.02
C ASN B 560 19.64 -3.08 -19.17
N MET B 561 20.70 -3.21 -19.96
CA MET B 561 21.66 -2.11 -20.11
C MET B 561 21.27 -1.07 -21.14
N GLY B 562 20.25 -1.36 -21.94
CA GLY B 562 19.82 -0.45 -22.99
C GLY B 562 20.96 -0.09 -23.92
N SER B 563 21.20 1.21 -24.07
CA SER B 563 22.30 1.69 -24.92
C SER B 563 23.46 2.23 -24.08
N GLN B 564 23.55 1.80 -22.82
CA GLN B 564 24.61 2.26 -21.91
C GLN B 564 26.02 1.99 -22.44
N PHE B 565 26.20 0.89 -23.16
CA PHE B 565 27.52 0.58 -23.70
C PHE B 565 27.96 1.62 -24.71
N GLN B 566 27.00 2.18 -25.44
CA GLN B 566 27.29 3.18 -26.46
C GLN B 566 27.30 4.62 -25.96
N PHE B 567 26.42 4.93 -24.99
CA PHE B 567 26.33 6.31 -24.50
C PHE B 567 26.76 6.52 -23.05
N GLY B 568 26.88 5.45 -22.29
CA GLY B 568 27.27 5.60 -20.88
C GLY B 568 28.71 5.18 -20.60
N GLU B 569 28.99 4.92 -19.33
CA GLU B 569 30.32 4.52 -18.89
C GLU B 569 30.20 3.58 -17.69
N VAL B 570 31.13 2.64 -17.55
CA VAL B 570 31.11 1.77 -16.38
C VAL B 570 31.68 2.56 -15.22
N GLY B 571 32.63 3.45 -15.53
CA GLY B 571 33.33 4.17 -14.47
C GLY B 571 34.53 3.31 -14.09
N ASP B 572 34.46 2.64 -12.94
CA ASP B 572 35.58 1.79 -12.49
C ASP B 572 35.25 0.29 -12.56
N ILE B 573 35.68 -0.36 -13.64
CA ILE B 573 35.42 -1.80 -13.83
C ILE B 573 35.91 -2.70 -12.68
N PHE B 574 36.82 -2.20 -11.86
CA PHE B 574 37.31 -3.01 -10.77
C PHE B 574 36.20 -3.45 -9.80
N TYR B 575 35.23 -2.57 -9.57
CA TYR B 575 34.19 -2.88 -8.60
C TYR B 575 33.09 -3.87 -8.99
N ILE B 576 33.09 -4.30 -10.26
CA ILE B 576 32.10 -5.26 -10.70
C ILE B 576 32.57 -6.67 -10.35
N LYS B 577 31.79 -7.33 -9.49
CA LYS B 577 32.11 -8.68 -9.04
C LYS B 577 31.63 -9.78 -9.99
N ASP B 578 30.41 -9.66 -10.52
CA ASP B 578 29.89 -10.69 -11.40
C ASP B 578 28.76 -10.14 -12.28
N VAL B 579 28.55 -10.77 -13.42
CA VAL B 579 27.53 -10.38 -14.36
C VAL B 579 26.76 -11.60 -14.83
N VAL B 580 25.44 -11.51 -14.79
CA VAL B 580 24.58 -12.60 -15.22
C VAL B 580 23.66 -12.09 -16.33
N GLY B 581 23.58 -12.81 -17.44
CA GLY B 581 22.70 -12.44 -18.54
C GLY B 581 22.95 -11.10 -19.23
N VAL B 582 24.21 -10.68 -19.28
CA VAL B 582 24.53 -9.44 -19.99
C VAL B 582 25.73 -9.78 -20.87
N LYS B 583 25.51 -9.73 -22.17
CA LYS B 583 26.57 -10.08 -23.13
C LYS B 583 26.89 -9.00 -24.17
N ALA B 584 28.08 -9.10 -24.75
CA ALA B 584 28.53 -8.20 -25.81
C ALA B 584 29.51 -9.02 -26.63
N ASP B 585 29.50 -8.84 -27.95
CA ASP B 585 30.37 -9.60 -28.81
C ASP B 585 31.84 -9.18 -28.82
N THR B 586 32.08 -7.87 -28.81
CA THR B 586 33.44 -7.37 -28.95
C THR B 586 33.84 -6.28 -27.96
N LEU B 587 35.11 -6.33 -27.55
CA LEU B 587 35.70 -5.33 -26.67
C LEU B 587 36.63 -4.49 -27.58
N TYR B 588 36.49 -3.18 -27.51
CA TYR B 588 37.26 -2.29 -28.36
C TYR B 588 38.31 -1.56 -27.55
N ILE B 589 39.55 -1.57 -28.04
CA ILE B 589 40.67 -0.90 -27.38
C ILE B 589 41.24 0.16 -28.31
N ASP B 590 41.54 1.33 -27.76
CA ASP B 590 42.13 2.41 -28.55
C ASP B 590 43.15 3.09 -27.64
N PRO B 591 44.44 2.79 -27.85
CA PRO B 591 45.48 3.39 -27.02
C PRO B 591 45.59 4.90 -27.20
N VAL B 592 45.08 5.40 -28.32
CA VAL B 592 45.18 6.82 -28.65
C VAL B 592 43.97 7.63 -28.21
N ASN B 593 42.78 7.15 -28.53
CA ASN B 593 41.56 7.88 -28.19
C ASN B 593 40.66 7.27 -27.14
N GLY B 594 40.94 6.03 -26.73
CA GLY B 594 40.08 5.37 -25.76
C GLY B 594 39.97 6.05 -24.39
N ASN B 595 38.93 5.69 -23.64
CA ASN B 595 38.72 6.22 -22.30
C ASN B 595 38.44 5.02 -21.39
N ASN B 596 39.22 4.86 -20.33
CA ASN B 596 39.02 3.74 -19.43
C ASN B 596 37.70 3.77 -18.65
N TYR B 597 37.02 4.92 -18.68
CA TYR B 597 35.73 5.05 -18.01
C TYR B 597 34.70 4.28 -18.85
N ASN B 598 35.00 4.10 -20.13
CA ASN B 598 34.06 3.43 -21.03
C ASN B 598 33.84 1.96 -20.73
N TRP B 599 32.74 1.43 -21.25
CA TRP B 599 32.45 0.02 -21.11
C TRP B 599 33.45 -0.69 -22.03
N GLY B 600 33.63 -0.15 -23.23
CA GLY B 600 34.53 -0.68 -24.24
C GLY B 600 33.86 -1.70 -25.16
N THR B 601 32.63 -2.10 -24.83
CA THR B 601 31.90 -3.09 -25.60
C THR B 601 31.16 -2.49 -26.82
N ASN B 602 31.20 -1.17 -26.95
CA ASN B 602 30.62 -0.55 -28.12
C ASN B 602 31.75 0.16 -28.85
N GLY B 603 31.80 -0.02 -30.17
CA GLY B 603 32.84 0.55 -31.02
C GLY B 603 33.08 2.05 -30.98
N THR B 604 32.06 2.83 -30.63
CA THR B 604 32.23 4.28 -30.57
C THR B 604 32.82 4.70 -29.23
N LYS B 605 32.85 3.78 -28.27
CA LYS B 605 33.39 4.07 -26.95
C LYS B 605 34.40 3.01 -26.49
N PRO B 606 35.57 2.98 -27.12
CA PRO B 606 36.56 1.98 -26.70
C PRO B 606 37.25 2.40 -25.42
N ILE B 607 37.86 1.44 -24.73
CA ILE B 607 38.64 1.74 -23.54
C ILE B 607 40.08 2.00 -24.04
N ARG B 608 41.01 2.33 -23.14
CA ARG B 608 42.35 2.62 -23.65
C ARG B 608 43.49 1.69 -23.24
N GLU B 609 43.35 1.01 -22.11
CA GLU B 609 44.41 0.11 -21.65
C GLU B 609 44.01 -1.37 -21.72
N LEU B 610 44.99 -2.24 -21.51
CA LEU B 610 44.77 -3.68 -21.56
C LEU B 610 44.58 -4.30 -20.18
N THR B 611 44.86 -3.51 -19.15
CA THR B 611 44.79 -3.98 -17.77
C THR B 611 43.64 -4.94 -17.47
N ASN B 612 42.42 -4.55 -17.85
CA ASN B 612 41.25 -5.37 -17.53
C ASN B 612 40.56 -6.10 -18.68
N ILE B 613 41.23 -6.26 -19.82
CA ILE B 613 40.55 -6.92 -20.93
C ILE B 613 40.13 -8.35 -20.65
N ALA B 614 40.89 -9.06 -19.81
CA ALA B 614 40.54 -10.44 -19.50
C ALA B 614 39.27 -10.47 -18.65
N LYS B 615 39.22 -9.62 -17.62
CA LYS B 615 38.04 -9.53 -16.77
C LYS B 615 36.81 -9.14 -17.60
N ILE B 616 36.92 -8.04 -18.35
CA ILE B 616 35.81 -7.56 -19.15
C ILE B 616 35.27 -8.62 -20.12
N CYS B 617 36.15 -9.34 -20.80
CA CYS B 617 35.70 -10.37 -21.74
C CYS B 617 35.02 -11.54 -21.05
N GLN B 618 35.51 -11.86 -19.86
CA GLN B 618 34.98 -12.96 -19.06
C GLN B 618 33.57 -12.59 -18.56
N LEU B 619 33.42 -11.34 -18.12
CA LEU B 619 32.16 -10.85 -17.60
C LEU B 619 31.07 -10.78 -18.67
N PHE B 620 31.41 -10.26 -19.85
CA PHE B 620 30.41 -10.10 -20.91
C PHE B 620 30.41 -11.15 -22.01
N ARG B 621 31.22 -12.20 -21.81
CA ARG B 621 31.33 -13.31 -22.77
C ARG B 621 31.70 -12.83 -24.16
N CYS B 622 32.64 -11.89 -24.24
CA CYS B 622 33.08 -11.37 -25.52
C CYS B 622 33.75 -12.45 -26.36
N LYS B 623 33.52 -12.40 -27.67
CA LYS B 623 34.09 -13.39 -28.59
C LYS B 623 35.37 -12.86 -29.25
N SER B 624 35.53 -11.55 -29.28
CA SER B 624 36.70 -10.95 -29.90
C SER B 624 37.11 -9.63 -29.27
N VAL B 625 38.36 -9.24 -29.53
CA VAL B 625 38.90 -7.97 -29.08
C VAL B 625 39.35 -7.18 -30.31
N TYR B 626 38.95 -5.91 -30.40
CA TYR B 626 39.35 -5.10 -31.53
C TYR B 626 40.37 -4.05 -31.12
N LEU B 627 41.54 -4.14 -31.74
CA LEU B 627 42.62 -3.21 -31.45
C LEU B 627 42.71 -2.12 -32.49
N ASN B 628 42.34 -0.91 -32.10
CA ASN B 628 42.45 0.24 -32.98
C ASN B 628 43.94 0.56 -33.21
N ALA B 629 44.23 1.33 -34.26
CA ALA B 629 45.61 1.69 -34.60
C ALA B 629 46.40 2.23 -33.42
N GLY B 630 47.68 1.88 -33.35
CA GLY B 630 48.52 2.30 -32.25
C GLY B 630 49.00 1.08 -31.49
N GLU B 631 49.97 1.29 -30.62
CA GLU B 631 50.51 0.20 -29.83
C GLU B 631 49.81 0.04 -28.49
N SER B 632 49.25 -1.14 -28.24
CA SER B 632 48.62 -1.40 -26.94
C SER B 632 49.73 -2.05 -26.09
N VAL B 633 50.15 -1.38 -25.03
CA VAL B 633 51.26 -1.89 -24.21
C VAL B 633 50.94 -2.31 -22.77
N ILE B 634 51.77 -3.18 -22.22
CA ILE B 634 51.63 -3.57 -20.81
C ILE B 634 53.01 -3.39 -20.22
N THR B 635 53.10 -3.14 -18.91
CA THR B 635 54.39 -2.95 -18.25
C THR B 635 54.52 -3.89 -17.06
N SER B 636 53.49 -4.70 -16.83
CA SER B 636 53.49 -5.71 -15.78
C SER B 636 52.70 -6.87 -16.38
N ASN B 637 52.93 -8.10 -15.90
CA ASN B 637 52.25 -9.27 -16.45
C ASN B 637 50.73 -9.06 -16.52
N THR B 638 50.15 -9.35 -17.69
CA THR B 638 48.73 -9.13 -17.91
C THR B 638 48.04 -10.26 -18.65
N GLU B 639 46.92 -10.72 -18.09
CA GLU B 639 46.18 -11.81 -18.72
C GLU B 639 45.48 -11.37 -20.01
N LEU B 640 45.48 -12.28 -20.99
CA LEU B 640 44.78 -12.06 -22.26
C LEU B 640 43.65 -13.08 -22.32
N PRO B 641 42.44 -12.63 -22.65
CA PRO B 641 41.34 -13.59 -22.77
C PRO B 641 41.61 -14.46 -24.01
N MET B 642 41.14 -15.71 -23.98
CA MET B 642 41.33 -16.63 -25.10
C MET B 642 40.27 -16.35 -26.15
N VAL B 643 40.49 -15.30 -26.92
CA VAL B 643 39.55 -14.88 -27.96
C VAL B 643 40.34 -14.45 -29.20
N VAL B 644 39.62 -13.95 -30.19
CA VAL B 644 40.20 -13.48 -31.42
C VAL B 644 40.54 -12.01 -31.29
N PHE B 645 41.77 -11.66 -31.62
CA PHE B 645 42.18 -10.27 -31.60
C PHE B 645 42.30 -9.89 -33.07
N GLU B 646 41.80 -8.72 -33.44
CA GLU B 646 41.90 -8.25 -34.82
C GLU B 646 42.05 -6.74 -34.84
N GLY B 647 42.28 -6.17 -36.03
CA GLY B 647 42.44 -4.73 -36.12
C GLY B 647 43.85 -4.32 -36.46
N PRO B 648 44.05 -3.03 -36.71
CA PRO B 648 45.39 -2.55 -37.10
C PRO B 648 46.37 -2.34 -35.95
N GLY B 649 45.91 -2.41 -34.71
CA GLY B 649 46.79 -2.17 -33.59
C GLY B 649 47.82 -3.25 -33.37
N SER B 650 48.76 -2.96 -32.49
CA SER B 650 49.79 -3.93 -32.15
C SER B 650 49.80 -4.11 -30.63
N LEU B 651 50.40 -5.21 -30.18
CA LEU B 651 50.51 -5.54 -28.76
C LEU B 651 51.99 -5.49 -28.36
N LYS B 652 52.29 -4.83 -27.26
CA LYS B 652 53.67 -4.73 -26.80
C LYS B 652 53.80 -5.02 -25.32
N ALA B 653 54.69 -5.95 -24.97
CA ALA B 653 54.93 -6.22 -23.55
C ALA B 653 56.25 -5.54 -23.18
N ASN B 654 56.17 -4.47 -22.39
CA ASN B 654 57.37 -3.74 -21.96
C ASN B 654 57.79 -4.03 -20.51
N SER B 655 58.98 -3.54 -20.14
CA SER B 655 59.56 -3.70 -18.80
C SER B 655 59.75 -5.15 -18.37
N GLY B 656 59.99 -6.03 -19.33
CA GLY B 656 60.22 -7.44 -19.04
C GLY B 656 58.97 -8.25 -18.75
N SER B 657 57.81 -7.61 -18.84
CA SER B 657 56.53 -8.28 -18.56
C SER B 657 56.16 -9.30 -19.64
N SER B 658 55.20 -10.16 -19.33
CA SER B 658 54.70 -11.18 -20.25
C SER B 658 53.16 -11.14 -20.29
N PHE B 659 52.58 -11.63 -21.39
CA PHE B 659 51.12 -11.73 -21.46
C PHE B 659 50.81 -13.05 -20.77
N LEU B 660 49.71 -13.12 -20.05
CA LEU B 660 49.41 -14.35 -19.34
C LEU B 660 48.23 -15.10 -19.91
N ILE B 661 48.42 -16.40 -20.10
CA ILE B 661 47.37 -17.29 -20.56
C ILE B 661 46.97 -18.14 -19.35
N LYS B 662 45.78 -17.89 -18.82
CA LYS B 662 45.30 -18.57 -17.62
C LYS B 662 44.11 -19.51 -17.81
N ALA B 663 43.55 -19.58 -19.02
CA ALA B 663 42.41 -20.48 -19.26
C ALA B 663 42.65 -21.26 -20.55
N GLY B 664 41.99 -22.41 -20.68
CA GLY B 664 42.08 -23.21 -21.88
C GLY B 664 41.31 -22.52 -23.01
N GLY B 665 41.45 -23.03 -24.23
CA GLY B 665 40.77 -22.46 -25.38
C GLY B 665 41.72 -22.04 -26.47
N THR B 666 41.33 -21.02 -27.22
CA THR B 666 42.16 -20.52 -28.31
C THR B 666 42.35 -19.02 -28.27
N LEU B 667 43.63 -18.60 -28.27
CA LEU B 667 44.01 -17.19 -28.34
C LEU B 667 44.46 -16.98 -29.80
N SER B 668 43.80 -16.09 -30.53
CA SER B 668 44.15 -15.83 -31.92
C SER B 668 44.49 -14.37 -32.16
N LEU B 669 45.62 -14.14 -32.81
CA LEU B 669 46.04 -12.80 -33.15
C LEU B 669 45.93 -12.76 -34.67
N ILE B 670 44.90 -12.09 -35.18
CA ILE B 670 44.67 -12.09 -36.62
C ILE B 670 44.80 -10.76 -37.33
N GLY B 671 45.88 -10.63 -38.11
CA GLY B 671 46.10 -9.42 -38.88
C GLY B 671 46.55 -8.18 -38.14
N LEU B 672 46.92 -8.30 -36.88
CA LEU B 672 47.43 -7.15 -36.15
C LEU B 672 48.75 -6.67 -36.78
N SER B 673 49.16 -5.46 -36.44
CA SER B 673 50.44 -4.92 -36.92
C SER B 673 51.62 -5.62 -36.25
N GLY B 674 51.32 -6.49 -35.27
CA GLY B 674 52.35 -7.28 -34.62
C GLY B 674 52.28 -7.42 -33.12
N ILE B 675 53.03 -8.37 -32.59
CA ILE B 675 53.12 -8.58 -31.16
C ILE B 675 54.59 -8.81 -30.83
N SER B 676 55.08 -8.12 -29.82
CA SER B 676 56.48 -8.27 -29.44
C SER B 676 56.69 -7.96 -27.97
N THR B 677 57.91 -8.20 -27.50
CA THR B 677 58.25 -7.94 -26.11
C THR B 677 59.63 -7.31 -26.03
N ASP B 678 59.93 -6.66 -24.92
CA ASP B 678 61.24 -6.03 -24.77
C ASP B 678 62.19 -6.93 -23.99
N GLY B 679 61.88 -8.23 -23.95
CA GLY B 679 62.73 -9.18 -23.27
C GLY B 679 62.10 -10.32 -22.49
N GLY B 680 60.87 -10.15 -22.02
CA GLY B 680 60.25 -11.22 -21.25
C GLY B 680 59.66 -12.26 -22.17
N HIS B 681 59.34 -13.45 -21.67
CA HIS B 681 58.71 -14.44 -22.55
C HIS B 681 57.36 -13.85 -23.03
N MET B 682 56.94 -14.19 -24.24
CA MET B 682 55.71 -13.59 -24.77
C MET B 682 54.42 -14.04 -24.07
N PHE B 683 54.18 -15.36 -23.98
CA PHE B 683 52.98 -15.87 -23.34
C PHE B 683 53.32 -16.82 -22.22
N ARG B 684 52.91 -16.51 -21.00
CA ARG B 684 53.17 -17.43 -19.89
C ARG B 684 51.88 -18.18 -19.58
N VAL B 685 51.95 -19.49 -19.78
CA VAL B 685 50.80 -20.36 -19.57
C VAL B 685 50.81 -20.94 -18.18
N SER B 686 49.72 -20.73 -17.43
CA SER B 686 49.61 -21.23 -16.07
C SER B 686 48.42 -22.17 -15.89
N THR B 687 47.83 -22.61 -16.99
CA THR B 687 46.72 -23.56 -16.90
C THR B 687 47.14 -24.89 -17.49
N VAL B 688 46.62 -25.98 -16.94
CA VAL B 688 46.93 -27.31 -17.45
C VAL B 688 45.92 -27.68 -18.56
N GLU B 689 44.88 -26.88 -18.72
CA GLU B 689 43.88 -27.13 -19.76
C GLU B 689 44.55 -26.97 -21.13
N LYS B 690 43.92 -27.54 -22.15
CA LYS B 690 44.45 -27.43 -23.50
C LYS B 690 44.41 -25.97 -23.95
N VAL B 691 45.56 -25.49 -24.41
CA VAL B 691 45.73 -24.13 -24.89
C VAL B 691 46.22 -24.11 -26.35
N ASN B 692 45.49 -23.39 -27.20
CA ASN B 692 45.87 -23.22 -28.59
C ASN B 692 46.25 -21.76 -28.76
N ILE B 693 47.42 -21.52 -29.32
CA ILE B 693 47.89 -20.16 -29.56
C ILE B 693 48.06 -20.03 -31.08
N HIS B 694 47.26 -19.15 -31.66
CA HIS B 694 47.21 -18.94 -33.11
C HIS B 694 47.65 -17.52 -33.46
N THR B 695 48.83 -17.38 -34.05
CA THR B 695 49.33 -16.05 -34.39
C THR B 695 49.49 -15.90 -35.90
N ASN B 696 48.62 -15.09 -36.48
CA ASN B 696 48.61 -14.80 -37.91
C ASN B 696 48.97 -13.32 -38.03
N CYS B 697 50.18 -13.02 -37.54
CA CYS B 697 50.74 -11.66 -37.52
C CYS B 697 52.21 -11.76 -37.17
N SER B 698 52.91 -10.63 -37.20
CA SER B 698 54.33 -10.62 -36.88
C SER B 698 54.54 -10.92 -35.39
N VAL B 699 55.42 -11.86 -35.09
CA VAL B 699 55.71 -12.24 -33.70
C VAL B 699 57.21 -12.09 -33.41
N ASN B 700 57.54 -11.28 -32.41
CA ASN B 700 58.94 -11.09 -32.03
C ASN B 700 59.20 -11.20 -30.53
N ALA B 701 59.70 -12.35 -30.09
CA ALA B 701 60.03 -12.53 -28.68
C ALA B 701 61.52 -12.29 -28.38
N GLY B 702 62.28 -11.87 -29.38
CA GLY B 702 63.70 -11.61 -29.19
C GLY B 702 64.45 -12.85 -28.78
N ALA B 703 65.21 -12.78 -27.67
CA ALA B 703 65.99 -13.91 -27.18
C ALA B 703 65.17 -14.83 -26.29
N ALA B 704 63.92 -14.42 -26.06
CA ALA B 704 63.00 -15.18 -25.22
C ALA B 704 62.15 -16.14 -26.05
N TYR B 705 61.24 -16.84 -25.38
CA TYR B 705 60.36 -17.81 -26.03
C TYR B 705 59.00 -17.17 -26.38
N VAL B 706 58.30 -17.69 -27.40
CA VAL B 706 56.96 -17.20 -27.72
C VAL B 706 56.06 -17.71 -26.58
N VAL B 707 56.26 -18.97 -26.19
CA VAL B 707 55.46 -19.57 -25.12
C VAL B 707 56.27 -20.21 -23.98
N LEU B 708 55.97 -19.84 -22.73
CA LEU B 708 56.59 -20.45 -21.55
C LEU B 708 55.52 -21.06 -20.67
N SER B 709 55.56 -22.38 -20.47
CA SER B 709 54.58 -23.04 -19.62
C SER B 709 55.09 -23.08 -18.19
N GLU B 710 54.30 -22.61 -17.23
CA GLU B 710 54.71 -22.63 -15.81
C GLU B 710 54.12 -23.83 -15.09
N VAL B 711 53.43 -24.68 -15.83
CA VAL B 711 52.80 -25.85 -15.25
C VAL B 711 53.11 -26.99 -16.19
N GLN B 712 52.55 -28.17 -15.91
CA GLN B 712 52.72 -29.30 -16.82
C GLN B 712 51.63 -29.06 -17.87
N GLY B 713 51.97 -28.25 -18.87
CA GLY B 713 51.04 -27.83 -19.92
C GLY B 713 50.69 -28.79 -21.04
N ASN B 714 49.76 -28.34 -21.89
CA ASN B 714 49.27 -29.06 -23.06
C ASN B 714 48.94 -27.94 -24.04
N ILE B 715 49.87 -27.68 -24.95
CA ILE B 715 49.80 -26.52 -25.83
C ILE B 715 49.93 -26.82 -27.32
N GLU B 716 49.20 -26.05 -28.14
CA GLU B 716 49.34 -26.16 -29.59
C GLU B 716 49.59 -24.75 -30.09
N TYR B 717 50.73 -24.55 -30.74
CA TYR B 717 51.12 -23.25 -31.26
C TYR B 717 51.13 -23.28 -32.79
N ARG B 718 50.45 -22.30 -33.39
CA ARG B 718 50.25 -22.17 -34.83
C ARG B 718 50.75 -20.80 -35.30
N GLN B 719 51.85 -20.73 -36.06
CA GLN B 719 52.29 -19.43 -36.61
C GLN B 719 51.95 -19.41 -38.09
N LEU B 720 51.16 -18.41 -38.51
CA LEU B 720 50.74 -18.36 -39.92
C LEU B 720 51.23 -17.14 -40.70
N PHE B 721 52.21 -17.39 -41.58
CA PHE B 721 52.78 -16.36 -42.42
C PHE B 721 53.40 -15.24 -41.60
N TYR B 722 53.50 -14.05 -42.19
CA TYR B 722 54.13 -12.92 -41.52
C TYR B 722 55.53 -13.39 -41.11
N SER B 723 55.92 -13.12 -39.86
CA SER B 723 57.25 -13.52 -39.41
C SER B 723 57.25 -13.86 -37.93
N VAL B 724 58.25 -14.64 -37.50
CA VAL B 724 58.39 -15.01 -36.09
C VAL B 724 59.85 -15.05 -35.66
N ASN B 725 60.13 -14.55 -34.46
CA ASN B 725 61.48 -14.54 -33.92
C ASN B 725 61.43 -14.88 -32.45
N CYS B 726 62.35 -15.74 -32.02
CA CYS B 726 62.45 -16.20 -30.64
C CYS B 726 63.65 -17.14 -30.57
N SER B 727 64.05 -17.53 -29.36
CA SER B 727 65.16 -18.48 -29.21
C SER B 727 64.61 -19.90 -29.24
N LYS B 728 63.38 -20.06 -28.74
CA LYS B 728 62.64 -21.34 -28.76
C LYS B 728 61.17 -20.95 -28.90
N TYR B 729 60.39 -21.76 -29.61
CA TYR B 729 58.98 -21.43 -29.77
C TYR B 729 58.24 -21.67 -28.46
N ILE B 730 58.61 -22.75 -27.76
CA ILE B 730 57.96 -23.12 -26.52
C ILE B 730 58.96 -23.74 -25.53
N GLY B 731 58.85 -23.32 -24.26
CA GLY B 731 59.67 -23.85 -23.20
C GLY B 731 58.80 -24.05 -22.00
N ALA B 732 59.32 -24.70 -20.96
CA ALA B 732 58.57 -24.91 -19.71
C ALA B 732 59.50 -24.77 -18.52
N THR B 733 58.95 -24.36 -17.38
CA THR B 733 59.74 -24.17 -16.17
C THR B 733 60.18 -25.49 -15.55
N ALA B 734 59.42 -26.56 -15.80
CA ALA B 734 59.76 -27.86 -15.22
C ALA B 734 59.50 -29.04 -16.16
N GLY B 735 59.86 -30.23 -15.69
CA GLY B 735 59.73 -31.47 -16.42
C GLY B 735 58.48 -31.75 -17.24
N GLN B 736 58.65 -31.73 -18.54
CA GLN B 736 57.60 -32.02 -19.54
C GLN B 736 56.25 -31.29 -19.56
N THR B 737 55.97 -30.79 -20.76
CA THR B 737 54.76 -30.08 -21.12
C THR B 737 54.55 -30.48 -22.57
N ILE B 738 53.48 -31.22 -22.85
CA ILE B 738 53.21 -31.66 -24.22
C ILE B 738 52.83 -30.49 -25.13
N ALA B 739 53.39 -30.47 -26.34
CA ALA B 739 53.11 -29.39 -27.27
C ALA B 739 53.12 -29.80 -28.75
N GLY B 740 52.22 -29.18 -29.53
CA GLY B 740 52.12 -29.43 -30.95
C GLY B 740 52.45 -28.10 -31.61
N ILE B 741 53.24 -28.14 -32.68
CA ILE B 741 53.66 -26.90 -33.32
C ILE B 741 53.57 -26.89 -34.85
N MET B 742 53.08 -25.78 -35.38
CA MET B 742 53.08 -25.56 -36.80
C MET B 742 53.62 -24.16 -37.02
N VAL B 743 54.65 -24.05 -37.86
CA VAL B 743 55.24 -22.76 -38.19
C VAL B 743 55.23 -22.60 -39.70
N LYS B 744 54.22 -21.93 -40.24
CA LYS B 744 54.16 -21.76 -41.69
C LYS B 744 54.58 -20.37 -42.12
N THR B 745 55.88 -20.16 -42.17
CA THR B 745 56.46 -18.91 -42.64
C THR B 745 57.95 -19.15 -42.89
N ALA B 746 58.46 -18.59 -43.98
CA ALA B 746 59.87 -18.74 -44.33
C ALA B 746 60.72 -17.82 -43.45
N THR B 747 60.07 -16.78 -42.91
CA THR B 747 60.74 -15.81 -42.05
C THR B 747 60.65 -16.25 -40.58
N ARG B 748 61.48 -17.22 -40.23
CA ARG B 748 61.54 -17.82 -38.91
C ARG B 748 63.01 -18.12 -38.60
N PRO B 749 63.35 -18.39 -37.32
CA PRO B 749 64.75 -18.73 -37.05
C PRO B 749 64.96 -20.19 -37.42
N THR B 750 65.42 -20.40 -38.65
CA THR B 750 65.64 -21.77 -39.17
C THR B 750 66.65 -22.57 -38.34
N GLY B 751 67.50 -21.87 -37.60
CA GLY B 751 68.48 -22.54 -36.75
C GLY B 751 67.86 -23.41 -35.68
N ILE B 752 66.56 -23.25 -35.42
CA ILE B 752 65.92 -24.11 -34.41
C ILE B 752 64.88 -25.07 -34.99
N ASP B 753 64.86 -25.23 -36.31
CA ASP B 753 63.94 -26.17 -36.96
C ASP B 753 64.09 -27.55 -36.33
N ALA B 754 65.34 -27.96 -36.10
CA ALA B 754 65.64 -29.27 -35.51
C ALA B 754 65.37 -29.37 -33.99
N ALA B 755 65.43 -28.24 -33.29
CA ALA B 755 65.17 -28.19 -31.84
C ALA B 755 64.33 -26.96 -31.56
N PRO B 756 63.02 -27.01 -31.89
CA PRO B 756 62.14 -25.85 -31.71
C PRO B 756 61.73 -25.55 -30.28
N VAL B 757 61.89 -26.50 -29.37
CA VAL B 757 61.46 -26.30 -27.98
C VAL B 757 62.56 -26.66 -26.99
N ASP B 758 62.43 -26.18 -25.75
CA ASP B 758 63.44 -26.50 -24.73
C ASP B 758 63.30 -27.96 -24.30
N GLY B 759 64.20 -28.40 -23.43
CA GLY B 759 64.20 -29.78 -22.96
C GLY B 759 63.00 -30.21 -22.13
N ASN B 760 62.25 -29.25 -21.61
CA ASN B 760 61.09 -29.56 -20.79
C ASN B 760 59.79 -29.71 -21.61
N VAL B 761 59.90 -29.62 -22.93
CA VAL B 761 58.74 -29.78 -23.77
C VAL B 761 58.89 -30.95 -24.74
N SER B 762 57.89 -31.84 -24.77
CA SER B 762 57.88 -32.97 -25.70
C SER B 762 56.84 -32.69 -26.78
N LEU B 763 57.23 -32.87 -28.05
CA LEU B 763 56.34 -32.60 -29.18
C LEU B 763 55.36 -33.73 -29.55
N THR B 764 54.12 -33.36 -29.86
CA THR B 764 53.09 -34.32 -30.27
C THR B 764 53.12 -34.38 -31.80
N TYR B 765 53.40 -33.23 -32.42
CA TYR B 765 53.57 -33.13 -33.87
C TYR B 765 54.40 -31.89 -34.16
N LYS B 766 55.00 -31.86 -35.34
CA LYS B 766 55.82 -30.73 -35.75
C LYS B 766 55.62 -30.50 -37.23
N ILE B 767 55.13 -29.31 -37.57
CA ILE B 767 54.90 -28.98 -38.97
C ILE B 767 55.66 -27.72 -39.30
N ILE B 768 56.85 -27.91 -39.87
CA ILE B 768 57.73 -26.83 -40.29
C ILE B 768 58.39 -27.28 -41.59
N GLU B 769 58.46 -26.39 -42.57
CA GLU B 769 59.12 -26.73 -43.84
C GLU B 769 60.63 -26.81 -43.68
N GLY C 11 -60.90 56.73 43.81
CA GLY C 11 -59.47 56.68 43.51
C GLY C 11 -58.76 55.51 44.17
N SER C 12 -59.10 55.26 45.43
CA SER C 12 -58.51 54.13 46.14
C SER C 12 -59.03 52.85 45.49
N THR C 13 -60.21 52.93 44.89
CA THR C 13 -60.82 51.79 44.20
C THR C 13 -60.11 51.49 42.88
N GLY C 14 -59.77 52.52 42.13
CA GLY C 14 -59.06 52.33 40.87
C GLY C 14 -57.68 51.77 41.17
N ILE C 15 -57.04 52.32 42.20
CA ILE C 15 -55.71 51.89 42.63
C ILE C 15 -55.72 50.46 43.14
N LEU C 16 -56.71 50.13 43.98
CA LEU C 16 -56.79 48.79 44.53
C LEU C 16 -57.06 47.74 43.45
N THR C 17 -57.88 48.08 42.47
CA THR C 17 -58.17 47.13 41.38
C THR C 17 -56.98 46.97 40.44
N ASN C 18 -56.16 48.00 40.31
CA ASN C 18 -54.97 47.93 39.46
C ASN C 18 -53.94 47.01 40.14
N LYS C 19 -53.75 47.23 41.45
CA LYS C 19 -52.83 46.41 42.22
C LYS C 19 -53.27 44.96 42.14
N GLN C 20 -54.58 44.77 42.10
CA GLN C 20 -55.15 43.43 41.99
C GLN C 20 -54.74 42.84 40.64
N ALA C 21 -54.87 43.63 39.58
CA ALA C 21 -54.52 43.19 38.23
C ALA C 21 -53.03 42.90 38.09
N VAL C 22 -52.19 43.80 38.60
CA VAL C 22 -50.74 43.62 38.55
C VAL C 22 -50.34 42.38 39.33
N ALA C 23 -50.86 42.27 40.55
CA ALA C 23 -50.56 41.16 41.44
C ALA C 23 -50.86 39.84 40.75
N ARG C 24 -51.99 39.79 40.06
CA ARG C 24 -52.42 38.58 39.38
C ARG C 24 -51.51 38.24 38.21
N HIS C 25 -50.93 39.25 37.57
CA HIS C 25 -50.04 39.02 36.45
C HIS C 25 -48.71 38.43 36.93
N PHE C 26 -48.28 38.86 38.12
CA PHE C 26 -46.99 38.41 38.68
C PHE C 26 -47.09 37.23 39.63
N GLY C 27 -48.30 36.93 40.08
CA GLY C 27 -48.49 35.82 40.99
C GLY C 27 -48.21 36.17 42.44
N VAL C 28 -48.29 37.45 42.79
CA VAL C 28 -48.07 37.89 44.15
C VAL C 28 -49.39 38.28 44.81
N LYS C 29 -49.31 38.81 46.03
CA LYS C 29 -50.51 39.24 46.74
C LYS C 29 -50.76 40.72 46.45
N GLN C 30 -52.02 41.11 46.49
CA GLN C 30 -52.40 42.50 46.21
C GLN C 30 -51.65 43.48 47.13
N SER C 31 -51.52 43.12 48.40
CA SER C 31 -50.82 43.98 49.35
C SER C 31 -49.32 44.08 49.07
N GLU C 32 -48.81 43.23 48.17
CA GLU C 32 -47.38 43.23 47.86
C GLU C 32 -46.97 44.11 46.69
N VAL C 33 -47.93 44.85 46.15
CA VAL C 33 -47.68 45.78 45.04
C VAL C 33 -47.63 47.21 45.59
N VAL C 34 -46.60 47.95 45.19
CA VAL C 34 -46.45 49.35 45.61
C VAL C 34 -46.30 50.26 44.39
N TYR C 35 -46.98 51.41 44.43
CA TYR C 35 -46.89 52.39 43.35
C TYR C 35 -45.69 53.26 43.63
N PHE C 36 -44.95 53.64 42.59
CA PHE C 36 -43.83 54.53 42.81
C PHE C 36 -44.36 55.94 43.11
N SER C 37 -43.61 56.67 43.92
CA SER C 37 -43.85 58.07 44.30
C SER C 37 -42.63 58.42 45.13
N VAL C 38 -42.15 59.65 45.04
CA VAL C 38 -40.95 60.02 45.80
C VAL C 38 -41.19 59.91 47.32
N GLY C 39 -40.30 59.20 48.00
CA GLY C 39 -40.40 59.05 49.44
C GLY C 39 -41.25 57.88 49.90
N VAL C 40 -41.77 57.12 48.94
CA VAL C 40 -42.60 55.97 49.31
C VAL C 40 -41.73 54.90 49.95
N ASP C 41 -42.27 54.24 50.97
CA ASP C 41 -41.53 53.19 51.65
C ASP C 41 -41.59 51.91 50.81
N LEU C 42 -40.42 51.36 50.50
CA LEU C 42 -40.33 50.17 49.63
C LEU C 42 -40.17 48.82 50.31
N GLY C 43 -39.96 48.82 51.63
CA GLY C 43 -39.80 47.58 52.37
C GLY C 43 -41.00 46.65 52.31
N GLY C 44 -40.73 45.35 52.15
CA GLY C 44 -41.76 44.33 52.12
C GLY C 44 -42.49 44.08 50.80
N TYR C 45 -42.49 45.07 49.91
CA TYR C 45 -43.17 44.93 48.62
C TYR C 45 -42.43 44.03 47.65
N LYS C 46 -43.18 43.37 46.78
CA LYS C 46 -42.60 42.44 45.81
C LYS C 46 -42.60 43.02 44.39
N VAL C 47 -43.59 43.84 44.08
CA VAL C 47 -43.72 44.44 42.76
C VAL C 47 -43.99 45.94 42.85
N ILE C 48 -43.29 46.72 42.03
CA ILE C 48 -43.48 48.15 42.02
C ILE C 48 -44.17 48.59 40.71
N TYR C 49 -45.12 49.52 40.83
CA TYR C 49 -45.84 50.02 39.67
C TYR C 49 -45.54 51.48 39.35
N ASP C 50 -45.17 51.74 38.09
CA ASP C 50 -44.87 53.08 37.62
C ASP C 50 -46.15 53.64 36.97
N LYS C 51 -46.71 54.67 37.60
CA LYS C 51 -47.95 55.35 37.15
C LYS C 51 -47.86 55.92 35.75
N GLU C 52 -46.76 56.60 35.47
CA GLU C 52 -46.55 57.26 34.17
C GLU C 52 -46.50 56.31 32.98
N THR C 53 -45.56 55.37 33.03
CA THR C 53 -45.39 54.43 31.94
C THR C 53 -46.39 53.28 31.98
N GLN C 54 -47.04 53.11 33.14
CA GLN C 54 -47.99 52.02 33.36
C GLN C 54 -47.32 50.65 33.13
N ARG C 55 -46.13 50.49 33.70
CA ARG C 55 -45.35 49.26 33.61
C ARG C 55 -45.06 48.79 35.03
N ALA C 56 -45.06 47.49 35.25
CA ALA C 56 -44.79 46.95 36.58
C ALA C 56 -43.49 46.14 36.57
N TYR C 57 -42.81 46.12 37.72
CA TYR C 57 -41.55 45.40 37.87
C TYR C 57 -41.39 44.74 39.23
N SER C 58 -40.89 43.51 39.22
CA SER C 58 -40.60 42.82 40.47
C SER C 58 -39.47 43.61 41.13
N LEU C 59 -39.53 43.74 42.45
CA LEU C 59 -38.49 44.46 43.18
C LEU C 59 -37.47 43.45 43.69
N PRO C 60 -36.19 43.85 43.78
CA PRO C 60 -35.19 42.93 44.31
C PRO C 60 -35.50 42.65 45.77
N VAL C 61 -35.26 41.42 46.20
CA VAL C 61 -35.51 41.05 47.58
C VAL C 61 -34.39 41.64 48.45
N GLY C 62 -34.69 41.98 49.70
CA GLY C 62 -33.66 42.51 50.59
C GLY C 62 -33.66 44.00 50.82
N ILE C 63 -34.77 44.66 50.48
CA ILE C 63 -34.87 46.10 50.71
C ILE C 63 -35.38 46.27 52.14
N ALA C 64 -34.55 46.83 53.01
CA ALA C 64 -34.93 47.01 54.42
C ALA C 64 -36.06 48.03 54.61
N SER C 65 -36.87 47.82 55.65
CA SER C 65 -37.96 48.74 55.95
C SER C 65 -37.39 50.13 56.18
N GLY C 66 -38.08 51.14 55.68
CA GLY C 66 -37.59 52.50 55.85
C GLY C 66 -36.86 53.00 54.63
N THR C 67 -36.53 52.11 53.70
CA THR C 67 -35.87 52.54 52.47
C THR C 67 -36.92 53.27 51.63
N THR C 68 -36.64 54.53 51.27
CA THR C 68 -37.58 55.33 50.50
C THR C 68 -37.16 55.53 49.04
N ALA C 69 -38.16 55.62 48.18
CA ALA C 69 -37.90 55.81 46.76
C ALA C 69 -37.42 57.23 46.49
N VAL C 70 -36.43 57.35 45.61
CA VAL C 70 -35.88 58.65 45.24
C VAL C 70 -36.33 59.01 43.83
N SER C 71 -36.14 58.08 42.90
CA SER C 71 -36.53 58.32 41.51
C SER C 71 -36.70 57.02 40.71
N LEU C 72 -37.36 57.11 39.56
CA LEU C 72 -37.58 55.97 38.66
C LEU C 72 -37.58 56.45 37.20
N SER C 73 -36.45 56.24 36.53
CA SER C 73 -36.30 56.66 35.12
C SER C 73 -37.18 55.89 34.17
N THR C 74 -37.27 56.36 32.92
CA THR C 74 -38.09 55.69 31.91
C THR C 74 -37.40 54.38 31.46
N ALA C 75 -36.12 54.23 31.81
CA ALA C 75 -35.37 53.02 31.52
C ALA C 75 -35.54 52.03 32.69
N ALA C 76 -36.45 52.37 33.59
CA ALA C 76 -36.79 51.60 34.79
C ALA C 76 -35.66 51.48 35.81
N VAL C 77 -34.81 52.49 35.90
CA VAL C 77 -33.74 52.48 36.88
C VAL C 77 -34.30 53.08 38.16
N LEU C 78 -34.37 52.24 39.21
CA LEU C 78 -34.92 52.68 40.48
C LEU C 78 -33.81 53.14 41.43
N VAL C 79 -33.95 54.36 41.94
CA VAL C 79 -32.99 54.89 42.90
C VAL C 79 -33.75 55.07 44.20
N HIS C 80 -33.19 54.55 45.29
CA HIS C 80 -33.82 54.70 46.59
C HIS C 80 -32.77 55.21 47.58
N SER C 81 -33.14 55.31 48.85
CA SER C 81 -32.22 55.82 49.88
C SER C 81 -31.04 54.92 50.20
N ALA C 82 -31.19 53.61 49.99
CA ALA C 82 -30.12 52.67 50.28
C ALA C 82 -29.26 52.30 49.09
N GLY C 83 -29.65 52.75 47.90
CA GLY C 83 -28.89 52.44 46.70
C GLY C 83 -29.68 52.56 45.40
N SER C 84 -29.25 51.82 44.40
CA SER C 84 -29.86 51.83 43.08
C SER C 84 -30.05 50.43 42.52
N VAL C 85 -30.94 50.29 41.55
CA VAL C 85 -31.21 49.00 40.90
C VAL C 85 -31.89 49.15 39.54
N ASP C 86 -31.38 48.42 38.54
CA ASP C 86 -31.96 48.46 37.20
C ASP C 86 -33.07 47.41 37.18
N LEU C 87 -34.32 47.84 37.36
CA LEU C 87 -35.47 46.96 37.36
C LEU C 87 -35.62 46.22 36.04
N GLY C 88 -35.15 46.85 34.96
CA GLY C 88 -35.21 46.24 33.65
C GLY C 88 -34.27 45.05 33.58
N SER C 89 -33.09 45.21 34.15
CA SER C 89 -32.09 44.15 34.17
C SER C 89 -32.55 42.98 35.04
N LEU C 90 -33.18 43.31 36.16
CA LEU C 90 -33.70 42.30 37.07
C LEU C 90 -34.80 41.50 36.37
N ALA C 91 -35.65 42.21 35.64
CA ALA C 91 -36.75 41.59 34.92
C ALA C 91 -36.24 40.59 33.88
N VAL C 92 -35.17 40.95 33.19
CA VAL C 92 -34.59 40.06 32.20
C VAL C 92 -34.15 38.75 32.86
N SER C 93 -33.45 38.85 33.99
CA SER C 93 -32.98 37.66 34.71
C SER C 93 -34.16 36.82 35.18
N ARG C 94 -35.29 37.47 35.44
CA ARG C 94 -36.49 36.77 35.89
C ARG C 94 -37.40 36.38 34.73
N GLU C 95 -36.96 36.68 33.51
CA GLU C 95 -37.76 36.36 32.31
C GLU C 95 -39.15 36.98 32.40
N GLU C 96 -39.20 38.25 32.79
CA GLU C 96 -40.46 38.99 32.90
C GLU C 96 -40.34 40.13 31.89
N TYR C 97 -41.04 39.93 30.78
CA TYR C 97 -40.95 40.87 29.67
C TYR C 97 -42.24 41.51 29.24
N VAL C 98 -42.08 42.58 28.49
CA VAL C 98 -43.20 43.29 27.87
C VAL C 98 -42.93 43.24 26.38
N THR C 99 -43.85 42.68 25.60
CA THR C 99 -43.70 42.61 24.16
C THR C 99 -44.36 43.86 23.61
N LEU C 100 -43.55 44.77 23.08
CA LEU C 100 -44.06 46.05 22.58
C LEU C 100 -45.06 45.90 21.44
N PRO C 101 -45.93 46.91 21.30
CA PRO C 101 -46.85 46.88 20.15
C PRO C 101 -45.96 47.05 18.94
N GLY C 102 -46.41 46.64 17.76
CA GLY C 102 -45.59 46.82 16.57
C GLY C 102 -44.58 45.70 16.33
N SER C 103 -43.61 45.99 15.47
CA SER C 103 -42.62 45.00 15.06
C SER C 103 -41.45 45.69 14.38
N PHE C 104 -40.52 44.90 13.86
CA PHE C 104 -39.37 45.49 13.14
C PHE C 104 -39.91 46.14 11.86
N ASP C 105 -40.96 45.57 11.31
CA ASP C 105 -41.60 46.11 10.12
C ASP C 105 -42.11 47.55 10.41
N SER C 106 -42.90 47.69 11.47
CA SER C 106 -43.43 49.02 11.82
C SER C 106 -42.41 49.96 12.43
N GLY C 107 -41.35 49.40 12.99
CA GLY C 107 -40.36 50.23 13.65
C GLY C 107 -40.90 50.50 15.04
N SER C 108 -40.02 50.92 15.95
CA SER C 108 -40.42 51.19 17.33
C SER C 108 -39.28 51.87 18.06
N THR C 109 -39.52 52.16 19.34
CA THR C 109 -38.52 52.77 20.19
C THR C 109 -38.50 51.99 21.51
N LEU C 110 -37.33 51.45 21.85
CA LEU C 110 -37.17 50.67 23.08
C LEU C 110 -36.53 51.52 24.16
N ASN C 111 -37.09 51.48 25.36
CA ASN C 111 -36.58 52.26 26.47
C ASN C 111 -36.12 51.44 27.67
N VAL C 112 -36.56 50.19 27.74
CA VAL C 112 -36.24 49.33 28.86
C VAL C 112 -35.63 48.01 28.39
N LYS C 113 -34.78 47.44 29.25
CA LYS C 113 -34.09 46.19 28.98
C LYS C 113 -35.02 44.98 28.89
N ASN C 114 -36.19 45.05 29.52
CA ASN C 114 -37.15 43.92 29.43
C ASN C 114 -38.23 44.10 28.36
N GLU C 115 -37.98 44.99 27.40
CA GLU C 115 -38.94 45.19 26.31
C GLU C 115 -38.49 44.34 25.14
N LEU C 116 -39.45 43.65 24.52
CA LEU C 116 -39.15 42.81 23.37
C LEU C 116 -39.83 43.37 22.12
N LEU C 117 -39.11 43.35 21.01
CA LEU C 117 -39.66 43.78 19.73
C LEU C 117 -39.77 42.51 18.89
N THR C 118 -40.94 42.32 18.28
CA THR C 118 -41.21 41.14 17.49
C THR C 118 -40.73 41.24 16.06
N TYR C 119 -40.04 40.19 15.60
CA TYR C 119 -39.58 40.10 14.22
C TYR C 119 -40.29 38.88 13.62
N THR C 120 -40.09 38.64 12.32
CA THR C 120 -40.77 37.50 11.68
C THR C 120 -40.31 36.14 12.19
N ASP C 121 -39.11 36.07 12.76
CA ASP C 121 -38.61 34.79 13.26
C ASP C 121 -38.54 34.69 14.79
N GLY C 122 -39.21 35.59 15.50
CA GLY C 122 -39.19 35.56 16.95
C GLY C 122 -38.94 36.94 17.55
N LYS C 123 -38.76 36.98 18.87
CA LYS C 123 -38.55 38.26 19.56
C LYS C 123 -37.12 38.49 19.99
N TYR C 124 -36.80 39.78 20.20
CA TYR C 124 -35.46 40.18 20.61
C TYR C 124 -35.53 41.36 21.56
N ARG C 125 -34.56 41.44 22.46
CA ARG C 125 -34.45 42.56 23.39
C ARG C 125 -33.17 43.31 22.99
N TRP C 126 -33.08 44.58 23.36
CA TRP C 126 -31.89 45.36 23.02
C TRP C 126 -30.88 45.38 24.19
N ASP C 127 -29.69 44.83 23.96
CA ASP C 127 -28.66 44.74 25.00
C ASP C 127 -27.61 45.86 24.92
N GLY C 128 -27.92 46.93 24.18
CA GLY C 128 -26.99 48.04 24.03
C GLY C 128 -27.50 49.30 24.67
N ILE C 129 -27.04 50.44 24.18
CA ILE C 129 -27.45 51.73 24.74
C ILE C 129 -28.95 51.96 24.52
N LEU C 130 -29.61 52.40 25.58
CA LEU C 130 -31.04 52.71 25.55
C LEU C 130 -31.17 54.22 25.77
N PRO C 131 -32.19 54.85 25.17
CA PRO C 131 -33.21 54.24 24.30
C PRO C 131 -32.68 53.84 22.93
N LYS C 132 -33.34 52.86 22.32
CA LYS C 132 -32.92 52.37 21.02
C LYS C 132 -34.04 52.66 20.03
N THR C 133 -33.74 53.44 19.00
CA THR C 133 -34.74 53.74 17.98
C THR C 133 -34.61 52.75 16.84
N VAL C 134 -35.75 52.19 16.43
CA VAL C 134 -35.78 51.24 15.33
C VAL C 134 -36.68 51.76 14.21
N ALA C 135 -36.08 52.11 13.08
CA ALA C 135 -36.85 52.64 11.95
C ALA C 135 -37.75 51.57 11.33
N PRO C 136 -38.88 51.99 10.73
CA PRO C 136 -39.75 51.04 10.03
C PRO C 136 -38.93 50.29 8.98
N GLY C 137 -39.25 49.03 8.74
CA GLY C 137 -38.54 48.25 7.74
C GLY C 137 -37.16 47.76 8.15
N SER C 138 -36.91 47.72 9.46
CA SER C 138 -35.63 47.25 9.99
C SER C 138 -35.60 45.75 10.19
N THR C 139 -34.41 45.20 10.41
CA THR C 139 -34.23 43.80 10.72
C THR C 139 -33.18 43.79 11.82
N PRO C 140 -33.16 42.74 12.66
CA PRO C 140 -32.13 42.73 13.72
C PRO C 140 -30.72 42.83 13.12
N ALA C 141 -30.50 42.14 12.00
CA ALA C 141 -29.24 42.15 11.31
C ALA C 141 -28.81 43.53 10.81
N SER C 142 -29.78 44.34 10.39
CA SER C 142 -29.47 45.66 9.84
C SER C 142 -29.48 46.78 10.86
N THR C 143 -29.78 46.45 12.11
CA THR C 143 -29.81 47.46 13.17
C THR C 143 -28.91 47.12 14.37
N GLY C 144 -27.75 46.53 14.08
CA GLY C 144 -26.81 46.19 15.13
C GLY C 144 -26.39 44.74 15.20
N GLY C 145 -27.11 43.87 14.51
CA GLY C 145 -26.81 42.44 14.54
C GLY C 145 -27.30 41.79 15.83
N VAL C 146 -27.16 40.47 15.92
CA VAL C 146 -27.58 39.77 17.13
C VAL C 146 -26.37 39.25 17.92
N GLY C 147 -26.24 39.71 19.15
CA GLY C 147 -25.15 39.31 20.02
C GLY C 147 -25.08 40.25 21.19
N LEU C 148 -24.11 40.01 22.06
CA LEU C 148 -23.92 40.83 23.24
C LEU C 148 -23.77 42.30 22.84
N GLY C 149 -24.40 43.18 23.61
CA GLY C 149 -24.32 44.59 23.33
C GLY C 149 -25.29 45.04 22.25
N ALA C 150 -25.92 44.09 21.55
CA ALA C 150 -26.85 44.41 20.49
C ALA C 150 -28.20 43.68 20.70
N TRP C 151 -28.69 43.02 19.66
CA TRP C 151 -29.96 42.31 19.76
C TRP C 151 -29.74 40.93 20.36
N ILE C 152 -30.56 40.58 21.34
CA ILE C 152 -30.47 39.27 21.95
C ILE C 152 -31.79 38.52 21.78
N SER C 153 -31.71 37.32 21.22
CA SER C 153 -32.86 36.44 21.02
C SER C 153 -33.52 36.08 22.36
N VAL C 154 -34.83 36.23 22.45
CA VAL C 154 -35.57 35.93 23.67
C VAL C 154 -36.85 35.16 23.36
N GLY C 155 -37.15 34.14 24.13
CA GLY C 155 -38.37 33.38 23.91
C GLY C 155 -38.17 32.13 23.10
N ASP C 156 -39.21 31.31 23.06
CA ASP C 156 -39.14 30.03 22.37
C ASP C 156 -39.19 30.11 20.85
N ALA C 157 -39.97 31.02 20.30
CA ALA C 157 -40.04 31.12 18.84
C ALA C 157 -38.65 31.44 18.31
N SER C 158 -38.03 32.44 18.92
CA SER C 158 -36.67 32.87 18.55
C SER C 158 -35.64 31.76 18.78
N LEU C 159 -35.79 30.98 19.86
CA LEU C 159 -34.82 29.91 20.11
C LEU C 159 -34.90 28.92 18.94
N ARG C 160 -36.13 28.58 18.57
CA ARG C 160 -36.36 27.66 17.46
C ARG C 160 -35.66 28.14 16.19
N THR C 161 -35.84 29.40 15.82
CA THR C 161 -35.21 29.91 14.60
C THR C 161 -33.69 30.06 14.76
N GLN C 162 -33.26 30.52 15.94
CA GLN C 162 -31.83 30.66 16.25
C GLN C 162 -31.14 29.30 16.06
N LEU C 163 -31.74 28.25 16.62
CA LEU C 163 -31.19 26.90 16.50
C LEU C 163 -31.25 26.39 15.05
N ALA C 164 -32.39 26.61 14.40
CA ALA C 164 -32.59 26.12 13.03
C ALA C 164 -31.70 26.79 11.96
N ASN C 165 -31.30 28.03 12.20
CA ASN C 165 -30.49 28.76 11.24
C ASN C 165 -29.08 29.05 11.70
N GLY C 166 -28.64 28.36 12.76
CA GLY C 166 -27.30 28.54 13.28
C GLY C 166 -26.26 27.58 12.71
N ASP C 167 -25.14 27.42 13.42
CA ASP C 167 -24.07 26.53 12.94
C ASP C 167 -23.73 25.46 13.96
N GLY C 168 -24.48 25.44 15.06
CA GLY C 168 -24.24 24.46 16.09
C GLY C 168 -23.55 25.08 17.28
N SER C 169 -23.25 26.37 17.20
CA SER C 169 -22.56 27.03 18.31
C SER C 169 -23.39 27.14 19.58
N LEU C 170 -24.70 26.90 19.48
CA LEU C 170 -25.56 26.98 20.66
C LEU C 170 -25.53 25.70 21.45
N ILE C 171 -24.93 24.66 20.88
CA ILE C 171 -24.85 23.34 21.50
C ILE C 171 -23.46 23.01 22.06
N GLY C 172 -23.36 22.84 23.37
CA GLY C 172 -22.09 22.50 24.00
C GLY C 172 -21.76 21.03 23.85
N ILE C 173 -20.47 20.71 23.81
CA ILE C 173 -20.01 19.33 23.65
C ILE C 173 -18.90 18.99 24.64
N HIS C 174 -18.55 17.71 24.73
CA HIS C 174 -17.48 17.26 25.61
C HIS C 174 -16.23 16.96 24.81
N PRO C 175 -15.05 17.13 25.44
CA PRO C 175 -14.85 17.58 26.82
C PRO C 175 -15.15 19.08 27.02
N GLN C 176 -15.11 19.85 25.94
CA GLN C 176 -15.40 21.29 25.99
C GLN C 176 -15.65 21.78 24.56
N GLY C 177 -16.02 23.06 24.39
CA GLY C 177 -16.29 23.62 23.06
C GLY C 177 -17.74 23.44 22.62
N THR C 178 -18.04 23.77 21.38
CA THR C 178 -19.41 23.62 20.86
C THR C 178 -19.48 22.74 19.62
N LEU C 179 -20.70 22.31 19.29
CA LEU C 179 -20.96 21.44 18.14
C LEU C 179 -20.24 21.82 16.85
N ASN C 180 -20.29 23.11 16.48
CA ASN C 180 -19.63 23.57 15.26
C ASN C 180 -18.12 23.26 15.24
N ASN C 181 -17.49 23.25 16.42
CA ASN C 181 -16.06 22.96 16.52
C ASN C 181 -15.67 21.60 15.95
N VAL C 182 -16.60 20.66 15.97
CA VAL C 182 -16.28 19.32 15.49
C VAL C 182 -16.99 18.85 14.22
N LEU C 183 -17.79 19.72 13.61
CA LEU C 183 -18.46 19.37 12.36
C LEU C 183 -17.62 19.88 11.18
N THR C 184 -16.98 18.94 10.49
CA THR C 184 -16.07 19.32 9.40
C THR C 184 -16.39 18.64 8.07
N VAL C 185 -17.20 17.59 8.10
CA VAL C 185 -17.56 16.88 6.87
C VAL C 185 -18.75 17.54 6.15
N ARG C 186 -18.81 17.39 4.82
CA ARG C 186 -19.90 17.92 4.02
C ARG C 186 -20.63 16.75 3.38
N THR C 187 -21.92 16.92 3.13
CA THR C 187 -22.73 15.88 2.53
C THR C 187 -23.71 16.47 1.51
N PRO C 188 -24.11 15.69 0.49
CA PRO C 188 -25.08 16.23 -0.46
C PRO C 188 -26.43 16.53 0.20
N GLU C 189 -26.69 15.88 1.33
CA GLU C 189 -27.96 16.08 2.04
C GLU C 189 -28.08 17.49 2.58
N GLN C 190 -26.95 18.14 2.87
CA GLN C 190 -26.96 19.51 3.35
C GLN C 190 -27.54 20.41 2.26
N TYR C 191 -27.46 19.93 1.01
CA TYR C 191 -27.94 20.68 -0.15
C TYR C 191 -29.26 20.11 -0.67
N ASN C 192 -29.88 19.25 0.13
CA ASN C 192 -31.17 18.64 -0.21
C ASN C 192 -31.19 17.67 -1.38
N ALA C 193 -30.06 17.01 -1.62
CA ALA C 193 -29.98 16.02 -2.68
C ALA C 193 -30.98 14.94 -2.34
N VAL C 194 -31.68 14.41 -3.34
CA VAL C 194 -32.66 13.36 -3.10
C VAL C 194 -31.92 12.06 -2.80
N GLY C 195 -30.80 11.83 -3.47
CA GLY C 195 -30.01 10.63 -3.22
C GLY C 195 -30.66 9.28 -3.50
N ASP C 196 -31.54 9.22 -4.50
CA ASP C 196 -32.20 7.96 -4.84
C ASP C 196 -31.79 7.43 -6.22
N GLY C 197 -30.85 8.10 -6.88
CA GLY C 197 -30.40 7.66 -8.19
C GLY C 197 -31.44 7.87 -9.29
N ILE C 198 -32.48 8.64 -8.98
CA ILE C 198 -33.55 8.94 -9.93
C ILE C 198 -33.58 10.44 -10.16
N ALA C 199 -33.82 11.19 -9.09
CA ALA C 199 -33.84 12.65 -9.21
C ALA C 199 -32.48 13.14 -9.68
N ASP C 200 -32.47 14.19 -10.49
CA ASP C 200 -31.22 14.77 -10.99
C ASP C 200 -30.62 15.63 -9.89
N ASP C 201 -29.58 15.11 -9.22
CA ASP C 201 -28.93 15.84 -8.12
C ASP C 201 -27.71 16.65 -8.56
N THR C 202 -27.56 16.88 -9.87
CA THR C 202 -26.39 17.60 -10.40
C THR C 202 -26.06 18.95 -9.73
N SER C 203 -27.04 19.85 -9.70
CA SER C 203 -26.80 21.18 -9.14
C SER C 203 -26.47 21.14 -7.66
N LYS C 204 -26.99 20.13 -6.96
CA LYS C 204 -26.70 19.97 -5.53
C LYS C 204 -25.22 19.59 -5.36
N LEU C 205 -24.77 18.61 -6.13
CA LEU C 205 -23.39 18.15 -6.08
C LEU C 205 -22.43 19.28 -6.45
N LYS C 206 -22.79 20.05 -7.48
CA LYS C 206 -21.97 21.19 -7.90
C LYS C 206 -21.89 22.25 -6.83
N GLU C 207 -23.03 22.52 -6.21
CA GLU C 207 -23.06 23.52 -5.15
C GLU C 207 -22.19 23.07 -3.96
N MET C 208 -22.23 21.79 -3.65
CA MET C 208 -21.42 21.24 -2.56
C MET C 208 -19.95 21.44 -2.90
N LEU C 209 -19.60 21.11 -4.14
CA LEU C 209 -18.23 21.25 -4.62
C LEU C 209 -17.79 22.72 -4.61
N SER C 210 -18.65 23.58 -5.14
CA SER C 210 -18.40 25.02 -5.19
C SER C 210 -18.15 25.65 -3.83
N ASP C 211 -18.94 25.25 -2.84
CA ASP C 211 -18.79 25.77 -1.48
C ASP C 211 -17.44 25.41 -0.89
N ILE C 212 -16.79 24.40 -1.45
CA ILE C 212 -15.47 24.00 -0.97
C ILE C 212 -14.40 24.82 -1.67
N ASN C 213 -14.47 24.81 -3.01
CA ASN C 213 -13.50 25.51 -3.86
C ASN C 213 -14.15 25.80 -5.21
N ASN C 214 -14.55 27.06 -5.41
CA ASN C 214 -15.26 27.48 -6.61
C ASN C 214 -14.27 28.00 -7.65
N VAL C 215 -13.89 27.14 -8.58
CA VAL C 215 -12.91 27.53 -9.60
C VAL C 215 -13.56 27.95 -10.92
N PRO C 216 -13.44 29.25 -11.25
CA PRO C 216 -14.00 29.78 -12.50
C PRO C 216 -13.35 29.10 -13.71
N GLU C 217 -14.18 28.82 -14.71
CA GLU C 217 -13.77 28.14 -15.93
C GLU C 217 -12.81 28.93 -16.83
N THR C 218 -12.66 30.23 -16.60
CA THR C 218 -11.73 31.06 -17.34
C THR C 218 -10.92 31.85 -16.34
N LEU C 219 -9.60 31.87 -16.53
CA LEU C 219 -8.71 32.57 -15.62
C LEU C 219 -7.68 33.40 -16.41
N PRO C 220 -7.23 34.53 -15.82
CA PRO C 220 -6.31 35.44 -16.52
C PRO C 220 -4.91 34.90 -16.80
N ASP C 221 -4.31 34.21 -15.83
CA ASP C 221 -2.97 33.72 -16.01
C ASP C 221 -2.61 32.52 -15.13
N ALA C 222 -1.35 32.15 -15.17
CA ALA C 222 -0.85 31.03 -14.39
C ALA C 222 -1.07 31.21 -12.90
N ALA C 223 -0.70 32.39 -12.40
CA ALA C 223 -0.83 32.70 -10.98
C ALA C 223 -2.25 32.46 -10.49
N ALA C 224 -3.21 32.85 -11.32
CA ALA C 224 -4.62 32.70 -10.97
C ALA C 224 -5.07 31.25 -10.84
N VAL C 225 -4.68 30.39 -11.78
CA VAL C 225 -5.11 29.00 -11.65
C VAL C 225 -4.35 28.30 -10.52
N ASN C 226 -3.07 28.63 -10.36
CA ASN C 226 -2.24 28.03 -9.32
C ASN C 226 -2.77 28.29 -7.92
N SER C 227 -3.35 29.47 -7.71
CA SER C 227 -3.86 29.81 -6.38
C SER C 227 -5.00 28.91 -5.90
N TYR C 228 -5.76 28.32 -6.83
CA TYR C 228 -6.87 27.46 -6.42
C TYR C 228 -6.41 26.13 -5.81
N MET C 229 -5.10 25.88 -5.86
CA MET C 229 -4.52 24.68 -5.27
C MET C 229 -4.00 25.01 -3.88
N GLU C 230 -4.12 26.28 -3.49
CA GLU C 230 -3.64 26.73 -2.19
C GLU C 230 -4.78 27.11 -1.24
N GLN C 231 -5.91 26.40 -1.33
CA GLN C 231 -7.05 26.68 -0.48
C GLN C 231 -7.30 25.57 0.56
N VAL C 232 -8.28 25.82 1.42
CA VAL C 232 -8.62 24.87 2.47
C VAL C 232 -9.30 23.63 1.87
N ALA C 233 -8.84 22.45 2.29
CA ALA C 233 -9.37 21.18 1.82
C ALA C 233 -10.49 20.69 2.74
N VAL C 234 -11.54 20.14 2.15
CA VAL C 234 -12.69 19.67 2.92
C VAL C 234 -13.09 18.24 2.54
N LYS C 235 -13.50 17.45 3.55
CA LYS C 235 -13.93 16.07 3.31
C LYS C 235 -15.44 15.97 3.01
N ILE C 236 -15.78 15.15 2.02
CA ILE C 236 -17.16 14.92 1.61
C ILE C 236 -17.53 13.46 1.88
N ASP C 237 -18.70 13.24 2.46
CA ASP C 237 -19.14 11.87 2.74
C ASP C 237 -20.40 11.59 1.93
N LEU C 238 -20.31 10.63 1.01
CA LEU C 238 -21.42 10.25 0.12
C LEU C 238 -22.05 8.97 0.61
N THR C 239 -23.24 9.07 1.22
CA THR C 239 -23.85 7.86 1.79
C THR C 239 -25.11 7.38 1.07
N LYS C 240 -25.51 8.06 0.00
CA LYS C 240 -26.66 7.62 -0.78
C LYS C 240 -26.26 7.58 -2.26
N LEU C 241 -27.26 7.46 -3.13
CA LEU C 241 -27.03 7.36 -4.57
C LEU C 241 -27.43 8.64 -5.31
N TYR C 242 -26.44 9.33 -5.87
CA TYR C 242 -26.70 10.59 -6.55
C TYR C 242 -26.57 10.56 -8.07
N ARG C 243 -27.72 10.68 -8.73
CA ARG C 243 -27.77 10.70 -10.18
C ARG C 243 -27.38 12.10 -10.63
N PHE C 244 -26.54 12.17 -11.65
CA PHE C 244 -26.10 13.46 -12.18
C PHE C 244 -25.98 13.36 -13.71
N THR C 245 -26.15 14.49 -14.39
CA THR C 245 -26.23 14.46 -15.85
C THR C 245 -25.26 15.38 -16.61
N GLU C 246 -24.23 15.86 -15.92
CA GLU C 246 -23.19 16.68 -16.52
C GLU C 246 -21.89 16.25 -15.88
N THR C 247 -20.78 16.38 -16.60
CA THR C 247 -19.46 16.02 -16.08
C THR C 247 -19.18 16.78 -14.79
N LEU C 248 -18.77 16.08 -13.75
CA LEU C 248 -18.43 16.75 -12.51
C LEU C 248 -16.93 17.00 -12.47
N TYR C 249 -16.55 18.24 -12.22
CA TYR C 249 -15.14 18.58 -12.14
C TYR C 249 -14.75 18.78 -10.67
N ILE C 250 -13.83 17.95 -10.19
CA ILE C 250 -13.40 18.04 -8.81
C ILE C 250 -12.34 19.10 -8.69
N PRO C 251 -12.57 20.11 -7.84
CA PRO C 251 -11.57 21.17 -7.64
C PRO C 251 -10.50 20.63 -6.72
N PRO C 252 -9.37 21.33 -6.61
CA PRO C 252 -8.34 20.85 -5.69
C PRO C 252 -8.81 21.03 -4.25
N GLY C 253 -8.21 20.30 -3.31
CA GLY C 253 -8.57 20.38 -1.89
C GLY C 253 -9.87 19.68 -1.57
N VAL C 254 -9.98 18.42 -2.00
CA VAL C 254 -11.20 17.65 -1.76
C VAL C 254 -10.93 16.19 -1.43
N SER C 255 -11.52 15.73 -0.33
CA SER C 255 -11.43 14.33 0.06
C SER C 255 -12.86 13.81 -0.04
N ILE C 256 -13.04 12.69 -0.73
CA ILE C 256 -14.36 12.10 -0.88
C ILE C 256 -14.33 10.71 -0.28
N GLU C 257 -15.30 10.39 0.58
CA GLU C 257 -15.36 9.09 1.20
C GLU C 257 -16.75 8.45 1.16
N ILE C 258 -16.77 7.12 1.16
CA ILE C 258 -17.98 6.32 1.18
C ILE C 258 -17.61 5.18 2.13
N PRO C 259 -18.54 4.73 3.01
CA PRO C 259 -18.23 3.68 3.97
C PRO C 259 -17.48 2.46 3.43
N THR C 260 -17.91 1.90 2.30
CA THR C 260 -17.25 0.74 1.73
C THR C 260 -17.23 0.85 0.22
N SER C 261 -16.32 0.12 -0.41
CA SER C 261 -16.15 0.11 -1.85
C SER C 261 -16.99 -0.97 -2.52
N ASN C 262 -17.59 -0.67 -3.69
CA ASN C 262 -18.35 -1.67 -4.43
C ASN C 262 -17.42 -2.80 -4.89
N PHE C 263 -17.99 -3.99 -5.12
CA PHE C 263 -17.22 -5.14 -5.59
C PHE C 263 -18.16 -6.06 -6.36
N PHE C 264 -18.15 -5.96 -7.69
CA PHE C 264 -19.07 -6.72 -8.53
C PHE C 264 -20.48 -6.51 -7.99
N THR C 265 -20.73 -5.28 -7.57
CA THR C 265 -22.00 -4.88 -6.99
C THR C 265 -23.07 -4.85 -8.08
N ARG C 266 -24.16 -5.57 -7.85
CA ARG C 266 -25.26 -5.67 -8.81
C ARG C 266 -26.13 -4.44 -8.86
N GLU C 267 -26.35 -3.83 -7.70
CA GLU C 267 -27.19 -2.63 -7.62
C GLU C 267 -26.52 -1.59 -6.74
N CYS C 268 -25.87 -0.61 -7.37
CA CYS C 268 -25.21 0.45 -6.65
C CYS C 268 -26.18 1.20 -5.76
N LYS C 269 -25.83 1.37 -4.49
CA LYS C 269 -26.69 2.05 -3.52
C LYS C 269 -26.05 3.31 -2.95
N GLN C 270 -24.73 3.40 -3.04
CA GLN C 270 -24.00 4.57 -2.51
C GLN C 270 -22.91 5.00 -3.49
N GLY C 271 -22.94 6.27 -3.86
CA GLY C 271 -21.97 6.81 -4.81
C GLY C 271 -22.63 7.69 -5.87
N LEU C 272 -21.95 7.79 -7.02
CA LEU C 272 -22.42 8.64 -8.11
C LEU C 272 -22.85 7.83 -9.31
N PHE C 273 -23.95 8.27 -9.93
CA PHE C 273 -24.51 7.62 -11.12
C PHE C 273 -24.61 8.67 -12.21
N TYR C 274 -23.68 8.61 -13.17
CA TYR C 274 -23.63 9.55 -14.30
C TYR C 274 -24.60 9.10 -15.39
N ASP C 275 -25.58 9.95 -15.68
CA ASP C 275 -26.61 9.60 -16.65
C ASP C 275 -26.90 10.77 -17.58
N PRO C 276 -25.97 11.06 -18.52
CA PRO C 276 -26.14 12.23 -19.38
C PRO C 276 -26.86 11.96 -20.71
N VAL C 277 -27.24 13.05 -21.37
CA VAL C 277 -27.86 13.00 -22.68
C VAL C 277 -26.71 12.73 -23.65
N ASP C 278 -25.67 13.55 -23.57
CA ASP C 278 -24.48 13.38 -24.41
C ASP C 278 -23.54 12.32 -23.79
N LYS C 279 -23.52 11.13 -24.37
CA LYS C 279 -22.68 10.04 -23.85
C LYS C 279 -21.20 10.11 -24.24
N ASN C 280 -20.85 10.96 -25.21
CA ASN C 280 -19.47 11.13 -25.61
C ASN C 280 -18.83 12.10 -24.62
N THR C 281 -18.83 11.70 -23.34
CA THR C 281 -18.31 12.52 -22.27
C THR C 281 -17.74 11.68 -21.11
N ALA C 282 -17.13 12.37 -20.15
CA ALA C 282 -16.61 11.73 -18.96
C ALA C 282 -17.57 11.98 -17.81
N ALA C 283 -17.68 11.02 -16.90
CA ALA C 283 -18.53 11.16 -15.72
C ALA C 283 -17.89 12.16 -14.75
N ILE C 284 -16.61 11.93 -14.47
CA ILE C 284 -15.84 12.72 -13.51
C ILE C 284 -14.51 13.14 -14.12
N SER C 285 -14.04 14.33 -13.76
CA SER C 285 -12.78 14.80 -14.30
C SER C 285 -12.07 15.76 -13.36
N LEU C 286 -10.74 15.70 -13.37
CA LEU C 286 -9.92 16.61 -12.58
C LEU C 286 -9.83 17.89 -13.43
N MET C 287 -9.33 18.98 -12.85
CA MET C 287 -9.24 20.23 -13.58
C MET C 287 -7.87 20.53 -14.18
N VAL C 288 -7.85 20.73 -15.49
CA VAL C 288 -6.63 21.11 -16.19
C VAL C 288 -6.96 22.30 -17.09
N TYR C 289 -6.22 23.38 -16.91
CA TYR C 289 -6.44 24.60 -17.68
C TYR C 289 -5.52 24.66 -18.88
N ARG C 290 -6.11 25.04 -20.02
CA ARG C 290 -5.44 25.13 -21.30
C ARG C 290 -5.21 26.57 -21.74
N LYS C 291 -3.98 26.88 -22.12
CA LYS C 291 -3.59 28.23 -22.57
C LYS C 291 -4.35 28.63 -23.84
N GLN C 292 -4.96 29.82 -23.80
CA GLN C 292 -5.71 30.36 -24.93
C GLN C 292 -4.80 31.28 -25.75
N PRO C 293 -5.19 31.59 -27.00
CA PRO C 293 -4.39 32.49 -27.84
C PRO C 293 -4.05 33.83 -27.17
N ASP C 294 -4.94 34.37 -26.32
CA ASP C 294 -4.66 35.65 -25.66
C ASP C 294 -3.88 35.54 -24.36
N GLY C 295 -3.38 34.34 -24.04
CA GLY C 295 -2.62 34.13 -22.81
C GLY C 295 -3.47 33.80 -21.60
N SER C 296 -4.80 33.74 -21.79
CA SER C 296 -5.70 33.38 -20.71
C SER C 296 -5.86 31.85 -20.66
N TYR C 297 -6.39 31.34 -19.55
CA TYR C 297 -6.59 29.89 -19.42
C TYR C 297 -8.06 29.48 -19.26
N LYS C 298 -8.44 28.45 -20.01
CA LYS C 298 -9.80 27.91 -19.95
C LYS C 298 -9.76 26.47 -19.47
N LEU C 299 -10.66 26.12 -18.55
CA LEU C 299 -10.75 24.77 -18.04
C LEU C 299 -11.05 23.81 -19.18
N ASN C 300 -10.35 22.68 -19.22
CA ASN C 300 -10.65 21.73 -20.27
C ASN C 300 -11.96 21.02 -20.02
N LYS C 301 -12.77 20.89 -21.07
CA LYS C 301 -14.05 20.22 -21.01
C LYS C 301 -14.18 19.23 -22.17
N ASP C 302 -13.09 19.00 -22.89
CA ASP C 302 -13.08 18.04 -24.00
C ASP C 302 -12.79 16.66 -23.41
N VAL C 303 -13.66 15.69 -23.72
CA VAL C 303 -13.50 14.33 -23.19
C VAL C 303 -12.20 13.65 -23.59
N ASP C 304 -11.80 13.81 -24.85
CA ASP C 304 -10.59 13.17 -25.35
C ASP C 304 -9.30 13.86 -24.95
N TYR C 305 -9.37 15.08 -24.46
CA TYR C 305 -8.16 15.80 -24.10
C TYR C 305 -7.45 15.30 -22.84
N TYR C 306 -6.12 15.36 -22.89
CA TYR C 306 -5.30 14.99 -21.74
C TYR C 306 -4.00 15.76 -21.90
N PRO C 307 -3.49 16.32 -20.81
CA PRO C 307 -2.24 17.08 -20.97
C PRO C 307 -1.01 16.17 -21.03
N THR C 308 0.03 16.66 -21.70
CA THR C 308 1.28 15.91 -21.82
C THR C 308 2.26 16.54 -20.85
N GLY C 309 3.36 15.85 -20.57
CA GLY C 309 4.38 16.37 -19.67
C GLY C 309 4.93 17.66 -20.26
N LEU C 310 4.96 17.71 -21.59
CA LEU C 310 5.44 18.88 -22.33
C LEU C 310 4.53 20.09 -22.10
N ASP C 311 3.22 19.88 -22.28
CA ASP C 311 2.21 20.91 -22.06
C ASP C 311 2.42 21.58 -20.70
N ILE C 312 2.63 20.76 -19.67
CA ILE C 312 2.86 21.26 -18.31
C ILE C 312 4.20 22.01 -18.19
N ASP C 313 5.17 21.62 -19.00
CA ASP C 313 6.49 22.27 -18.97
C ASP C 313 6.45 23.63 -19.68
N ASN C 314 5.80 23.67 -20.84
CA ASN C 314 5.76 24.90 -21.62
C ASN C 314 4.56 25.81 -21.37
N GLY C 315 3.83 25.56 -20.27
CA GLY C 315 2.67 26.36 -19.94
C GLY C 315 1.44 26.27 -20.82
N ASP C 316 1.45 25.41 -21.84
CA ASP C 316 0.27 25.25 -22.71
C ASP C 316 -0.89 24.69 -21.88
N ALA C 317 -0.56 23.96 -20.83
CA ALA C 317 -1.56 23.41 -19.93
C ALA C 317 -1.07 23.70 -18.54
N ILE C 318 -2.00 23.95 -17.62
CA ILE C 318 -1.63 24.16 -16.24
C ILE C 318 -2.56 23.33 -15.40
N THR C 319 -1.98 22.48 -14.55
CA THR C 319 -2.79 21.62 -13.72
C THR C 319 -3.47 22.38 -12.60
N CYS C 320 -4.71 22.01 -12.32
CA CYS C 320 -5.46 22.58 -11.20
C CYS C 320 -6.06 21.35 -10.50
N ALA C 321 -5.21 20.35 -10.29
CA ALA C 321 -5.58 19.08 -9.69
C ALA C 321 -4.48 18.72 -8.70
N ARG C 322 -4.74 18.93 -7.41
CA ARG C 322 -3.78 18.68 -6.36
C ARG C 322 -4.56 18.59 -5.05
N LYS C 323 -4.01 17.92 -4.05
CA LYS C 323 -4.67 17.77 -2.75
C LYS C 323 -6.05 17.16 -2.89
N ILE C 324 -6.14 16.10 -3.69
CA ILE C 324 -7.38 15.37 -3.93
C ILE C 324 -7.18 13.93 -3.45
N ASP C 325 -8.10 13.44 -2.63
CA ASP C 325 -8.02 12.10 -2.04
C ASP C 325 -9.38 11.41 -2.18
N ILE C 326 -9.37 10.17 -2.66
CA ILE C 326 -10.60 9.43 -2.81
C ILE C 326 -10.57 8.16 -1.99
N ASN C 327 -11.55 7.98 -1.10
CA ASN C 327 -11.62 6.75 -0.32
C ASN C 327 -12.97 6.07 -0.54
N ASN C 328 -12.97 5.00 -1.35
CA ASN C 328 -14.16 4.20 -1.64
C ASN C 328 -15.26 4.84 -2.53
N LEU C 329 -14.92 5.86 -3.31
CA LEU C 329 -15.92 6.43 -4.21
C LEU C 329 -16.41 5.37 -5.18
N ASN C 330 -17.73 5.21 -5.27
CA ASN C 330 -18.34 4.27 -6.21
C ASN C 330 -18.94 5.08 -7.35
N LEU C 331 -18.55 4.76 -8.57
CA LEU C 331 -19.08 5.51 -9.70
C LEU C 331 -19.67 4.57 -10.72
N ILE C 332 -20.97 4.71 -10.98
CA ILE C 332 -21.61 3.91 -12.01
C ILE C 332 -21.97 4.86 -13.15
N THR C 333 -22.34 4.30 -14.27
CA THR C 333 -22.54 5.13 -15.44
C THR C 333 -23.67 4.59 -16.31
N ALA C 334 -24.34 5.43 -17.08
CA ALA C 334 -25.36 4.90 -17.98
C ALA C 334 -24.61 4.11 -19.05
N PRO C 335 -25.21 3.05 -19.61
CA PRO C 335 -24.52 2.29 -20.65
C PRO C 335 -24.10 3.18 -21.82
N GLY C 336 -22.88 2.99 -22.32
CA GLY C 336 -22.41 3.78 -23.45
C GLY C 336 -21.64 5.04 -23.12
N VAL C 337 -21.59 5.41 -21.84
CA VAL C 337 -20.83 6.59 -21.46
C VAL C 337 -19.37 6.28 -21.81
N LYS C 338 -18.73 7.21 -22.51
CA LYS C 338 -17.36 7.03 -22.97
C LYS C 338 -16.31 6.80 -21.89
N VAL C 339 -16.18 7.76 -20.97
CA VAL C 339 -15.16 7.67 -19.92
C VAL C 339 -15.72 7.83 -18.51
N GLY C 340 -15.25 6.97 -17.61
CA GLY C 340 -15.67 7.03 -16.23
C GLY C 340 -14.94 8.15 -15.50
N VAL C 341 -13.63 7.98 -15.34
CA VAL C 341 -12.86 8.98 -14.62
C VAL C 341 -11.66 9.50 -15.39
N LYS C 342 -11.60 10.82 -15.53
CA LYS C 342 -10.45 11.45 -16.18
C LYS C 342 -9.49 11.96 -15.12
N TRP C 343 -8.51 11.14 -14.79
CA TRP C 343 -7.54 11.49 -13.77
C TRP C 343 -6.38 12.22 -14.45
N ILE C 344 -6.65 13.44 -14.93
CA ILE C 344 -5.63 14.20 -15.64
C ILE C 344 -5.02 15.29 -14.82
N GLY C 345 -3.69 15.40 -14.92
CA GLY C 345 -2.93 16.39 -14.17
C GLY C 345 -2.88 16.17 -12.67
N GLY C 346 -3.36 15.02 -12.19
CA GLY C 346 -3.40 14.75 -10.76
C GLY C 346 -2.13 14.31 -10.05
N ALA C 347 -1.06 15.07 -10.21
CA ALA C 347 0.20 14.71 -9.55
C ALA C 347 0.03 14.66 -8.03
N GLY C 348 0.53 13.60 -7.41
CA GLY C 348 0.44 13.46 -5.98
C GLY C 348 -0.96 13.16 -5.46
N CYS C 349 -1.95 13.09 -6.34
CA CYS C 349 -3.31 12.79 -5.88
C CYS C 349 -3.44 11.29 -5.60
N THR C 350 -4.31 10.94 -4.65
CA THR C 350 -4.43 9.56 -4.21
C THR C 350 -5.85 9.00 -4.18
N THR C 351 -5.92 7.69 -4.35
CA THR C 351 -7.17 6.96 -4.40
C THR C 351 -7.02 5.65 -3.64
N LYS C 352 -8.08 5.23 -2.96
CA LYS C 352 -8.10 3.96 -2.26
C LYS C 352 -9.53 3.45 -2.41
N GLY C 353 -9.70 2.23 -2.91
CA GLY C 353 -11.04 1.69 -3.07
C GLY C 353 -11.92 2.38 -4.13
N LEU C 354 -11.35 3.18 -5.02
CA LEU C 354 -12.14 3.79 -6.11
C LEU C 354 -12.76 2.61 -6.87
N SER C 355 -14.07 2.58 -7.03
CA SER C 355 -14.76 1.46 -7.69
C SER C 355 -15.68 1.94 -8.81
N ILE C 356 -15.34 1.55 -10.03
CA ILE C 356 -16.06 1.99 -11.22
C ILE C 356 -16.88 0.88 -11.89
N GLY C 357 -18.13 1.21 -12.21
CA GLY C 357 -19.00 0.25 -12.88
C GLY C 357 -19.90 -0.59 -12.00
N GLU C 358 -21.00 -1.06 -12.59
CA GLU C 358 -21.97 -1.88 -11.89
C GLU C 358 -22.13 -3.22 -12.59
N ASN C 359 -22.17 -4.29 -11.79
CA ASN C 359 -22.40 -5.63 -12.32
C ASN C 359 -23.92 -5.77 -12.51
N THR C 360 -24.49 -4.93 -13.37
CA THR C 360 -25.93 -4.86 -13.63
C THR C 360 -26.58 -6.18 -14.03
N GLY C 361 -25.98 -6.88 -14.98
CA GLY C 361 -26.51 -8.15 -15.46
C GLY C 361 -25.58 -8.75 -16.51
N SER C 362 -25.99 -9.85 -17.12
CA SER C 362 -25.18 -10.57 -18.13
C SER C 362 -24.93 -9.79 -19.42
N ASP C 363 -25.91 -9.00 -19.84
CA ASP C 363 -25.78 -8.24 -21.07
C ASP C 363 -24.99 -6.99 -20.76
N ILE C 364 -23.70 -7.01 -21.12
CA ILE C 364 -22.82 -5.88 -20.85
C ILE C 364 -23.29 -4.64 -21.62
N THR C 365 -24.04 -4.90 -22.68
CA THR C 365 -24.57 -3.84 -23.52
C THR C 365 -25.54 -2.90 -22.78
N THR C 366 -26.11 -3.38 -21.67
CA THR C 366 -27.04 -2.57 -20.86
C THR C 366 -26.49 -2.35 -19.45
N ALA C 367 -25.29 -2.88 -19.19
CA ALA C 367 -24.68 -2.73 -17.88
C ALA C 367 -24.40 -1.27 -17.59
N ARG C 368 -24.53 -0.88 -16.33
CA ARG C 368 -24.29 0.50 -15.94
C ARG C 368 -22.81 0.73 -15.61
N LEU C 369 -21.99 0.73 -16.66
CA LEU C 369 -20.55 0.90 -16.56
C LEU C 369 -20.06 1.62 -17.80
N PRO C 370 -18.90 2.31 -17.70
CA PRO C 370 -18.43 3.05 -18.88
C PRO C 370 -17.69 2.21 -19.91
N ARG C 371 -17.51 2.77 -21.09
CA ARG C 371 -16.75 2.09 -22.13
C ARG C 371 -15.28 2.08 -21.68
N VAL C 372 -14.82 3.24 -21.20
CA VAL C 372 -13.45 3.38 -20.69
C VAL C 372 -13.50 3.75 -19.21
N GLY C 373 -12.96 2.90 -18.35
CA GLY C 373 -13.02 3.16 -16.92
C GLY C 373 -12.28 4.41 -16.46
N LEU C 374 -10.97 4.45 -16.69
CA LEU C 374 -10.15 5.56 -16.24
C LEU C 374 -9.09 5.91 -17.27
N LEU C 375 -8.87 7.21 -17.44
CA LEU C 375 -7.89 7.75 -18.37
C LEU C 375 -7.03 8.67 -17.53
N GLN C 376 -5.72 8.42 -17.53
CA GLN C 376 -4.80 9.18 -16.69
C GLN C 376 -3.56 9.70 -17.40
N SER C 377 -3.23 10.97 -17.19
CA SER C 377 -2.02 11.54 -17.76
C SER C 377 -1.52 12.63 -16.83
N ALA C 378 -0.25 13.01 -16.99
CA ALA C 378 0.36 14.08 -16.19
C ALA C 378 0.14 13.92 -14.67
N SER C 379 0.15 12.70 -14.17
CA SER C 379 -0.09 12.44 -12.76
C SER C 379 1.04 11.71 -12.05
N TRP C 380 2.24 12.27 -12.13
CA TRP C 380 3.39 11.68 -11.45
C TRP C 380 3.16 11.65 -9.94
N GLY C 381 3.68 10.62 -9.26
CA GLY C 381 3.52 10.52 -7.82
C GLY C 381 2.09 10.20 -7.37
N SER C 382 1.22 9.88 -8.30
CA SER C 382 -0.15 9.56 -7.95
C SER C 382 -0.28 8.08 -7.56
N ILE C 383 -1.04 7.79 -6.52
CA ILE C 383 -1.23 6.42 -6.06
C ILE C 383 -2.70 5.96 -6.06
N HIS C 384 -2.97 4.84 -6.72
CA HIS C 384 -4.33 4.27 -6.73
C HIS C 384 -4.24 2.95 -5.95
N GLU C 385 -4.75 2.92 -4.73
CA GLU C 385 -4.68 1.67 -3.97
C GLU C 385 -5.96 0.89 -4.15
N ASN C 386 -5.85 -0.38 -4.56
CA ASN C 386 -7.02 -1.24 -4.69
C ASN C 386 -8.16 -0.67 -5.54
N LEU C 387 -7.80 -0.17 -6.72
CA LEU C 387 -8.74 0.38 -7.68
C LEU C 387 -9.54 -0.78 -8.25
N ARG C 388 -10.85 -0.60 -8.35
CA ARG C 388 -11.75 -1.63 -8.90
C ARG C 388 -12.43 -1.08 -10.15
N ILE C 389 -12.34 -1.80 -11.26
CA ILE C 389 -12.94 -1.33 -12.49
C ILE C 389 -13.67 -2.43 -13.24
N LEU C 390 -14.94 -2.17 -13.53
CA LEU C 390 -15.80 -3.04 -14.32
C LEU C 390 -15.95 -2.21 -15.59
N TYR C 391 -15.52 -2.74 -16.73
CA TYR C 391 -15.58 -1.96 -17.96
C TYR C 391 -16.12 -2.75 -19.13
N LYS C 392 -16.28 -2.06 -20.25
CA LYS C 392 -16.78 -2.69 -21.48
C LYS C 392 -15.70 -2.70 -22.56
N THR C 393 -15.03 -1.57 -22.75
CA THR C 393 -14.02 -1.48 -23.81
C THR C 393 -12.55 -1.44 -23.35
N GLN C 394 -12.25 -0.53 -22.42
CA GLN C 394 -10.91 -0.42 -21.85
C GLN C 394 -11.07 -0.17 -20.35
N GLY C 395 -10.28 -0.87 -19.54
CA GLY C 395 -10.34 -0.68 -18.10
C GLY C 395 -9.69 0.63 -17.71
N ALA C 396 -8.37 0.69 -17.83
CA ALA C 396 -7.60 1.89 -17.49
C ALA C 396 -6.54 2.21 -18.54
N VAL C 397 -6.34 3.50 -18.80
CA VAL C 397 -5.39 3.96 -19.81
C VAL C 397 -4.48 4.98 -19.17
N PHE C 398 -3.18 4.82 -19.35
CA PHE C 398 -2.18 5.71 -18.77
C PHE C 398 -1.29 6.24 -19.88
N ILE C 399 -1.25 7.57 -20.04
CA ILE C 399 -0.50 8.17 -21.13
C ILE C 399 0.44 9.28 -20.71
N ASP C 400 1.56 9.38 -21.43
CA ASP C 400 2.55 10.44 -21.21
C ASP C 400 3.10 10.43 -19.78
N SER C 401 3.52 11.57 -19.27
CA SER C 401 4.13 11.64 -17.94
C SER C 401 3.30 11.15 -16.74
N ASN C 402 3.79 10.11 -16.08
CA ASN C 402 3.14 9.55 -14.90
C ASN C 402 4.23 9.00 -13.98
N GLY C 403 5.39 9.66 -14.00
CA GLY C 403 6.54 9.22 -13.25
C GLY C 403 6.35 8.88 -11.79
N GLY C 404 6.71 7.67 -11.40
CA GLY C 404 6.58 7.26 -10.02
C GLY C 404 5.16 6.88 -9.59
N ALA C 405 4.20 6.97 -10.51
CA ALA C 405 2.81 6.61 -10.18
C ALA C 405 2.69 5.10 -9.97
N ALA C 406 1.84 4.70 -9.03
CA ALA C 406 1.64 3.28 -8.73
C ALA C 406 0.17 2.91 -8.73
N VAL C 407 -0.12 1.68 -9.13
CA VAL C 407 -1.46 1.13 -9.16
C VAL C 407 -1.28 -0.25 -8.50
N ASN C 408 -1.66 -0.33 -7.23
CA ASN C 408 -1.49 -1.53 -6.42
C ASN C 408 -2.78 -2.31 -6.17
N ASN C 409 -2.68 -3.62 -6.31
CA ASN C 409 -3.81 -4.51 -6.07
C ASN C 409 -5.08 -4.07 -6.77
N ALA C 410 -4.94 -3.62 -8.02
CA ALA C 410 -6.10 -3.21 -8.79
C ALA C 410 -6.88 -4.47 -9.16
N TYR C 411 -8.20 -4.36 -9.28
CA TYR C 411 -9.01 -5.52 -9.68
C TYR C 411 -9.79 -5.01 -10.89
N ILE C 412 -9.27 -5.26 -12.07
CA ILE C 412 -9.88 -4.76 -13.31
C ILE C 412 -10.47 -5.88 -14.14
N SER C 413 -11.77 -5.77 -14.46
CA SER C 413 -12.43 -6.83 -15.19
C SER C 413 -13.45 -6.34 -16.21
N ARG C 414 -13.52 -7.03 -17.34
CA ARG C 414 -14.57 -6.70 -18.29
C ARG C 414 -15.73 -7.46 -17.67
N LEU C 415 -16.95 -6.95 -17.84
CA LEU C 415 -18.10 -7.65 -17.28
C LEU C 415 -18.42 -8.80 -18.22
N GLY C 416 -17.72 -9.91 -18.01
CA GLY C 416 -17.84 -11.09 -18.85
C GLY C 416 -17.03 -10.85 -20.11
N ASN C 417 -16.74 -11.88 -20.88
CA ASN C 417 -15.97 -11.69 -22.10
C ASN C 417 -16.76 -11.93 -23.40
N THR C 418 -18.08 -12.00 -23.31
CA THR C 418 -18.94 -12.17 -24.48
C THR C 418 -18.76 -11.01 -25.45
N ASN C 419 -18.36 -11.31 -26.68
CA ASN C 419 -18.09 -10.28 -27.69
C ASN C 419 -16.94 -9.35 -27.29
N GLY C 420 -16.14 -9.76 -26.30
CA GLY C 420 -15.02 -8.96 -25.85
C GLY C 420 -14.04 -8.69 -26.99
N GLU C 421 -13.77 -9.74 -27.75
CA GLU C 421 -12.86 -9.70 -28.89
C GLU C 421 -13.26 -8.68 -29.99
N LEU C 422 -14.49 -8.16 -29.92
CA LEU C 422 -15.00 -7.22 -30.91
C LEU C 422 -14.91 -5.75 -30.48
N GLU C 423 -14.53 -5.51 -29.22
CA GLU C 423 -14.40 -4.13 -28.74
C GLU C 423 -13.24 -3.48 -29.45
N GLN C 424 -13.30 -2.16 -29.56
CA GLN C 424 -12.26 -1.39 -30.22
C GLN C 424 -11.70 -0.37 -29.24
N ALA C 425 -10.42 -0.52 -28.90
CA ALA C 425 -9.77 0.39 -27.98
C ALA C 425 -9.92 1.81 -28.48
N VAL C 426 -10.27 2.71 -27.57
CA VAL C 426 -10.50 4.12 -27.91
C VAL C 426 -9.23 4.97 -27.77
N TYR C 427 -8.52 4.83 -26.66
CA TYR C 427 -7.29 5.58 -26.44
C TYR C 427 -6.20 4.51 -26.47
N LYS C 428 -5.36 4.55 -27.50
CA LYS C 428 -4.36 3.51 -27.70
C LYS C 428 -3.19 4.04 -28.52
N PRO C 429 -2.01 3.41 -28.38
CA PRO C 429 -0.91 3.91 -29.21
C PRO C 429 -1.12 3.52 -30.68
N ALA C 430 -0.49 4.27 -31.58
CA ALA C 430 -0.59 4.02 -33.03
C ALA C 430 -0.22 2.57 -33.41
N GLY C 431 0.83 2.04 -32.79
CA GLY C 431 1.24 0.67 -33.05
C GLY C 431 0.22 -0.41 -32.65
N PHE C 432 -0.78 -0.07 -31.84
CA PHE C 432 -1.78 -1.07 -31.48
C PHE C 432 -2.98 -0.94 -32.41
N THR C 433 -3.07 -1.83 -33.40
CA THR C 433 -4.18 -1.76 -34.34
C THR C 433 -5.06 -3.00 -34.27
N GLU C 434 -4.82 -3.84 -33.26
CA GLU C 434 -5.63 -5.04 -33.10
C GLU C 434 -7.00 -4.72 -32.53
N VAL C 435 -7.96 -5.61 -32.78
CA VAL C 435 -9.31 -5.43 -32.26
C VAL C 435 -9.46 -6.34 -31.04
N GLY C 436 -10.08 -5.80 -29.98
CA GLY C 436 -10.32 -6.52 -28.75
C GLY C 436 -10.25 -5.55 -27.58
N ASP C 437 -10.94 -5.87 -26.50
CA ASP C 437 -10.93 -5.01 -25.31
C ASP C 437 -9.56 -5.10 -24.65
N VAL C 438 -9.19 -4.03 -23.95
CA VAL C 438 -7.91 -3.99 -23.27
C VAL C 438 -8.08 -3.56 -21.81
N ALA C 439 -7.70 -4.42 -20.86
CA ALA C 439 -7.87 -4.03 -19.46
C ALA C 439 -6.99 -2.82 -19.13
N VAL C 440 -5.69 -2.92 -19.45
CA VAL C 440 -4.77 -1.83 -19.15
C VAL C 440 -4.00 -1.42 -20.39
N THR C 441 -4.00 -0.11 -20.67
CA THR C 441 -3.30 0.44 -21.82
C THR C 441 -2.35 1.53 -21.38
N GLN C 442 -1.12 1.51 -21.88
CA GLN C 442 -0.11 2.50 -21.50
C GLN C 442 0.77 2.88 -22.67
N PHE C 443 1.05 4.16 -22.82
CA PHE C 443 1.90 4.62 -23.92
C PHE C 443 2.37 6.04 -23.76
N ALA C 444 3.13 6.50 -24.75
CA ALA C 444 3.72 7.85 -24.80
C ALA C 444 4.72 8.14 -23.68
N GLY C 445 5.42 7.13 -23.21
CA GLY C 445 6.41 7.35 -22.17
C GLY C 445 5.92 7.18 -20.74
N SER C 446 4.69 6.70 -20.57
CA SER C 446 4.14 6.46 -19.25
C SER C 446 4.77 5.19 -18.66
N GLU C 447 5.10 5.22 -17.38
CA GLU C 447 5.70 4.05 -16.72
C GLU C 447 5.12 3.84 -15.32
N VAL C 448 3.82 3.58 -15.27
CA VAL C 448 3.14 3.32 -14.03
C VAL C 448 3.56 1.95 -13.51
N LYS C 449 3.70 1.82 -12.19
CA LYS C 449 4.06 0.53 -11.62
C LYS C 449 2.81 -0.26 -11.28
N PHE C 450 2.67 -1.44 -11.89
CA PHE C 450 1.50 -2.29 -11.58
C PHE C 450 1.90 -3.39 -10.61
N ASN C 451 1.48 -3.24 -9.36
CA ASN C 451 1.80 -4.23 -8.34
C ASN C 451 0.59 -5.12 -8.02
N SER C 452 0.76 -6.43 -8.27
CA SER C 452 -0.29 -7.44 -8.02
C SER C 452 -1.66 -7.11 -8.57
N PRO C 453 -1.74 -6.76 -9.86
CA PRO C 453 -3.09 -6.47 -10.36
C PRO C 453 -3.88 -7.76 -10.58
N ILE C 454 -5.20 -7.67 -10.56
CA ILE C 454 -6.00 -8.85 -10.88
C ILE C 454 -6.73 -8.43 -12.13
N ILE C 455 -6.49 -9.13 -13.23
CA ILE C 455 -7.11 -8.79 -14.50
C ILE C 455 -7.98 -9.95 -14.92
N GLU C 456 -9.26 -9.69 -15.19
CA GLU C 456 -10.18 -10.75 -15.57
C GLU C 456 -10.98 -10.49 -16.84
N GLN C 457 -11.27 -11.55 -17.58
CA GLN C 457 -12.12 -11.52 -18.80
C GLN C 457 -11.69 -10.60 -19.93
N ALA C 458 -10.40 -10.30 -20.04
CA ALA C 458 -9.93 -9.41 -21.09
C ALA C 458 -9.35 -10.09 -22.35
N SER C 459 -9.54 -9.46 -23.51
CA SER C 459 -8.97 -9.97 -24.76
C SER C 459 -7.47 -9.71 -24.66
N PHE C 460 -7.13 -8.50 -24.23
CA PHE C 460 -5.75 -8.07 -24.01
C PHE C 460 -5.62 -7.59 -22.58
N ASP C 461 -4.80 -8.25 -21.77
CA ASP C 461 -4.62 -7.83 -20.40
C ASP C 461 -3.87 -6.51 -20.35
N PHE C 462 -2.79 -6.42 -21.12
CA PHE C 462 -1.98 -5.22 -21.15
C PHE C 462 -1.48 -4.88 -22.55
N VAL C 463 -1.66 -3.62 -22.93
CA VAL C 463 -1.12 -3.11 -24.18
C VAL C 463 -0.21 -1.99 -23.71
N HIS C 464 1.07 -2.07 -24.07
CA HIS C 464 2.03 -1.06 -23.62
C HIS C 464 2.98 -0.64 -24.74
N ALA C 465 3.13 0.66 -24.93
CA ALA C 465 4.06 1.14 -25.94
C ALA C 465 5.11 2.04 -25.29
N GLY C 466 6.38 1.87 -25.69
CA GLY C 466 7.41 2.74 -25.18
C GLY C 466 7.29 4.07 -25.92
N ARG C 467 7.98 5.09 -25.43
CA ARG C 467 7.95 6.38 -26.09
C ARG C 467 8.55 6.26 -27.50
N ASP C 468 7.80 6.73 -28.50
CA ASP C 468 8.20 6.66 -29.92
C ASP C 468 9.66 6.98 -30.22
N THR C 469 10.13 8.05 -29.61
CA THR C 469 11.48 8.57 -29.84
C THR C 469 12.66 7.71 -29.37
N ASP C 470 12.58 7.18 -28.15
CA ASP C 470 13.70 6.44 -27.59
C ASP C 470 13.36 5.17 -26.81
N SER C 471 12.11 4.69 -26.91
CA SER C 471 11.65 3.48 -26.21
C SER C 471 11.57 3.64 -24.68
N TYR C 472 11.53 4.88 -24.21
CA TYR C 472 11.43 5.17 -22.79
C TYR C 472 10.07 4.77 -22.22
N GLY C 473 10.09 4.22 -21.00
CA GLY C 473 8.88 3.81 -20.31
C GLY C 473 8.87 2.30 -20.11
N LEU C 474 9.39 1.86 -18.97
CA LEU C 474 9.46 0.44 -18.67
C LEU C 474 8.08 -0.13 -18.29
N PHE C 475 7.71 -1.24 -18.92
CA PHE C 475 6.44 -1.91 -18.60
C PHE C 475 6.72 -2.73 -17.35
N MET C 476 6.13 -2.34 -16.21
CA MET C 476 6.38 -3.04 -14.96
C MET C 476 5.16 -3.71 -14.37
N VAL C 477 5.12 -5.04 -14.42
CA VAL C 477 4.00 -5.76 -13.81
C VAL C 477 4.49 -6.86 -12.91
N ASP C 478 4.19 -6.73 -11.62
CA ASP C 478 4.64 -7.71 -10.62
C ASP C 478 3.50 -8.61 -10.11
N LYS C 479 3.59 -9.89 -10.47
CA LYS C 479 2.63 -10.90 -10.06
C LYS C 479 1.18 -10.63 -10.45
N PRO C 480 0.90 -10.54 -11.76
CA PRO C 480 -0.47 -10.29 -12.19
C PRO C 480 -1.34 -11.55 -12.05
N HIS C 481 -2.57 -11.39 -11.56
CA HIS C 481 -3.47 -12.54 -11.44
C HIS C 481 -4.39 -12.47 -12.65
N ILE C 482 -4.03 -13.18 -13.72
CA ILE C 482 -4.78 -13.14 -14.97
C ILE C 482 -5.65 -14.38 -15.20
N GLU C 483 -6.94 -14.14 -15.44
CA GLU C 483 -7.90 -15.23 -15.69
C GLU C 483 -8.95 -14.79 -16.69
N SER C 484 -9.58 -15.75 -17.35
CA SER C 484 -10.63 -15.46 -18.32
C SER C 484 -11.48 -16.72 -18.52
N SER C 485 -12.80 -16.56 -18.40
CA SER C 485 -13.70 -17.71 -18.55
C SER C 485 -13.62 -18.33 -19.94
N GLY C 486 -13.54 -19.66 -19.94
CA GLY C 486 -13.48 -20.43 -21.17
C GLY C 486 -12.16 -20.24 -21.91
N GLY C 487 -11.12 -19.83 -21.18
CA GLY C 487 -9.81 -19.60 -21.75
C GLY C 487 -9.80 -18.70 -22.98
N LYS C 488 -10.66 -17.68 -22.97
CA LYS C 488 -10.76 -16.76 -24.10
C LYS C 488 -9.81 -15.57 -23.92
N LYS C 489 -8.86 -15.44 -24.85
CA LYS C 489 -7.84 -14.38 -24.75
C LYS C 489 -7.01 -14.22 -26.04
N LYS C 490 -6.55 -13.00 -26.31
CA LYS C 490 -5.68 -12.77 -27.45
C LYS C 490 -4.21 -12.76 -26.98
N HIS C 491 -3.86 -11.85 -26.07
CA HIS C 491 -2.50 -11.74 -25.52
C HIS C 491 -2.58 -11.13 -24.12
N SER C 492 -1.59 -11.44 -23.28
CA SER C 492 -1.56 -10.88 -21.93
C SER C 492 -0.71 -9.61 -21.92
N PHE C 493 0.43 -9.67 -22.62
CA PHE C 493 1.33 -8.53 -22.70
C PHE C 493 1.63 -8.19 -24.16
N TYR C 494 0.94 -7.18 -24.68
CA TYR C 494 1.15 -6.73 -26.05
C TYR C 494 2.11 -5.55 -25.92
N LEU C 495 3.40 -5.82 -26.14
CA LEU C 495 4.46 -4.82 -25.95
C LEU C 495 5.06 -4.25 -27.23
N ILE C 496 4.96 -2.93 -27.38
CA ILE C 496 5.41 -2.23 -28.57
C ILE C 496 6.58 -1.30 -28.29
N ASN C 497 7.67 -1.50 -29.03
CA ASN C 497 8.86 -0.63 -28.92
C ASN C 497 9.19 -0.34 -27.46
N THR C 498 9.39 -1.40 -26.68
CA THR C 498 9.60 -1.22 -25.26
C THR C 498 10.38 -2.35 -24.59
N SER C 499 10.72 -2.11 -23.33
CA SER C 499 11.38 -3.05 -22.45
C SER C 499 10.37 -3.35 -21.35
N SER C 500 10.64 -4.39 -20.55
CA SER C 500 9.74 -4.72 -19.46
C SER C 500 10.39 -5.63 -18.42
N ASN C 501 9.85 -5.60 -17.21
CA ASN C 501 10.26 -6.50 -16.15
C ASN C 501 8.92 -7.02 -15.61
N VAL C 502 8.67 -8.30 -15.83
CA VAL C 502 7.43 -8.94 -15.38
C VAL C 502 7.76 -10.15 -14.53
N THR C 503 7.10 -10.29 -13.40
CA THR C 503 7.29 -11.44 -12.51
C THR C 503 5.97 -12.20 -12.49
N LEU C 504 6.00 -13.43 -12.99
CA LEU C 504 4.80 -14.27 -13.07
C LEU C 504 4.54 -14.99 -11.74
N SER C 505 3.28 -15.23 -11.44
CA SER C 505 2.91 -15.86 -10.16
C SER C 505 2.19 -17.21 -10.32
N GLY C 506 2.53 -17.93 -11.39
CA GLY C 506 1.94 -19.24 -11.64
C GLY C 506 0.47 -19.21 -12.02
N VAL C 507 -0.01 -18.04 -12.46
CA VAL C 507 -1.40 -17.83 -12.85
C VAL C 507 -1.42 -17.21 -14.25
N GLY C 508 -2.26 -17.72 -15.15
CA GLY C 508 -2.35 -17.18 -16.51
C GLY C 508 -2.77 -18.17 -17.59
N LEU C 509 -2.79 -17.72 -18.85
CA LEU C 509 -3.22 -18.58 -19.96
C LEU C 509 -2.95 -17.92 -21.32
N SER C 510 -3.10 -18.70 -22.38
CA SER C 510 -3.04 -18.16 -23.74
C SER C 510 -4.37 -18.61 -24.35
N GLY C 511 -4.87 -17.86 -25.33
CA GLY C 511 -6.15 -18.15 -25.96
C GLY C 511 -6.36 -19.41 -26.78
N GLN C 512 -7.59 -19.61 -27.23
CA GLN C 512 -7.99 -20.79 -28.01
C GLN C 512 -7.51 -20.87 -29.46
N ASP C 513 -7.02 -19.77 -30.03
CA ASP C 513 -6.50 -19.81 -31.39
C ASP C 513 -5.10 -20.45 -31.30
N PRO C 514 -4.89 -21.60 -31.98
CA PRO C 514 -3.61 -22.32 -31.94
C PRO C 514 -2.47 -21.64 -32.66
N ASP C 515 -2.78 -20.60 -33.42
CA ASP C 515 -1.74 -19.91 -34.17
C ASP C 515 -1.41 -18.50 -33.69
N LEU C 516 -2.46 -17.70 -33.44
CA LEU C 516 -2.26 -16.30 -33.08
C LEU C 516 -2.14 -15.92 -31.61
N ASP C 517 -2.79 -16.66 -30.73
CA ASP C 517 -2.78 -16.30 -29.30
C ASP C 517 -1.49 -16.68 -28.56
N SER C 518 -0.98 -15.75 -27.77
CA SER C 518 0.26 -16.00 -27.02
C SER C 518 0.30 -15.10 -25.80
N MET C 519 0.99 -15.55 -24.75
CA MET C 519 1.12 -14.75 -23.54
C MET C 519 1.69 -13.35 -23.88
N TYR C 520 2.79 -13.33 -24.63
CA TYR C 520 3.43 -12.09 -25.06
C TYR C 520 3.33 -11.87 -26.56
N PHE C 521 3.25 -10.62 -26.97
CA PHE C 521 3.38 -10.28 -28.38
C PHE C 521 4.35 -9.13 -28.36
N LEU C 522 5.53 -9.30 -28.95
CA LEU C 522 6.56 -8.26 -28.97
C LEU C 522 6.60 -7.56 -30.35
N LYS C 523 6.08 -6.34 -30.39
CA LYS C 523 5.99 -5.58 -31.63
C LYS C 523 7.05 -4.52 -31.78
N ASN C 524 7.97 -4.76 -32.71
CA ASN C 524 9.04 -3.83 -33.01
C ASN C 524 9.83 -3.33 -31.81
N CYS C 525 10.19 -4.24 -30.90
CA CYS C 525 11.02 -3.83 -29.75
C CYS C 525 12.44 -3.65 -30.30
N PRO C 526 13.12 -2.59 -29.86
CA PRO C 526 14.45 -2.37 -30.44
C PRO C 526 15.53 -3.32 -29.95
N GLU C 527 16.68 -3.29 -30.60
CA GLU C 527 17.79 -4.15 -30.27
C GLU C 527 18.25 -4.00 -28.81
N THR C 528 18.21 -2.78 -28.31
CA THR C 528 18.65 -2.50 -26.96
C THR C 528 17.61 -2.86 -25.89
N ALA C 529 16.39 -3.19 -26.30
CA ALA C 529 15.34 -3.51 -25.32
C ALA C 529 15.42 -4.94 -24.78
N ARG C 530 14.94 -5.14 -23.56
CA ARG C 530 14.90 -6.45 -22.94
C ARG C 530 13.54 -6.60 -22.27
N ASN C 531 12.86 -7.70 -22.56
CA ASN C 531 11.57 -7.99 -21.97
C ASN C 531 11.80 -9.22 -21.10
N VAL C 532 12.09 -8.95 -19.83
CA VAL C 532 12.46 -9.98 -18.86
C VAL C 532 11.32 -10.66 -18.11
N VAL C 533 11.35 -11.99 -18.08
CA VAL C 533 10.35 -12.79 -17.41
C VAL C 533 10.91 -13.61 -16.24
N ARG C 534 10.41 -13.33 -15.03
CA ARG C 534 10.80 -14.08 -13.84
C ARG C 534 9.54 -14.74 -13.30
N GLY C 535 9.70 -15.59 -12.29
CA GLY C 535 8.57 -16.24 -11.65
C GLY C 535 8.11 -17.56 -12.22
N GLN C 536 6.90 -17.94 -11.85
CA GLN C 536 6.35 -19.22 -12.31
C GLN C 536 5.36 -19.14 -13.48
N MET C 537 5.58 -19.96 -14.49
CA MET C 537 4.70 -20.02 -15.64
C MET C 537 3.37 -20.64 -15.17
N PRO C 538 2.27 -20.39 -15.90
CA PRO C 538 1.00 -21.01 -15.50
C PRO C 538 1.12 -22.55 -15.45
N ILE C 539 0.27 -23.22 -14.68
CA ILE C 539 0.32 -24.69 -14.62
C ILE C 539 -0.09 -25.32 -15.96
N SER C 540 -1.17 -24.84 -16.56
CA SER C 540 -1.62 -25.35 -17.85
C SER C 540 -0.74 -24.83 -18.96
N GLY C 541 -0.61 -25.60 -20.03
CA GLY C 541 0.23 -25.21 -21.15
C GLY C 541 -0.24 -23.94 -21.83
N VAL C 542 0.72 -23.10 -22.23
CA VAL C 542 0.39 -21.85 -22.91
C VAL C 542 1.39 -21.61 -24.05
N LYS C 543 1.03 -20.72 -24.98
CA LYS C 543 1.99 -20.37 -26.00
C LYS C 543 2.62 -19.11 -25.41
N LEU C 544 3.94 -19.15 -25.24
CA LEU C 544 4.65 -18.03 -24.62
C LEU C 544 4.80 -16.74 -25.41
N VAL C 545 5.29 -16.80 -26.65
CA VAL C 545 5.58 -15.54 -27.34
C VAL C 545 5.47 -15.55 -28.87
N ARG C 546 5.05 -14.41 -29.39
CA ARG C 546 4.98 -14.19 -30.84
C ARG C 546 5.48 -12.76 -30.98
N GLY C 547 5.81 -12.32 -32.20
CA GLY C 547 6.26 -10.95 -32.40
C GLY C 547 6.48 -10.51 -33.84
N THR C 548 6.87 -9.25 -33.99
CA THR C 548 7.19 -8.66 -35.29
C THR C 548 8.41 -7.80 -35.06
N GLY C 549 9.31 -7.76 -36.03
CA GLY C 549 10.52 -6.97 -35.90
C GLY C 549 11.74 -7.85 -36.02
N ASN C 550 12.89 -7.21 -36.21
CA ASN C 550 14.15 -7.90 -36.44
C ASN C 550 15.00 -8.26 -35.23
N TYR C 551 14.57 -7.91 -34.01
CA TYR C 551 15.40 -8.21 -32.84
C TYR C 551 14.70 -8.95 -31.70
N PRO C 552 15.35 -10.00 -31.20
CA PRO C 552 14.85 -10.75 -30.04
C PRO C 552 15.07 -9.92 -28.79
N THR C 553 14.11 -9.91 -27.87
CA THR C 553 14.27 -9.14 -26.66
C THR C 553 13.77 -9.89 -25.43
N LEU C 554 13.12 -11.05 -25.63
CA LEU C 554 12.62 -11.78 -24.47
C LEU C 554 13.75 -12.46 -23.70
N VAL C 555 13.70 -12.36 -22.38
CA VAL C 555 14.71 -12.97 -21.51
C VAL C 555 14.05 -13.83 -20.45
N LEU C 556 14.49 -15.08 -20.35
CA LEU C 556 13.96 -15.97 -19.33
C LEU C 556 14.95 -15.92 -18.17
N ASP C 557 14.60 -15.13 -17.15
CA ASP C 557 15.44 -14.97 -15.98
C ASP C 557 15.06 -15.97 -14.88
N CYS C 558 15.64 -17.16 -14.93
CA CYS C 558 15.36 -18.22 -13.95
C CYS C 558 13.89 -18.52 -13.87
N THR C 559 13.21 -18.38 -15.00
CA THR C 559 11.79 -18.65 -15.04
C THR C 559 11.47 -20.11 -14.68
N ASN C 560 10.50 -20.28 -13.78
CA ASN C 560 10.07 -21.61 -13.41
C ASN C 560 9.12 -22.02 -14.53
N MET C 561 9.59 -22.90 -15.41
CA MET C 561 8.81 -23.32 -16.57
C MET C 561 7.78 -24.42 -16.31
N GLY C 562 7.84 -25.02 -15.12
CA GLY C 562 6.91 -26.09 -14.78
C GLY C 562 6.94 -27.20 -15.80
N SER C 563 5.79 -27.49 -16.38
CA SER C 563 5.68 -28.55 -17.37
C SER C 563 5.45 -27.98 -18.75
N GLN C 564 5.80 -26.71 -18.97
CA GLN C 564 5.57 -26.06 -20.27
C GLN C 564 6.28 -26.70 -21.46
N PHE C 565 7.46 -27.28 -21.26
CA PHE C 565 8.17 -27.92 -22.38
C PHE C 565 7.32 -29.06 -22.93
N GLN C 566 6.64 -29.75 -22.02
CA GLN C 566 5.81 -30.90 -22.33
C GLN C 566 4.40 -30.58 -22.79
N PHE C 567 3.76 -29.59 -22.17
CA PHE C 567 2.38 -29.25 -22.53
C PHE C 567 2.16 -27.88 -23.17
N GLY C 568 3.13 -26.98 -23.05
CA GLY C 568 2.99 -25.66 -23.66
C GLY C 568 3.73 -25.50 -24.98
N GLU C 569 3.93 -24.26 -25.39
CA GLU C 569 4.63 -23.95 -26.64
C GLU C 569 5.43 -22.68 -26.45
N VAL C 570 6.53 -22.55 -27.18
CA VAL C 570 7.27 -21.31 -27.10
C VAL C 570 6.54 -20.29 -27.99
N GLY C 571 6.03 -20.77 -29.12
CA GLY C 571 5.41 -19.91 -30.10
C GLY C 571 6.50 -19.60 -31.12
N ASP C 572 7.07 -18.41 -31.06
CA ASP C 572 8.13 -18.04 -32.00
C ASP C 572 9.48 -17.88 -31.28
N ILE C 573 10.32 -18.91 -31.35
CA ILE C 573 11.64 -18.93 -30.71
C ILE C 573 12.54 -17.74 -31.09
N PHE C 574 12.27 -17.13 -32.22
CA PHE C 574 13.09 -16.02 -32.68
C PHE C 574 13.17 -14.83 -31.70
N TYR C 575 12.08 -14.57 -30.99
CA TYR C 575 12.03 -13.42 -30.11
C TYR C 575 12.69 -13.57 -28.74
N ILE C 576 13.21 -14.77 -28.44
CA ILE C 576 13.91 -14.99 -27.17
C ILE C 576 15.38 -14.57 -27.32
N LYS C 577 15.77 -13.55 -26.56
CA LYS C 577 17.13 -13.03 -26.56
C LYS C 577 18.08 -13.94 -25.78
N ASP C 578 17.73 -14.26 -24.53
CA ASP C 578 18.55 -15.17 -23.75
C ASP C 578 17.77 -15.85 -22.63
N VAL C 579 18.43 -16.83 -22.03
CA VAL C 579 17.85 -17.65 -20.99
C VAL C 579 18.88 -17.86 -19.87
N VAL C 580 18.45 -17.69 -18.62
CA VAL C 580 19.32 -17.87 -17.48
C VAL C 580 18.67 -18.90 -16.55
N GLY C 581 19.44 -19.87 -16.09
CA GLY C 581 18.96 -20.87 -15.14
C GLY C 581 17.80 -21.75 -15.57
N VAL C 582 17.72 -22.04 -16.87
CA VAL C 582 16.69 -22.94 -17.39
C VAL C 582 17.40 -23.84 -18.37
N LYS C 583 17.38 -25.14 -18.11
CA LYS C 583 18.08 -26.09 -18.98
C LYS C 583 17.23 -27.27 -19.42
N ALA C 584 17.72 -27.97 -20.44
CA ALA C 584 17.10 -29.18 -20.95
C ALA C 584 18.21 -29.98 -21.61
N ASP C 585 18.18 -31.30 -21.47
CA ASP C 585 19.22 -32.16 -22.02
C ASP C 585 19.14 -32.35 -23.54
N THR C 586 17.94 -32.59 -24.04
CA THR C 586 17.74 -32.93 -25.44
C THR C 586 16.72 -32.08 -26.18
N LEU C 587 17.00 -31.86 -27.45
CA LEU C 587 16.13 -31.15 -28.36
C LEU C 587 15.65 -32.20 -29.36
N TYR C 588 14.33 -32.37 -29.47
CA TYR C 588 13.76 -33.39 -30.35
C TYR C 588 13.22 -32.79 -31.63
N ILE C 589 13.50 -33.45 -32.76
CA ILE C 589 13.03 -33.02 -34.07
C ILE C 589 12.28 -34.12 -34.82
N ASP C 590 11.23 -33.73 -35.53
CA ASP C 590 10.47 -34.64 -36.40
C ASP C 590 10.04 -33.78 -37.57
N PRO C 591 10.73 -33.93 -38.72
CA PRO C 591 10.51 -33.12 -39.94
C PRO C 591 9.12 -33.16 -40.52
N VAL C 592 8.32 -34.14 -40.13
CA VAL C 592 6.96 -34.25 -40.66
C VAL C 592 5.90 -33.96 -39.60
N ASN C 593 6.00 -34.63 -38.46
CA ASN C 593 5.01 -34.49 -37.38
C ASN C 593 5.37 -33.54 -36.24
N GLY C 594 6.50 -32.86 -36.34
CA GLY C 594 6.89 -31.92 -35.30
C GLY C 594 6.14 -30.62 -35.54
N ASN C 595 6.17 -29.73 -34.56
CA ASN C 595 5.48 -28.45 -34.67
C ASN C 595 6.48 -27.39 -34.21
N ASN C 596 6.76 -26.42 -35.06
CA ASN C 596 7.73 -25.39 -34.72
C ASN C 596 7.32 -24.52 -33.55
N TYR C 597 6.02 -24.51 -33.26
CA TYR C 597 5.52 -23.75 -32.12
C TYR C 597 6.05 -24.36 -30.82
N ASN C 598 6.31 -25.67 -30.83
CA ASN C 598 6.78 -26.35 -29.61
C ASN C 598 8.14 -25.90 -29.12
N TRP C 599 8.43 -26.15 -27.85
CA TRP C 599 9.74 -25.81 -27.29
C TRP C 599 10.75 -26.73 -27.96
N GLY C 600 10.43 -28.02 -28.02
CA GLY C 600 11.27 -29.03 -28.65
C GLY C 600 12.11 -29.81 -27.66
N THR C 601 12.11 -29.35 -26.41
CA THR C 601 12.93 -29.97 -25.36
C THR C 601 12.30 -31.15 -24.62
N ASN C 602 11.05 -31.48 -24.97
CA ASN C 602 10.39 -32.65 -24.41
C ASN C 602 10.04 -33.59 -25.57
N GLY C 603 10.38 -34.87 -25.42
CA GLY C 603 10.15 -35.86 -26.46
C GLY C 603 8.76 -35.98 -27.05
N THR C 604 7.73 -35.70 -26.26
CA THR C 604 6.36 -35.79 -26.76
C THR C 604 6.02 -34.61 -27.65
N LYS C 605 6.82 -33.56 -27.59
CA LYS C 605 6.54 -32.36 -28.39
C LYS C 605 7.79 -31.85 -29.11
N PRO C 606 8.19 -32.54 -30.18
CA PRO C 606 9.38 -32.12 -30.92
C PRO C 606 9.09 -30.97 -31.85
N ILE C 607 10.13 -30.29 -32.31
CA ILE C 607 9.93 -29.21 -33.27
C ILE C 607 10.04 -29.83 -34.65
N ARG C 608 9.96 -29.02 -35.69
CA ARG C 608 9.95 -29.54 -37.05
C ARG C 608 11.15 -29.22 -37.98
N GLU C 609 11.58 -27.96 -37.99
CA GLU C 609 12.67 -27.48 -38.85
C GLU C 609 14.03 -27.43 -38.12
N LEU C 610 15.11 -27.29 -38.88
CA LEU C 610 16.46 -27.25 -38.31
C LEU C 610 16.95 -25.81 -38.12
N THR C 611 16.22 -24.87 -38.72
CA THR C 611 16.57 -23.43 -38.70
C THR C 611 17.17 -22.89 -37.40
N ASN C 612 16.53 -23.18 -36.27
CA ASN C 612 16.97 -22.64 -34.99
C ASN C 612 17.54 -23.65 -34.01
N ILE C 613 18.00 -24.81 -34.47
CA ILE C 613 18.49 -25.80 -33.50
C ILE C 613 19.75 -25.35 -32.75
N ALA C 614 20.63 -24.61 -33.43
CA ALA C 614 21.84 -24.11 -32.77
C ALA C 614 21.44 -23.14 -31.64
N LYS C 615 20.57 -22.18 -31.97
CA LYS C 615 20.09 -21.20 -31.00
C LYS C 615 19.42 -21.87 -29.80
N ILE C 616 18.50 -22.79 -30.07
CA ILE C 616 17.82 -23.49 -28.99
C ILE C 616 18.81 -24.24 -28.08
N CYS C 617 19.71 -25.01 -28.67
CA CYS C 617 20.68 -25.75 -27.85
C CYS C 617 21.53 -24.80 -27.02
N GLN C 618 21.88 -23.65 -27.59
CA GLN C 618 22.67 -22.64 -26.88
C GLN C 618 21.90 -22.05 -25.71
N LEU C 619 20.63 -21.73 -25.93
CA LEU C 619 19.80 -21.14 -24.88
C LEU C 619 19.58 -22.10 -23.72
N PHE C 620 19.27 -23.35 -24.04
CA PHE C 620 18.96 -24.34 -23.00
C PHE C 620 20.05 -25.33 -22.64
N ARG C 621 21.26 -25.09 -23.13
CA ARG C 621 22.43 -25.94 -22.85
C ARG C 621 22.20 -27.43 -23.16
N CYS C 622 21.48 -27.71 -24.25
CA CYS C 622 21.22 -29.10 -24.61
C CYS C 622 22.53 -29.86 -24.91
N LYS C 623 22.57 -31.13 -24.51
CA LYS C 623 23.72 -32.01 -24.71
C LYS C 623 23.55 -32.83 -25.98
N SER C 624 22.30 -33.01 -26.42
CA SER C 624 22.04 -33.78 -27.62
C SER C 624 20.79 -33.37 -28.40
N VAL C 625 20.76 -33.80 -29.66
CA VAL C 625 19.62 -33.55 -30.53
C VAL C 625 19.12 -34.93 -30.95
N TYR C 626 17.81 -35.13 -30.90
CA TYR C 626 17.25 -36.41 -31.29
C TYR C 626 16.46 -36.24 -32.56
N LEU C 627 16.92 -36.90 -33.62
CA LEU C 627 16.26 -36.81 -34.91
C LEU C 627 15.34 -37.99 -35.11
N ASN C 628 14.04 -37.76 -35.04
CA ASN C 628 13.08 -38.83 -35.27
C ASN C 628 13.20 -39.23 -36.75
N ALA C 629 12.68 -40.39 -37.11
CA ALA C 629 12.72 -40.88 -38.49
C ALA C 629 12.27 -39.81 -39.47
N GLY C 630 12.93 -39.76 -40.63
CA GLY C 630 12.61 -38.79 -41.65
C GLY C 630 13.83 -37.96 -42.01
N GLU C 631 13.72 -37.23 -43.11
CA GLU C 631 14.84 -36.41 -43.55
C GLU C 631 14.72 -34.98 -43.04
N SER C 632 15.67 -34.56 -42.21
CA SER C 632 15.68 -33.17 -41.74
C SER C 632 16.55 -32.43 -42.73
N VAL C 633 15.96 -31.48 -43.44
CA VAL C 633 16.67 -30.76 -44.48
C VAL C 633 16.85 -29.26 -44.28
N ILE C 634 17.85 -28.71 -44.97
CA ILE C 634 18.09 -27.29 -44.99
C ILE C 634 18.23 -26.92 -46.47
N THR C 635 17.89 -25.68 -46.80
CA THR C 635 18.03 -25.20 -48.17
C THR C 635 18.85 -23.92 -48.17
N SER C 636 19.32 -23.54 -46.98
CA SER C 636 20.17 -22.36 -46.74
C SER C 636 21.21 -22.78 -45.74
N ASN C 637 22.37 -22.13 -45.73
CA ASN C 637 23.43 -22.48 -44.77
C ASN C 637 22.90 -22.36 -43.35
N THR C 638 22.99 -23.43 -42.58
CA THR C 638 22.43 -23.45 -41.22
C THR C 638 23.41 -23.99 -40.19
N GLU C 639 23.53 -23.28 -39.07
CA GLU C 639 24.44 -23.71 -38.02
C GLU C 639 23.96 -24.95 -37.26
N LEU C 640 24.92 -25.84 -36.97
CA LEU C 640 24.65 -27.05 -36.18
C LEU C 640 25.33 -26.86 -34.83
N PRO C 641 24.60 -27.10 -33.73
CA PRO C 641 25.25 -26.97 -32.43
C PRO C 641 26.24 -28.12 -32.25
N MET C 642 27.28 -27.88 -31.47
CA MET C 642 28.30 -28.91 -31.23
C MET C 642 27.82 -29.85 -30.13
N VAL C 643 26.92 -30.76 -30.50
CA VAL C 643 26.37 -31.71 -29.56
C VAL C 643 26.30 -33.09 -30.19
N VAL C 644 25.77 -34.05 -29.45
CA VAL C 644 25.58 -35.39 -29.97
C VAL C 644 24.21 -35.47 -30.68
N PHE C 645 24.21 -35.91 -31.93
CA PHE C 645 22.97 -36.08 -32.67
C PHE C 645 22.70 -37.58 -32.71
N GLU C 646 21.46 -37.97 -32.41
CA GLU C 646 21.08 -39.38 -32.42
C GLU C 646 19.72 -39.59 -33.02
N GLY C 647 19.30 -40.85 -33.11
CA GLY C 647 18.01 -41.19 -33.67
C GLY C 647 18.09 -41.71 -35.10
N PRO C 648 16.99 -42.28 -35.58
CA PRO C 648 16.92 -42.86 -36.93
C PRO C 648 16.81 -41.82 -38.06
N GLY C 649 16.67 -40.55 -37.72
CA GLY C 649 16.57 -39.54 -38.75
C GLY C 649 17.86 -39.35 -39.54
N SER C 650 17.78 -38.56 -40.62
CA SER C 650 18.94 -38.26 -41.44
C SER C 650 19.03 -36.74 -41.64
N LEU C 651 20.18 -36.28 -42.10
CA LEU C 651 20.40 -34.86 -42.32
C LEU C 651 20.68 -34.62 -43.78
N LYS C 652 20.06 -33.61 -44.36
CA LYS C 652 20.30 -33.31 -45.77
C LYS C 652 20.44 -31.83 -46.02
N ALA C 653 21.49 -31.47 -46.76
CA ALA C 653 21.72 -30.08 -47.13
C ALA C 653 21.34 -29.95 -48.61
N ASN C 654 20.29 -29.17 -48.89
CA ASN C 654 19.80 -28.98 -50.25
C ASN C 654 20.06 -27.59 -50.78
N SER C 655 19.80 -27.41 -52.09
CA SER C 655 20.01 -26.14 -52.78
C SER C 655 21.46 -25.68 -52.72
N GLY C 656 22.38 -26.64 -52.66
CA GLY C 656 23.80 -26.31 -52.61
C GLY C 656 24.25 -25.70 -51.29
N SER C 657 23.41 -25.81 -50.28
CA SER C 657 23.71 -25.26 -48.96
C SER C 657 24.69 -26.10 -48.18
N SER C 658 25.17 -25.55 -47.07
CA SER C 658 26.12 -26.24 -46.18
C SER C 658 25.70 -26.14 -44.74
N PHE C 659 26.12 -27.10 -43.93
CA PHE C 659 25.86 -27.04 -42.50
C PHE C 659 27.01 -26.23 -41.93
N LEU C 660 26.70 -25.33 -40.99
CA LEU C 660 27.74 -24.47 -40.42
C LEU C 660 28.24 -24.84 -39.03
N ILE C 661 29.55 -24.70 -38.85
CA ILE C 661 30.18 -24.93 -37.57
C ILE C 661 30.83 -23.60 -37.18
N LYS C 662 30.25 -22.99 -36.14
CA LYS C 662 30.68 -21.67 -35.68
C LYS C 662 31.27 -21.63 -34.28
N ALA C 663 31.33 -22.78 -33.61
CA ALA C 663 31.89 -22.84 -32.28
C ALA C 663 32.76 -24.07 -32.14
N GLY C 664 33.70 -24.02 -31.19
CA GLY C 664 34.55 -25.16 -30.94
C GLY C 664 33.77 -26.20 -30.16
N GLY C 665 34.35 -27.39 -30.03
CA GLY C 665 33.68 -28.44 -29.30
C GLY C 665 33.68 -29.65 -30.19
N THR C 666 32.72 -30.54 -29.97
CA THR C 666 32.61 -31.77 -30.76
C THR C 666 31.21 -31.95 -31.29
N LEU C 667 31.12 -32.15 -32.61
CA LEU C 667 29.84 -32.45 -33.25
C LEU C 667 29.88 -33.95 -33.51
N SER C 668 28.92 -34.69 -32.96
CA SER C 668 28.86 -36.15 -33.16
C SER C 668 27.55 -36.56 -33.81
N LEU C 669 27.63 -37.39 -34.85
CA LEU C 669 26.45 -37.92 -35.53
C LEU C 669 26.55 -39.40 -35.23
N ILE C 670 25.70 -39.89 -34.33
CA ILE C 670 25.77 -41.26 -33.90
C ILE C 670 24.55 -42.11 -34.25
N GLY C 671 24.70 -42.96 -35.26
CA GLY C 671 23.66 -43.86 -35.66
C GLY C 671 22.56 -43.30 -36.53
N LEU C 672 22.75 -42.08 -37.04
CA LEU C 672 21.74 -41.49 -37.91
C LEU C 672 21.64 -42.32 -39.19
N SER C 673 20.59 -42.10 -39.97
CA SER C 673 20.44 -42.82 -41.21
C SER C 673 21.34 -42.21 -42.27
N GLY C 674 22.13 -41.22 -41.86
CA GLY C 674 23.05 -40.57 -42.77
C GLY C 674 22.96 -39.06 -42.83
N ILE C 675 23.98 -38.46 -43.44
CA ILE C 675 24.03 -37.02 -43.66
C ILE C 675 24.61 -36.88 -45.05
N SER C 676 24.04 -35.99 -45.85
CA SER C 676 24.57 -35.82 -47.20
C SER C 676 24.18 -34.45 -47.71
N THR C 677 24.71 -34.09 -48.88
CA THR C 677 24.38 -32.80 -49.49
C THR C 677 24.06 -33.02 -50.96
N ASP C 678 23.36 -32.06 -51.57
CA ASP C 678 23.10 -32.17 -52.99
C ASP C 678 24.19 -31.41 -53.78
N GLY C 679 25.35 -31.18 -53.18
CA GLY C 679 26.42 -30.53 -53.92
C GLY C 679 27.26 -29.49 -53.20
N GLY C 680 26.80 -29.04 -52.03
CA GLY C 680 27.56 -28.07 -51.28
C GLY C 680 28.48 -28.79 -50.33
N HIS C 681 29.53 -28.12 -49.85
CA HIS C 681 30.46 -28.70 -48.89
C HIS C 681 29.62 -29.05 -47.67
N MET C 682 29.89 -30.18 -47.04
CA MET C 682 29.08 -30.62 -45.92
C MET C 682 29.12 -29.71 -44.69
N PHE C 683 30.31 -29.57 -44.10
CA PHE C 683 30.49 -28.71 -42.93
C PHE C 683 31.42 -27.54 -43.23
N ARG C 684 30.91 -26.31 -43.09
CA ARG C 684 31.75 -25.13 -43.28
C ARG C 684 32.10 -24.58 -41.90
N VAL C 685 33.40 -24.65 -41.58
CA VAL C 685 33.91 -24.19 -40.30
C VAL C 685 34.39 -22.75 -40.36
N SER C 686 33.85 -21.91 -39.48
CA SER C 686 34.23 -20.52 -39.48
C SER C 686 34.78 -20.10 -38.11
N THR C 687 35.16 -21.08 -37.29
CA THR C 687 35.75 -20.78 -36.00
C THR C 687 37.21 -21.28 -36.00
N VAL C 688 38.10 -20.55 -35.34
CA VAL C 688 39.51 -20.93 -35.24
C VAL C 688 39.74 -21.80 -34.01
N GLU C 689 38.68 -22.04 -33.25
CA GLU C 689 38.81 -22.89 -32.07
C GLU C 689 38.85 -24.34 -32.51
N LYS C 690 39.37 -25.19 -31.64
CA LYS C 690 39.47 -26.62 -31.91
C LYS C 690 38.09 -27.20 -32.21
N VAL C 691 37.98 -27.80 -33.40
CA VAL C 691 36.74 -28.43 -33.82
C VAL C 691 36.95 -29.92 -34.05
N ASN C 692 36.09 -30.74 -33.44
CA ASN C 692 36.12 -32.18 -33.61
C ASN C 692 34.81 -32.57 -34.30
N ILE C 693 34.93 -33.35 -35.36
CA ILE C 693 33.76 -33.81 -36.09
C ILE C 693 33.83 -35.34 -36.02
N HIS C 694 32.80 -35.93 -35.40
CA HIS C 694 32.74 -37.35 -35.17
C HIS C 694 31.51 -37.89 -35.85
N THR C 695 31.73 -38.57 -36.98
CA THR C 695 30.63 -39.14 -37.74
C THR C 695 30.60 -40.65 -37.71
N ASN C 696 29.63 -41.17 -36.96
CA ASN C 696 29.40 -42.59 -36.81
C ASN C 696 28.08 -42.90 -37.51
N CYS C 697 28.04 -42.60 -38.82
CA CYS C 697 26.88 -42.80 -39.67
C CYS C 697 27.35 -42.65 -41.12
N SER C 698 26.45 -42.91 -42.05
CA SER C 698 26.79 -42.78 -43.46
C SER C 698 26.97 -41.30 -43.78
N VAL C 699 28.02 -40.99 -44.54
CA VAL C 699 28.34 -39.63 -44.91
C VAL C 699 28.62 -39.54 -46.40
N ASN C 700 27.92 -38.63 -47.08
CA ASN C 700 28.10 -38.46 -48.52
C ASN C 700 28.11 -36.99 -48.94
N ALA C 701 29.30 -36.47 -49.21
CA ALA C 701 29.46 -35.08 -49.65
C ALA C 701 29.55 -35.02 -51.18
N GLY C 702 29.40 -36.16 -51.85
CA GLY C 702 29.47 -36.19 -53.30
C GLY C 702 30.83 -35.78 -53.82
N ALA C 703 30.85 -34.80 -54.73
CA ALA C 703 32.10 -34.33 -55.31
C ALA C 703 32.69 -33.21 -54.44
N ALA C 704 32.00 -32.92 -53.34
CA ALA C 704 32.43 -31.86 -52.43
C ALA C 704 33.20 -32.45 -51.25
N TYR C 705 33.58 -31.60 -50.31
CA TYR C 705 34.34 -32.03 -49.13
C TYR C 705 33.46 -32.26 -47.91
N VAL C 706 33.89 -33.16 -47.02
CA VAL C 706 33.14 -33.34 -45.78
C VAL C 706 33.28 -32.04 -44.98
N VAL C 707 34.50 -31.51 -44.91
CA VAL C 707 34.77 -30.28 -44.16
C VAL C 707 35.53 -29.21 -44.95
N LEU C 708 35.06 -27.97 -44.87
CA LEU C 708 35.74 -26.85 -45.52
C LEU C 708 35.97 -25.77 -44.46
N SER C 709 37.24 -25.47 -44.19
CA SER C 709 37.55 -24.43 -43.22
C SER C 709 37.58 -23.08 -43.92
N GLU C 710 36.82 -22.10 -43.42
CA GLU C 710 36.76 -20.76 -43.98
C GLU C 710 37.71 -19.84 -43.23
N VAL C 711 38.39 -20.39 -42.22
CA VAL C 711 39.37 -19.64 -41.44
C VAL C 711 40.66 -20.49 -41.33
N GLN C 712 41.63 -20.04 -40.53
CA GLN C 712 42.84 -20.85 -40.33
C GLN C 712 42.41 -21.76 -39.19
N GLY C 713 41.87 -22.92 -39.56
CA GLY C 713 41.30 -23.83 -38.61
C GLY C 713 42.19 -24.80 -37.87
N ASN C 714 41.55 -25.54 -36.98
CA ASN C 714 42.20 -26.53 -36.14
C ASN C 714 41.13 -27.58 -35.97
N ILE C 715 41.17 -28.58 -36.84
CA ILE C 715 40.14 -29.57 -36.91
C ILE C 715 40.57 -31.03 -36.73
N GLU C 716 39.73 -31.83 -36.08
CA GLU C 716 40.01 -33.25 -35.96
C GLU C 716 38.76 -33.95 -36.45
N TYR C 717 38.89 -34.76 -37.50
CA TYR C 717 37.74 -35.45 -38.06
C TYR C 717 37.90 -36.95 -37.90
N ARG C 718 36.83 -37.62 -37.47
CA ARG C 718 36.90 -39.06 -37.31
C ARG C 718 35.63 -39.73 -37.84
N GLN C 719 35.82 -40.60 -38.82
CA GLN C 719 34.74 -41.36 -39.42
C GLN C 719 34.80 -42.76 -38.87
N LEU C 720 33.72 -43.19 -38.22
CA LEU C 720 33.70 -44.51 -37.63
C LEU C 720 32.69 -45.43 -38.27
N PHE C 721 33.23 -46.42 -38.99
CA PHE C 721 32.45 -47.43 -39.67
C PHE C 721 31.51 -46.81 -40.69
N TYR C 722 30.40 -47.49 -40.95
CA TYR C 722 29.44 -47.06 -41.97
C TYR C 722 30.19 -46.75 -43.26
N SER C 723 29.95 -45.59 -43.85
CA SER C 723 30.61 -45.25 -45.10
C SER C 723 30.83 -43.74 -45.30
N VAL C 724 31.84 -43.39 -46.09
CA VAL C 724 32.10 -41.99 -46.37
C VAL C 724 32.45 -41.74 -47.84
N ASN C 725 31.86 -40.70 -48.41
CA ASN C 725 32.14 -40.34 -49.79
C ASN C 725 32.37 -38.84 -49.87
N CYS C 726 33.35 -38.44 -50.68
CA CYS C 726 33.73 -37.04 -50.86
C CYS C 726 34.96 -37.00 -51.77
N SER C 727 35.29 -35.83 -52.32
CA SER C 727 36.50 -35.69 -53.16
C SER C 727 37.72 -35.51 -52.26
N LYS C 728 37.53 -34.80 -51.15
CA LYS C 728 38.59 -34.61 -50.14
C LYS C 728 37.86 -34.61 -48.81
N TYR C 729 38.50 -35.15 -47.78
CA TYR C 729 37.85 -35.14 -46.48
C TYR C 729 37.79 -33.72 -45.95
N ILE C 730 38.89 -32.99 -46.10
CA ILE C 730 38.98 -31.63 -45.58
C ILE C 730 39.69 -30.72 -46.57
N GLY C 731 39.22 -29.48 -46.66
CA GLY C 731 39.82 -28.46 -47.49
C GLY C 731 39.73 -27.14 -46.75
N ALA C 732 40.26 -26.08 -47.32
CA ALA C 732 40.19 -24.75 -46.69
C ALA C 732 40.27 -23.69 -47.76
N THR C 733 39.68 -22.52 -47.50
CA THR C 733 39.63 -21.43 -48.47
C THR C 733 40.95 -20.70 -48.67
N ALA C 734 41.86 -20.82 -47.71
CA ALA C 734 43.14 -20.14 -47.79
C ALA C 734 44.20 -20.60 -46.80
N GLY C 735 45.08 -19.67 -46.46
CA GLY C 735 46.22 -19.83 -45.56
C GLY C 735 46.21 -20.86 -44.44
N GLN C 736 46.58 -22.08 -44.81
CA GLN C 736 46.72 -23.25 -43.93
C GLN C 736 45.85 -23.47 -42.68
N THR C 737 45.25 -24.65 -42.66
CA THR C 737 44.43 -25.13 -41.57
C THR C 737 45.08 -26.42 -41.10
N ILE C 738 45.19 -26.63 -39.79
CA ILE C 738 45.77 -27.88 -39.30
C ILE C 738 44.66 -28.87 -39.02
N ALA C 739 44.92 -30.14 -39.31
CA ALA C 739 43.90 -31.15 -39.04
C ALA C 739 44.46 -32.51 -38.77
N GLY C 740 43.67 -33.31 -38.06
CA GLY C 740 44.02 -34.69 -37.77
C GLY C 740 42.85 -35.47 -38.32
N ILE C 741 43.14 -36.54 -39.04
CA ILE C 741 42.09 -37.34 -39.64
C ILE C 741 42.12 -38.83 -39.31
N MET C 742 40.97 -39.37 -38.89
CA MET C 742 40.85 -40.81 -38.71
C MET C 742 39.64 -41.31 -39.48
N VAL C 743 39.88 -42.25 -40.38
CA VAL C 743 38.82 -42.83 -41.18
C VAL C 743 38.86 -44.35 -40.99
N LYS C 744 37.96 -44.88 -40.18
CA LYS C 744 37.93 -46.31 -39.96
C LYS C 744 36.74 -46.97 -40.66
N THR C 745 36.92 -47.22 -41.96
CA THR C 745 35.91 -47.91 -42.76
C THR C 745 36.47 -48.32 -44.11
N ALA C 746 36.06 -49.50 -44.57
CA ALA C 746 36.49 -50.00 -45.86
C ALA C 746 35.72 -49.29 -46.99
N THR C 747 34.56 -48.74 -46.65
CA THR C 747 33.76 -48.03 -47.68
C THR C 747 34.12 -46.55 -47.66
N ARG C 748 35.20 -46.21 -48.37
CA ARG C 748 35.69 -44.85 -48.41
C ARG C 748 36.34 -44.62 -49.77
N PRO C 749 36.59 -43.34 -50.14
CA PRO C 749 37.24 -43.09 -51.43
C PRO C 749 38.72 -43.41 -51.29
N THR C 750 38.99 -44.70 -51.40
CA THR C 750 40.32 -45.29 -51.29
C THR C 750 41.42 -44.55 -52.06
N GLY C 751 41.06 -43.97 -53.20
CA GLY C 751 42.01 -43.26 -54.02
C GLY C 751 42.59 -41.98 -53.45
N ILE C 752 42.06 -41.52 -52.31
CA ILE C 752 42.60 -40.31 -51.67
C ILE C 752 43.27 -40.62 -50.35
N ASP C 753 43.46 -41.91 -50.04
CA ASP C 753 44.16 -42.31 -48.82
C ASP C 753 45.51 -41.59 -48.74
N ALA C 754 46.17 -41.44 -49.88
CA ALA C 754 47.49 -40.79 -49.94
C ALA C 754 47.40 -39.26 -50.00
N ALA C 755 46.24 -38.73 -50.37
CA ALA C 755 46.06 -37.28 -50.44
C ALA C 755 44.65 -36.96 -49.97
N PRO C 756 44.38 -37.16 -48.67
CA PRO C 756 43.04 -36.97 -48.11
C PRO C 756 42.54 -35.53 -47.98
N VAL C 757 43.44 -34.56 -48.06
CA VAL C 757 43.04 -33.17 -47.90
C VAL C 757 43.53 -32.30 -49.04
N ASP C 758 42.98 -31.09 -49.17
CA ASP C 758 43.44 -30.18 -50.23
C ASP C 758 44.78 -29.52 -49.82
N GLY C 759 45.34 -28.70 -50.71
CA GLY C 759 46.59 -28.04 -50.45
C GLY C 759 46.67 -27.10 -49.26
N ASN C 760 45.54 -26.58 -48.80
CA ASN C 760 45.55 -25.64 -47.68
C ASN C 760 45.40 -26.27 -46.29
N VAL C 761 45.51 -27.59 -46.23
CA VAL C 761 45.39 -28.28 -44.97
C VAL C 761 46.68 -29.04 -44.70
N SER C 762 47.16 -28.99 -43.46
CA SER C 762 48.36 -29.72 -43.07
C SER C 762 47.96 -30.72 -41.99
N LEU C 763 48.37 -31.97 -42.16
CA LEU C 763 47.98 -33.03 -41.24
C LEU C 763 48.82 -33.17 -39.97
N THR C 764 48.14 -33.36 -38.84
CA THR C 764 48.80 -33.56 -37.55
C THR C 764 48.95 -35.06 -37.36
N TYR C 765 47.97 -35.81 -37.86
CA TYR C 765 47.98 -37.27 -37.81
C TYR C 765 47.02 -37.82 -38.88
N LYS C 766 47.34 -38.98 -39.43
CA LYS C 766 46.48 -39.60 -40.42
C LYS C 766 46.33 -41.08 -40.13
N ILE C 767 45.13 -41.49 -39.76
CA ILE C 767 44.86 -42.89 -39.43
C ILE C 767 43.74 -43.42 -40.32
N ILE C 768 44.09 -44.28 -41.28
CA ILE C 768 43.11 -44.80 -42.21
C ILE C 768 43.23 -46.31 -42.44
C1 GLC D . -9.21 -29.08 8.05
C2 GLC D . -7.96 -29.95 8.17
C3 GLC D . -7.34 -30.25 6.79
C4 GLC D . -8.38 -30.60 5.73
C5 GLC D . -9.56 -29.63 5.76
C6 GLC D . -10.67 -29.99 4.78
O1 GLC D . -8.89 -27.75 7.71
O2 GLC D . -7.02 -29.33 9.04
O3 GLC D . -6.44 -31.33 6.90
O4 GLC D . -7.75 -30.64 4.46
O5 GLC D . -10.11 -29.60 7.07
O6 GLC D . -11.44 -31.08 5.24
C1 GLC D . -7.85 -31.81 3.67
C2 GLC D . -6.47 -32.43 3.47
C3 GLC D . -5.60 -31.43 2.72
C4 GLC D . -6.25 -31.11 1.37
C5 GLC D . -7.66 -30.57 1.65
C6 GLC D . -8.41 -30.20 0.36
O2 GLC D . -5.88 -32.79 4.70
O3 GLC D . -4.29 -31.94 2.59
O4 GLC D . -5.47 -30.20 0.62
O5 GLC D . -8.43 -31.49 2.41
O6 GLC D . -8.37 -31.27 -0.55
C1 GLC E . 25.08 11.42 15.12
C2 GLC E . 26.26 11.34 14.14
C3 GLC E . 26.80 9.91 13.91
C4 GLC E . 26.79 9.06 15.18
C5 GLC E . 25.50 9.24 15.98
C6 GLC E . 25.46 8.41 17.28
O1 GLC E . 23.87 11.01 14.50
O2 GLC E . 25.91 11.94 12.90
O3 GLC E . 28.11 9.94 13.41
O4 GLC E . 26.99 7.72 14.76
O5 GLC E . 25.30 10.61 16.26
O6 GLC E . 26.51 8.77 18.16
C1 GLC E . 28.12 7.00 15.22
C2 GLC E . 29.03 6.66 14.04
C3 GLC E . 28.35 5.65 13.12
C4 GLC E . 27.88 4.44 13.92
C5 GLC E . 26.97 4.93 15.05
C6 GLC E . 26.34 3.79 15.85
O2 GLC E . 29.35 7.85 13.33
O3 GLC E . 29.27 5.25 12.14
O4 GLC E . 27.25 3.48 13.10
O5 GLC E . 27.70 5.81 15.89
O6 GLC E . 27.30 3.11 16.62
C1 GLC F . -5.71 9.39 -28.58
C2 GLC F . -5.34 8.23 -29.53
C3 GLC F . -3.82 8.04 -29.60
C4 GLC F . -3.07 9.35 -29.78
C5 GLC F . -3.53 10.40 -28.77
C6 GLC F . -2.83 11.75 -29.00
O1 GLC F . -5.54 9.00 -27.23
O2 GLC F . -5.98 7.01 -29.15
O3 GLC F . -3.48 7.15 -30.64
O4 GLC F . -1.70 9.05 -29.66
O5 GLC F . -4.94 10.56 -28.85
O6 GLC F . -3.64 12.85 -28.62
C1 GLC F . -0.82 9.47 -30.68
C2 GLC F . -0.13 8.26 -31.29
C3 GLC F . 0.67 7.53 -30.21
C4 GLC F . 1.65 8.49 -29.56
C5 GLC F . 0.92 9.76 -29.07
C6 GLC F . 1.93 10.80 -28.55
O2 GLC F . -1.09 7.41 -31.88
O3 GLC F . 1.34 6.43 -30.78
O4 GLC F . 2.34 7.87 -28.50
O5 GLC F . 0.15 10.35 -30.11
O6 GLC F . 3.11 10.67 -29.30
ZN ZN G . -51.73 38.61 33.24
#